data_1CXY
# 
_entry.id   1CXY 
# 
_audit_conform.dict_name       mmcif_pdbx.dic 
_audit_conform.dict_version    5.399 
_audit_conform.dict_location   http://mmcif.pdb.org/dictionaries/ascii/mmcif_pdbx.dic 
# 
loop_
_database_2.database_id 
_database_2.database_code 
_database_2.pdbx_database_accession 
_database_2.pdbx_DOI 
PDB   1CXY         pdb_00001cxy 10.2210/pdb1cxy/pdb 
RCSB  RCSB009616   ?            ?                   
WWPDB D_1000009616 ?            ?                   
# 
loop_
_pdbx_audit_revision_history.ordinal 
_pdbx_audit_revision_history.data_content_type 
_pdbx_audit_revision_history.major_revision 
_pdbx_audit_revision_history.minor_revision 
_pdbx_audit_revision_history.revision_date 
1 'Structure model' 1 0 1999-09-10 
2 'Structure model' 1 1 2008-04-27 
3 'Structure model' 1 2 2011-07-13 
4 'Structure model' 1 3 2024-11-20 
# 
_pdbx_audit_revision_details.ordinal             1 
_pdbx_audit_revision_details.revision_ordinal    1 
_pdbx_audit_revision_details.data_content_type   'Structure model' 
_pdbx_audit_revision_details.provider            repository 
_pdbx_audit_revision_details.type                'Initial release' 
_pdbx_audit_revision_details.description         ? 
_pdbx_audit_revision_details.details             ? 
# 
loop_
_pdbx_audit_revision_group.ordinal 
_pdbx_audit_revision_group.revision_ordinal 
_pdbx_audit_revision_group.data_content_type 
_pdbx_audit_revision_group.group 
1 2 'Structure model' 'Version format compliance' 
2 3 'Structure model' 'Version format compliance' 
3 4 'Structure model' 'Data collection'           
4 4 'Structure model' 'Database references'       
5 4 'Structure model' 'Derived calculations'      
6 4 'Structure model' 'Structure summary'         
# 
loop_
_pdbx_audit_revision_category.ordinal 
_pdbx_audit_revision_category.revision_ordinal 
_pdbx_audit_revision_category.data_content_type 
_pdbx_audit_revision_category.category 
1 4 'Structure model' chem_comp_atom            
2 4 'Structure model' chem_comp_bond            
3 4 'Structure model' database_2                
4 4 'Structure model' pdbx_entry_details        
5 4 'Structure model' pdbx_modification_feature 
6 4 'Structure model' struct_conn               
7 4 'Structure model' struct_site               
# 
loop_
_pdbx_audit_revision_item.ordinal 
_pdbx_audit_revision_item.revision_ordinal 
_pdbx_audit_revision_item.data_content_type 
_pdbx_audit_revision_item.item 
1  4 'Structure model' '_database_2.pdbx_DOI'                
2  4 'Structure model' '_database_2.pdbx_database_accession' 
3  4 'Structure model' '_struct_conn.ptnr1_auth_comp_id'     
4  4 'Structure model' '_struct_conn.ptnr1_auth_seq_id'      
5  4 'Structure model' '_struct_conn.ptnr1_label_asym_id'    
6  4 'Structure model' '_struct_conn.ptnr1_label_atom_id'    
7  4 'Structure model' '_struct_conn.ptnr1_label_comp_id'    
8  4 'Structure model' '_struct_conn.ptnr1_label_seq_id'     
9  4 'Structure model' '_struct_conn.ptnr2_auth_comp_id'     
10 4 'Structure model' '_struct_conn.ptnr2_auth_seq_id'      
11 4 'Structure model' '_struct_conn.ptnr2_label_asym_id'    
12 4 'Structure model' '_struct_conn.ptnr2_label_atom_id'    
13 4 'Structure model' '_struct_conn.ptnr2_label_comp_id'    
14 4 'Structure model' '_struct_conn.ptnr2_label_seq_id'     
15 4 'Structure model' '_struct_site.pdbx_auth_asym_id'      
16 4 'Structure model' '_struct_site.pdbx_auth_comp_id'      
17 4 'Structure model' '_struct_site.pdbx_auth_seq_id'       
# 
_pdbx_database_status.status_code                     REL 
_pdbx_database_status.entry_id                        1CXY 
_pdbx_database_status.recvd_initial_deposition_date   1999-08-31 
_pdbx_database_status.deposit_site                    RCSB 
_pdbx_database_status.process_site                    RCSB 
_pdbx_database_status.status_code_sf                  REL 
_pdbx_database_status.status_code_mr                  ? 
_pdbx_database_status.SG_entry                        ? 
_pdbx_database_status.pdb_format_compatible           Y 
_pdbx_database_status.status_code_cs                  ? 
_pdbx_database_status.status_code_nmr_data            ? 
_pdbx_database_status.methods_development_category    ? 
# 
loop_
_audit_author.name 
_audit_author.pdbx_ordinal 
'Kostanjevecki, V.' 1 
'Leys, D.'          2 
'Van Driessche, G.' 3 
'Meyer, T.E.'       4 
'Cusanovich, M.A.'  5 
'Fischer, U.'       6 
'Guisez, Y.'        7 
'Van Beeumen, J.'   8 
# 
_citation.id                        primary 
_citation.title                     
'Structure and characterization of Ectothiorhodospira vacuolata cytochrome b(558), a prokaryotic homologue of cytochrome b(5).' 
_citation.journal_abbrev            J.Biol.Chem. 
_citation.journal_volume            274 
_citation.page_first                35614 
_citation.page_last                 35620 
_citation.year                      1999 
_citation.journal_id_ASTM           JBCHA3 
_citation.country                   US 
_citation.journal_id_ISSN           0021-9258 
_citation.journal_id_CSD            0071 
_citation.book_publisher            ? 
_citation.pdbx_database_id_PubMed   10585439 
_citation.pdbx_database_id_DOI      10.1074/jbc.274.50.35614 
# 
loop_
_citation_author.citation_id 
_citation_author.name 
_citation_author.ordinal 
_citation_author.identifier_ORCID 
primary 'Kostanjevecki, V.' 1 ? 
primary 'Leys, D.'          2 ? 
primary 'Van Driessche, G.' 3 ? 
primary 'Meyer, T.E.'       4 ? 
primary 'Cusanovich, M.A.'  5 ? 
primary 'Fischer, U.'       6 ? 
primary 'Guisez, Y.'        7 ? 
primary 'Van Beeumen, J.'   8 ? 
# 
loop_
_entity.id 
_entity.type 
_entity.src_method 
_entity.pdbx_description 
_entity.formula_weight 
_entity.pdbx_number_of_molecules 
_entity.pdbx_ec 
_entity.pdbx_mutation 
_entity.pdbx_fragment 
_entity.details 
1 polymer     man 'CYTOCHROME B5'                   10106.286 1   ? ? ? ? 
2 non-polymer syn 'PROTOPORPHYRIN IX CONTAINING FE' 616.487   1   ? ? ? ? 
3 water       nat water                             18.015    166 ? ? ? ? 
# 
_entity_poly.entity_id                      1 
_entity_poly.type                           'polypeptide(L)' 
_entity_poly.nstd_linkage                   no 
_entity_poly.nstd_monomer                   no 
_entity_poly.pdbx_seq_one_letter_code       
;NETEATLPVFTLEQVAEHHSPDDCWMAIHGKVYDLTPYVPNHPGPAGMMLVWCGQESTEAWETKSYGEPHSSLAARLLQR
YLIGTLEEIT
;
_entity_poly.pdbx_seq_one_letter_code_can   
;NETEATLPVFTLEQVAEHHSPDDCWMAIHGKVYDLTPYVPNHPGPAGMMLVWCGQESTEAWETKSYGEPHSSLAARLLQR
YLIGTLEEIT
;
_entity_poly.pdbx_strand_id                 A 
_entity_poly.pdbx_target_identifier         ? 
# 
loop_
_pdbx_entity_nonpoly.entity_id 
_pdbx_entity_nonpoly.name 
_pdbx_entity_nonpoly.comp_id 
2 'PROTOPORPHYRIN IX CONTAINING FE' HEM 
3 water                             HOH 
# 
loop_
_entity_poly_seq.entity_id 
_entity_poly_seq.num 
_entity_poly_seq.mon_id 
_entity_poly_seq.hetero 
1 1  ASN n 
1 2  GLU n 
1 3  THR n 
1 4  GLU n 
1 5  ALA n 
1 6  THR n 
1 7  LEU n 
1 8  PRO n 
1 9  VAL n 
1 10 PHE n 
1 11 THR n 
1 12 LEU n 
1 13 GLU n 
1 14 GLN n 
1 15 VAL n 
1 16 ALA n 
1 17 GLU n 
1 18 HIS n 
1 19 HIS n 
1 20 SER n 
1 21 PRO n 
1 22 ASP n 
1 23 ASP n 
1 24 CYS n 
1 25 TRP n 
1 26 MET n 
1 27 ALA n 
1 28 ILE n 
1 29 HIS n 
1 30 GLY n 
1 31 LYS n 
1 32 VAL n 
1 33 TYR n 
1 34 ASP n 
1 35 LEU n 
1 36 THR n 
1 37 PRO n 
1 38 TYR n 
1 39 VAL n 
1 40 PRO n 
1 41 ASN n 
1 42 HIS n 
1 43 PRO n 
1 44 GLY n 
1 45 PRO n 
1 46 ALA n 
1 47 GLY n 
1 48 MET n 
1 49 MET n 
1 50 LEU n 
1 51 VAL n 
1 52 TRP n 
1 53 CYS n 
1 54 GLY n 
1 55 GLN n 
1 56 GLU n 
1 57 SER n 
1 58 THR n 
1 59 GLU n 
1 60 ALA n 
1 61 TRP n 
1 62 GLU n 
1 63 THR n 
1 64 LYS n 
1 65 SER n 
1 66 TYR n 
1 67 GLY n 
1 68 GLU n 
1 69 PRO n 
1 70 HIS n 
1 71 SER n 
1 72 SER n 
1 73 LEU n 
1 74 ALA n 
1 75 ALA n 
1 76 ARG n 
1 77 LEU n 
1 78 LEU n 
1 79 GLN n 
1 80 ARG n 
1 81 TYR n 
1 82 LEU n 
1 83 ILE n 
1 84 GLY n 
1 85 THR n 
1 86 LEU n 
1 87 GLU n 
1 88 GLU n 
1 89 ILE n 
1 90 THR n 
# 
_entity_src_gen.entity_id                          1 
_entity_src_gen.pdbx_src_id                        1 
_entity_src_gen.pdbx_alt_source_flag               sample 
_entity_src_gen.pdbx_seq_type                      ? 
_entity_src_gen.pdbx_beg_seq_num                   ? 
_entity_src_gen.pdbx_end_seq_num                   ? 
_entity_src_gen.gene_src_common_name               ? 
_entity_src_gen.gene_src_genus                     Ectothiorhodospira 
_entity_src_gen.pdbx_gene_src_gene                 ? 
_entity_src_gen.gene_src_species                   ? 
_entity_src_gen.gene_src_strain                    ? 
_entity_src_gen.gene_src_tissue                    ? 
_entity_src_gen.gene_src_tissue_fraction           ? 
_entity_src_gen.gene_src_details                   ? 
_entity_src_gen.pdbx_gene_src_fragment             ? 
_entity_src_gen.pdbx_gene_src_scientific_name      'Ectothiorhodospira shaposhnikovii' 
_entity_src_gen.pdbx_gene_src_ncbi_taxonomy_id     1054 
_entity_src_gen.pdbx_gene_src_variant              ? 
_entity_src_gen.pdbx_gene_src_cell_line            ? 
_entity_src_gen.pdbx_gene_src_atcc                 ? 
_entity_src_gen.pdbx_gene_src_organ                ? 
_entity_src_gen.pdbx_gene_src_organelle            ? 
_entity_src_gen.pdbx_gene_src_cell                 ? 
_entity_src_gen.pdbx_gene_src_cellular_location    ? 
_entity_src_gen.host_org_common_name               ? 
_entity_src_gen.pdbx_host_org_scientific_name      'Escherichia coli' 
_entity_src_gen.pdbx_host_org_ncbi_taxonomy_id     562 
_entity_src_gen.host_org_genus                     Escherichia 
_entity_src_gen.pdbx_host_org_gene                 ? 
_entity_src_gen.pdbx_host_org_organ                ? 
_entity_src_gen.host_org_species                   ? 
_entity_src_gen.pdbx_host_org_tissue               ? 
_entity_src_gen.pdbx_host_org_tissue_fraction      ? 
_entity_src_gen.pdbx_host_org_strain               ? 
_entity_src_gen.pdbx_host_org_variant              ? 
_entity_src_gen.pdbx_host_org_cell_line            ? 
_entity_src_gen.pdbx_host_org_atcc                 ? 
_entity_src_gen.pdbx_host_org_culture_collection   ? 
_entity_src_gen.pdbx_host_org_cell                 ? 
_entity_src_gen.pdbx_host_org_organelle            ? 
_entity_src_gen.pdbx_host_org_cellular_location    ? 
_entity_src_gen.pdbx_host_org_vector_type          ? 
_entity_src_gen.pdbx_host_org_vector               ? 
_entity_src_gen.host_org_details                   ? 
_entity_src_gen.expression_system_id               ? 
_entity_src_gen.plasmid_name                       ? 
_entity_src_gen.plasmid_details                    ? 
_entity_src_gen.pdbx_description                   ? 
# 
loop_
_chem_comp.id 
_chem_comp.type 
_chem_comp.mon_nstd_flag 
_chem_comp.name 
_chem_comp.pdbx_synonyms 
_chem_comp.formula 
_chem_comp.formula_weight 
ALA 'L-peptide linking' y ALANINE                           ?    'C3 H7 N O2'       89.093  
ARG 'L-peptide linking' y ARGININE                          ?    'C6 H15 N4 O2 1'   175.209 
ASN 'L-peptide linking' y ASPARAGINE                        ?    'C4 H8 N2 O3'      132.118 
ASP 'L-peptide linking' y 'ASPARTIC ACID'                   ?    'C4 H7 N O4'       133.103 
CYS 'L-peptide linking' y CYSTEINE                          ?    'C3 H7 N O2 S'     121.158 
GLN 'L-peptide linking' y GLUTAMINE                         ?    'C5 H10 N2 O3'     146.144 
GLU 'L-peptide linking' y 'GLUTAMIC ACID'                   ?    'C5 H9 N O4'       147.129 
GLY 'peptide linking'   y GLYCINE                           ?    'C2 H5 N O2'       75.067  
HEM non-polymer         . 'PROTOPORPHYRIN IX CONTAINING FE' HEME 'C34 H32 Fe N4 O4' 616.487 
HIS 'L-peptide linking' y HISTIDINE                         ?    'C6 H10 N3 O2 1'   156.162 
HOH non-polymer         . WATER                             ?    'H2 O'             18.015  
ILE 'L-peptide linking' y ISOLEUCINE                        ?    'C6 H13 N O2'      131.173 
LEU 'L-peptide linking' y LEUCINE                           ?    'C6 H13 N O2'      131.173 
LYS 'L-peptide linking' y LYSINE                            ?    'C6 H15 N2 O2 1'   147.195 
MET 'L-peptide linking' y METHIONINE                        ?    'C5 H11 N O2 S'    149.211 
PHE 'L-peptide linking' y PHENYLALANINE                     ?    'C9 H11 N O2'      165.189 
PRO 'L-peptide linking' y PROLINE                           ?    'C5 H9 N O2'       115.130 
SER 'L-peptide linking' y SERINE                            ?    'C3 H7 N O3'       105.093 
THR 'L-peptide linking' y THREONINE                         ?    'C4 H9 N O3'       119.119 
TRP 'L-peptide linking' y TRYPTOPHAN                        ?    'C11 H12 N2 O2'    204.225 
TYR 'L-peptide linking' y TYROSINE                          ?    'C9 H11 N O3'      181.189 
VAL 'L-peptide linking' y VALINE                            ?    'C5 H11 N O2'      117.146 
# 
loop_
_pdbx_poly_seq_scheme.asym_id 
_pdbx_poly_seq_scheme.entity_id 
_pdbx_poly_seq_scheme.seq_id 
_pdbx_poly_seq_scheme.mon_id 
_pdbx_poly_seq_scheme.ndb_seq_num 
_pdbx_poly_seq_scheme.pdb_seq_num 
_pdbx_poly_seq_scheme.auth_seq_num 
_pdbx_poly_seq_scheme.pdb_mon_id 
_pdbx_poly_seq_scheme.auth_mon_id 
_pdbx_poly_seq_scheme.pdb_strand_id 
_pdbx_poly_seq_scheme.pdb_ins_code 
_pdbx_poly_seq_scheme.hetero 
A 1 1  ASN 1  1  ?  ?   ?   A . n 
A 1 2  GLU 2  2  ?  ?   ?   A . n 
A 1 3  THR 3  3  ?  ?   ?   A . n 
A 1 4  GLU 4  4  ?  ?   ?   A . n 
A 1 5  ALA 5  5  ?  ?   ?   A . n 
A 1 6  THR 6  6  6  THR THR A . n 
A 1 7  LEU 7  7  7  LEU LEU A . n 
A 1 8  PRO 8  8  8  PRO PRO A . n 
A 1 9  VAL 9  9  9  VAL VAL A . n 
A 1 10 PHE 10 10 10 PHE PHE A . n 
A 1 11 THR 11 11 11 THR THR A . n 
A 1 12 LEU 12 12 12 LEU LEU A . n 
A 1 13 GLU 13 13 13 GLU GLU A . n 
A 1 14 GLN 14 14 14 GLN GLN A . n 
A 1 15 VAL 15 15 15 VAL VAL A . n 
A 1 16 ALA 16 16 16 ALA ALA A . n 
A 1 17 GLU 17 17 17 GLU GLU A . n 
A 1 18 HIS 18 18 18 HIS HIS A . n 
A 1 19 HIS 19 19 19 HIS HIS A . n 
A 1 20 SER 20 20 20 SER SER A . n 
A 1 21 PRO 21 21 21 PRO PRO A . n 
A 1 22 ASP 22 22 22 ASP ASP A . n 
A 1 23 ASP 23 23 23 ASP ASP A . n 
A 1 24 CYS 24 24 24 CYS CYS A . n 
A 1 25 TRP 25 25 25 TRP TRP A . n 
A 1 26 MET 26 26 26 MET MET A . n 
A 1 27 ALA 27 27 27 ALA ALA A . n 
A 1 28 ILE 28 28 28 ILE ILE A . n 
A 1 29 HIS 29 29 29 HIS HIS A . n 
A 1 30 GLY 30 30 30 GLY GLY A . n 
A 1 31 LYS 31 31 31 LYS LYS A . n 
A 1 32 VAL 32 32 32 VAL VAL A . n 
A 1 33 TYR 33 33 33 TYR TYR A . n 
A 1 34 ASP 34 34 34 ASP ASP A . n 
A 1 35 LEU 35 35 35 LEU LEU A . n 
A 1 36 THR 36 36 36 THR THR A . n 
A 1 37 PRO 37 37 37 PRO PRO A . n 
A 1 38 TYR 38 38 38 TYR TYR A . n 
A 1 39 VAL 39 39 39 VAL VAL A . n 
A 1 40 PRO 40 40 40 PRO PRO A . n 
A 1 41 ASN 41 41 41 ASN ASN A . n 
A 1 42 HIS 42 42 42 HIS HIS A . n 
A 1 43 PRO 43 43 43 PRO PRO A . n 
A 1 44 GLY 44 44 44 GLY GLY A . n 
A 1 45 PRO 45 45 45 PRO PRO A . n 
A 1 46 ALA 46 46 46 ALA ALA A . n 
A 1 47 GLY 47 47 47 GLY GLY A . n 
A 1 48 MET 48 48 48 MET MET A . n 
A 1 49 MET 49 49 49 MET MET A . n 
A 1 50 LEU 50 50 50 LEU LEU A . n 
A 1 51 VAL 51 51 51 VAL VAL A . n 
A 1 52 TRP 52 52 52 TRP TRP A . n 
A 1 53 CYS 53 53 53 CYS CYS A . n 
A 1 54 GLY 54 54 54 GLY GLY A . n 
A 1 55 GLN 55 55 55 GLN GLN A . n 
A 1 56 GLU 56 56 56 GLU GLU A . n 
A 1 57 SER 57 57 57 SER SER A . n 
A 1 58 THR 58 58 58 THR THR A . n 
A 1 59 GLU 59 59 59 GLU GLU A . n 
A 1 60 ALA 60 60 60 ALA ALA A . n 
A 1 61 TRP 61 61 61 TRP TRP A . n 
A 1 62 GLU 62 62 62 GLU GLU A . n 
A 1 63 THR 63 63 63 THR THR A . n 
A 1 64 LYS 64 64 64 LYS LYS A . n 
A 1 65 SER 65 65 65 SER SER A . n 
A 1 66 TYR 66 66 66 TYR TYR A . n 
A 1 67 GLY 67 67 67 GLY GLY A . n 
A 1 68 GLU 68 68 68 GLU GLU A . n 
A 1 69 PRO 69 69 69 PRO PRO A . n 
A 1 70 HIS 70 70 70 HIS HIS A . n 
A 1 71 SER 71 71 71 SER SER A . n 
A 1 72 SER 72 72 72 SER SER A . n 
A 1 73 LEU 73 73 73 LEU LEU A . n 
A 1 74 ALA 74 74 74 ALA ALA A . n 
A 1 75 ALA 75 75 75 ALA ALA A . n 
A 1 76 ARG 76 76 76 ARG ARG A . n 
A 1 77 LEU 77 77 77 LEU LEU A . n 
A 1 78 LEU 78 78 78 LEU LEU A . n 
A 1 79 GLN 79 79 79 GLN GLN A . n 
A 1 80 ARG 80 80 80 ARG ARG A . n 
A 1 81 TYR 81 81 81 TYR TYR A . n 
A 1 82 LEU 82 82 82 LEU LEU A . n 
A 1 83 ILE 83 83 83 ILE ILE A . n 
A 1 84 GLY 84 84 84 GLY GLY A . n 
A 1 85 THR 85 85 85 THR THR A . n 
A 1 86 LEU 86 86 86 LEU LEU A . n 
A 1 87 GLU 87 87 ?  ?   ?   A . n 
A 1 88 GLU 88 88 ?  ?   ?   A . n 
A 1 89 ILE 89 89 ?  ?   ?   A . n 
A 1 90 THR 90 90 ?  ?   ?   A . n 
# 
loop_
_pdbx_nonpoly_scheme.asym_id 
_pdbx_nonpoly_scheme.entity_id 
_pdbx_nonpoly_scheme.mon_id 
_pdbx_nonpoly_scheme.ndb_seq_num 
_pdbx_nonpoly_scheme.pdb_seq_num 
_pdbx_nonpoly_scheme.auth_seq_num 
_pdbx_nonpoly_scheme.pdb_mon_id 
_pdbx_nonpoly_scheme.auth_mon_id 
_pdbx_nonpoly_scheme.pdb_strand_id 
_pdbx_nonpoly_scheme.pdb_ins_code 
B 2 HEM 1   204 204 HEM HEM A . 
C 3 HOH 1   205 1   HOH HOH A . 
C 3 HOH 2   206 2   HOH HOH A . 
C 3 HOH 3   207 3   HOH HOH A . 
C 3 HOH 4   208 4   HOH HOH A . 
C 3 HOH 5   209 5   HOH HOH A . 
C 3 HOH 6   210 6   HOH HOH A . 
C 3 HOH 7   211 7   HOH HOH A . 
C 3 HOH 8   212 8   HOH HOH A . 
C 3 HOH 9   213 9   HOH HOH A . 
C 3 HOH 10  214 10  HOH HOH A . 
C 3 HOH 11  215 11  HOH HOH A . 
C 3 HOH 12  216 12  HOH HOH A . 
C 3 HOH 13  217 13  HOH HOH A . 
C 3 HOH 14  218 14  HOH HOH A . 
C 3 HOH 15  219 15  HOH HOH A . 
C 3 HOH 16  220 16  HOH HOH A . 
C 3 HOH 17  221 17  HOH HOH A . 
C 3 HOH 18  222 18  HOH HOH A . 
C 3 HOH 19  223 19  HOH HOH A . 
C 3 HOH 20  224 20  HOH HOH A . 
C 3 HOH 21  225 21  HOH HOH A . 
C 3 HOH 22  226 22  HOH HOH A . 
C 3 HOH 23  227 23  HOH HOH A . 
C 3 HOH 24  228 24  HOH HOH A . 
C 3 HOH 25  229 25  HOH HOH A . 
C 3 HOH 26  230 26  HOH HOH A . 
C 3 HOH 27  231 27  HOH HOH A . 
C 3 HOH 28  232 28  HOH HOH A . 
C 3 HOH 29  233 29  HOH HOH A . 
C 3 HOH 30  234 30  HOH HOH A . 
C 3 HOH 31  235 31  HOH HOH A . 
C 3 HOH 32  236 32  HOH HOH A . 
C 3 HOH 33  237 33  HOH HOH A . 
C 3 HOH 34  238 34  HOH HOH A . 
C 3 HOH 35  239 35  HOH HOH A . 
C 3 HOH 36  240 36  HOH HOH A . 
C 3 HOH 37  241 37  HOH HOH A . 
C 3 HOH 38  242 38  HOH HOH A . 
C 3 HOH 39  243 39  HOH HOH A . 
C 3 HOH 40  244 40  HOH HOH A . 
C 3 HOH 41  245 41  HOH HOH A . 
C 3 HOH 42  246 42  HOH HOH A . 
C 3 HOH 43  247 43  HOH HOH A . 
C 3 HOH 44  248 44  HOH HOH A . 
C 3 HOH 45  249 45  HOH HOH A . 
C 3 HOH 46  250 46  HOH HOH A . 
C 3 HOH 47  251 47  HOH HOH A . 
C 3 HOH 48  252 48  HOH HOH A . 
C 3 HOH 49  253 49  HOH HOH A . 
C 3 HOH 50  254 50  HOH HOH A . 
C 3 HOH 51  255 51  HOH HOH A . 
C 3 HOH 52  256 52  HOH HOH A . 
C 3 HOH 53  257 53  HOH HOH A . 
C 3 HOH 54  258 54  HOH HOH A . 
C 3 HOH 55  259 55  HOH HOH A . 
C 3 HOH 56  260 56  HOH HOH A . 
C 3 HOH 57  261 57  HOH HOH A . 
C 3 HOH 58  262 58  HOH HOH A . 
C 3 HOH 59  263 59  HOH HOH A . 
C 3 HOH 60  264 60  HOH HOH A . 
C 3 HOH 61  265 61  HOH HOH A . 
C 3 HOH 62  266 62  HOH HOH A . 
C 3 HOH 63  267 63  HOH HOH A . 
C 3 HOH 64  268 64  HOH HOH A . 
C 3 HOH 65  269 65  HOH HOH A . 
C 3 HOH 66  270 66  HOH HOH A . 
C 3 HOH 67  271 67  HOH HOH A . 
C 3 HOH 68  272 68  HOH HOH A . 
C 3 HOH 69  273 69  HOH HOH A . 
C 3 HOH 70  274 70  HOH HOH A . 
C 3 HOH 71  275 71  HOH HOH A . 
C 3 HOH 72  276 72  HOH HOH A . 
C 3 HOH 73  277 73  HOH HOH A . 
C 3 HOH 74  278 74  HOH HOH A . 
C 3 HOH 75  279 75  HOH HOH A . 
C 3 HOH 76  280 76  HOH HOH A . 
C 3 HOH 77  281 77  HOH HOH A . 
C 3 HOH 78  282 78  HOH HOH A . 
C 3 HOH 79  283 79  HOH HOH A . 
C 3 HOH 80  284 80  HOH HOH A . 
C 3 HOH 81  285 81  HOH HOH A . 
C 3 HOH 82  286 82  HOH HOH A . 
C 3 HOH 83  287 83  HOH HOH A . 
C 3 HOH 84  288 84  HOH HOH A . 
C 3 HOH 85  289 85  HOH HOH A . 
C 3 HOH 86  290 86  HOH HOH A . 
C 3 HOH 87  291 87  HOH HOH A . 
C 3 HOH 88  292 88  HOH HOH A . 
C 3 HOH 89  293 89  HOH HOH A . 
C 3 HOH 90  294 90  HOH HOH A . 
C 3 HOH 91  295 91  HOH HOH A . 
C 3 HOH 92  296 92  HOH HOH A . 
C 3 HOH 93  297 93  HOH HOH A . 
C 3 HOH 94  298 94  HOH HOH A . 
C 3 HOH 95  299 95  HOH HOH A . 
C 3 HOH 96  300 96  HOH HOH A . 
C 3 HOH 97  301 97  HOH HOH A . 
C 3 HOH 98  302 98  HOH HOH A . 
C 3 HOH 99  303 99  HOH HOH A . 
C 3 HOH 100 304 100 HOH HOH A . 
C 3 HOH 101 305 101 HOH HOH A . 
C 3 HOH 102 306 102 HOH HOH A . 
C 3 HOH 103 307 103 HOH HOH A . 
C 3 HOH 104 308 104 HOH HOH A . 
C 3 HOH 105 309 105 HOH HOH A . 
C 3 HOH 106 310 106 HOH HOH A . 
C 3 HOH 107 311 107 HOH HOH A . 
C 3 HOH 108 312 108 HOH HOH A . 
C 3 HOH 109 313 109 HOH HOH A . 
C 3 HOH 110 314 110 HOH HOH A . 
C 3 HOH 111 315 111 HOH HOH A . 
C 3 HOH 112 316 112 HOH HOH A . 
C 3 HOH 113 317 113 HOH HOH A . 
C 3 HOH 114 318 114 HOH HOH A . 
C 3 HOH 115 319 115 HOH HOH A . 
C 3 HOH 116 320 116 HOH HOH A . 
C 3 HOH 117 321 117 HOH HOH A . 
C 3 HOH 118 322 118 HOH HOH A . 
C 3 HOH 119 323 119 HOH HOH A . 
C 3 HOH 120 324 120 HOH HOH A . 
C 3 HOH 121 325 121 HOH HOH A . 
C 3 HOH 122 326 122 HOH HOH A . 
C 3 HOH 123 327 123 HOH HOH A . 
C 3 HOH 124 328 124 HOH HOH A . 
C 3 HOH 125 329 125 HOH HOH A . 
C 3 HOH 126 330 126 HOH HOH A . 
C 3 HOH 127 331 127 HOH HOH A . 
C 3 HOH 128 332 128 HOH HOH A . 
C 3 HOH 129 333 129 HOH HOH A . 
C 3 HOH 130 334 130 HOH HOH A . 
C 3 HOH 131 335 131 HOH HOH A . 
C 3 HOH 132 336 132 HOH HOH A . 
C 3 HOH 133 337 133 HOH HOH A . 
C 3 HOH 134 338 134 HOH HOH A . 
C 3 HOH 135 339 135 HOH HOH A . 
C 3 HOH 136 340 136 HOH HOH A . 
C 3 HOH 137 341 137 HOH HOH A . 
C 3 HOH 138 342 138 HOH HOH A . 
C 3 HOH 139 343 139 HOH HOH A . 
C 3 HOH 140 344 140 HOH HOH A . 
C 3 HOH 141 345 141 HOH HOH A . 
C 3 HOH 142 346 142 HOH HOH A . 
C 3 HOH 143 347 143 HOH HOH A . 
C 3 HOH 144 348 144 HOH HOH A . 
C 3 HOH 145 349 145 HOH HOH A . 
C 3 HOH 146 350 146 HOH HOH A . 
C 3 HOH 147 351 147 HOH HOH A . 
C 3 HOH 148 352 148 HOH HOH A . 
C 3 HOH 149 353 149 HOH HOH A . 
C 3 HOH 150 354 150 HOH HOH A . 
C 3 HOH 151 355 151 HOH HOH A . 
C 3 HOH 152 356 152 HOH HOH A . 
C 3 HOH 153 357 153 HOH HOH A . 
C 3 HOH 154 358 154 HOH HOH A . 
C 3 HOH 155 359 155 HOH HOH A . 
C 3 HOH 156 360 156 HOH HOH A . 
C 3 HOH 157 361 157 HOH HOH A . 
C 3 HOH 158 362 158 HOH HOH A . 
C 3 HOH 159 363 159 HOH HOH A . 
C 3 HOH 160 364 160 HOH HOH A . 
C 3 HOH 161 365 161 HOH HOH A . 
C 3 HOH 162 366 162 HOH HOH A . 
C 3 HOH 163 367 163 HOH HOH A . 
C 3 HOH 164 368 164 HOH HOH A . 
C 3 HOH 165 369 165 HOH HOH A . 
C 3 HOH 166 370 166 HOH HOH A . 
# 
loop_
_pdbx_unobs_or_zero_occ_atoms.id 
_pdbx_unobs_or_zero_occ_atoms.PDB_model_num 
_pdbx_unobs_or_zero_occ_atoms.polymer_flag 
_pdbx_unobs_or_zero_occ_atoms.occupancy_flag 
_pdbx_unobs_or_zero_occ_atoms.auth_asym_id 
_pdbx_unobs_or_zero_occ_atoms.auth_comp_id 
_pdbx_unobs_or_zero_occ_atoms.auth_seq_id 
_pdbx_unobs_or_zero_occ_atoms.PDB_ins_code 
_pdbx_unobs_or_zero_occ_atoms.auth_atom_id 
_pdbx_unobs_or_zero_occ_atoms.label_alt_id 
_pdbx_unobs_or_zero_occ_atoms.label_asym_id 
_pdbx_unobs_or_zero_occ_atoms.label_comp_id 
_pdbx_unobs_or_zero_occ_atoms.label_seq_id 
_pdbx_unobs_or_zero_occ_atoms.label_atom_id 
1 1 Y 1 A GLU 68 ? CG  ? A GLU 68 CG  
2 1 Y 1 A GLU 68 ? CD  ? A GLU 68 CD  
3 1 Y 1 A GLU 68 ? OE1 ? A GLU 68 OE1 
4 1 Y 1 A GLU 68 ? OE2 ? A GLU 68 OE2 
5 1 Y 1 A ARG 80 ? CD  ? A ARG 80 CD  
6 1 Y 1 A ARG 80 ? NE  ? A ARG 80 NE  
7 1 Y 1 A ARG 80 ? CZ  ? A ARG 80 CZ  
8 1 Y 1 A ARG 80 ? NH1 ? A ARG 80 NH1 
9 1 Y 1 A ARG 80 ? NH2 ? A ARG 80 NH2 
# 
loop_
_software.name 
_software.classification 
_software.version 
_software.citation_id 
_software.pdbx_ordinal 
DENZO     'data reduction' . ? 1 
SCALEPACK 'data scaling'   . ? 2 
AMoRE     phasing          . ? 3 
REFMAC    refinement       . ? 4 
# 
_cell.entry_id           1CXY 
_cell.length_a           46.406 
_cell.length_b           46.406 
_cell.length_c           91.660 
_cell.angle_alpha        90.00 
_cell.angle_beta         90.00 
_cell.angle_gamma        120.00 
_cell.Z_PDB              6 
_cell.pdbx_unique_axis   ? 
# 
_symmetry.entry_id                         1CXY 
_symmetry.space_group_name_H-M             'P 32 2 1' 
_symmetry.pdbx_full_space_group_name_H-M   ? 
_symmetry.cell_setting                     ? 
_symmetry.Int_Tables_number                154 
# 
_exptl.entry_id          1CXY 
_exptl.method            'X-RAY DIFFRACTION' 
_exptl.crystals_number   1 
# 
_exptl_crystal.id                    1 
_exptl_crystal.density_meas          ? 
_exptl_crystal.density_Matthews      2.82 
_exptl_crystal.density_percent_sol   56.34 
_exptl_crystal.description           ? 
# 
_exptl_crystal_grow.crystal_id      1 
_exptl_crystal_grow.method          'VAPOR DIFFUSION, HANGING DROP' 
_exptl_crystal_grow.temp            298 
_exptl_crystal_grow.temp_details    ? 
_exptl_crystal_grow.pH              5.6 
_exptl_crystal_grow.pdbx_details    'MES, NACL, pH 5.6, VAPOR DIFFUSION, HANGING DROP, temperature 298K' 
_exptl_crystal_grow.pdbx_pH_range   ? 
# 
_diffrn.id                     1 
_diffrn.ambient_temp           100 
_diffrn.ambient_temp_details   ? 
_diffrn.crystal_id             1 
# 
_diffrn_detector.diffrn_id              1 
_diffrn_detector.detector               'IMAGE PLATE' 
_diffrn_detector.type                   MARRESEARCH 
_diffrn_detector.pdbx_collection_date   1999-05-15 
_diffrn_detector.details                ? 
# 
_diffrn_radiation.diffrn_id                        1 
_diffrn_radiation.wavelength_id                    1 
_diffrn_radiation.pdbx_monochromatic_or_laue_m_l   M 
_diffrn_radiation.monochromator                    ? 
_diffrn_radiation.pdbx_diffrn_protocol             'SINGLE WAVELENGTH' 
_diffrn_radiation.pdbx_scattering_type             x-ray 
# 
_diffrn_radiation_wavelength.id           1 
_diffrn_radiation_wavelength.wavelength   0.97 
_diffrn_radiation_wavelength.wt           1.0 
# 
_diffrn_source.diffrn_id                   1 
_diffrn_source.source                      SYNCHROTRON 
_diffrn_source.type                        'LURE BEAMLINE DW32' 
_diffrn_source.pdbx_synchrotron_site       LURE 
_diffrn_source.pdbx_synchrotron_beamline   DW32 
_diffrn_source.pdbx_wavelength             0.97 
_diffrn_source.pdbx_wavelength_list        ? 
# 
_reflns.entry_id                     1CXY 
_reflns.observed_criterion_sigma_I   1.0 
_reflns.observed_criterion_sigma_F   1.0 
_reflns.d_resolution_low             15.0 
_reflns.d_resolution_high            1.65 
_reflns.number_obs                   14370 
_reflns.number_all                   92730 
_reflns.percent_possible_obs         99.6 
_reflns.pdbx_Rmerge_I_obs            0.045 
_reflns.pdbx_Rsym_value              ? 
_reflns.pdbx_netI_over_sigmaI        19.9 
_reflns.B_iso_Wilson_estimate        23.13 
_reflns.pdbx_redundancy              6.45 
_reflns.R_free_details               ? 
_reflns.limit_h_max                  ? 
_reflns.limit_h_min                  ? 
_reflns.limit_k_max                  ? 
_reflns.limit_k_min                  ? 
_reflns.limit_l_max                  ? 
_reflns.limit_l_min                  ? 
_reflns.observed_criterion_F_max     ? 
_reflns.observed_criterion_F_min     ? 
_reflns.pdbx_diffrn_id               1 
_reflns.pdbx_ordinal                 1 
# 
_reflns_shell.d_res_high             1.6 
_reflns_shell.d_res_low              1.66 
_reflns_shell.percent_possible_all   99.7 
_reflns_shell.Rmerge_I_obs           0.318 
_reflns_shell.pdbx_Rsym_value        ? 
_reflns_shell.meanI_over_sigI_obs    ? 
_reflns_shell.pdbx_redundancy        2.4 
_reflns_shell.percent_possible_obs   ? 
_reflns_shell.number_unique_all      ? 
_reflns_shell.pdbx_diffrn_id         ? 
_reflns_shell.pdbx_ordinal           1 
# 
_refine.entry_id                                 1CXY 
_refine.ls_number_reflns_obs                     14226 
_refine.ls_number_reflns_all                     14226 
_refine.pdbx_ls_sigma_I                          0.0 
_refine.pdbx_ls_sigma_F                          0.0 
_refine.pdbx_data_cutoff_high_absF               ? 
_refine.pdbx_data_cutoff_low_absF                ? 
_refine.pdbx_data_cutoff_high_rms_absF           ? 
_refine.ls_d_res_low                             12.0 
_refine.ls_d_res_high                            1.65 
_refine.ls_percent_reflns_obs                    99.7 
_refine.ls_R_factor_obs                          0.186 
_refine.ls_R_factor_all                          0.186 
_refine.ls_R_factor_R_work                       0.199 
_refine.ls_R_factor_R_free                       0.22 
_refine.ls_R_factor_R_free_error                 ? 
_refine.ls_R_factor_R_free_error_details         ? 
_refine.ls_percent_reflns_R_free                 ? 
_refine.ls_number_reflns_R_free                  711 
_refine.ls_number_parameters                     ? 
_refine.ls_number_restraints                     ? 
_refine.occupancy_min                            ? 
_refine.occupancy_max                            ? 
_refine.B_iso_mean                               ? 
_refine.aniso_B[1][1]                            ? 
_refine.aniso_B[2][2]                            ? 
_refine.aniso_B[3][3]                            ? 
_refine.aniso_B[1][2]                            ? 
_refine.aniso_B[1][3]                            ? 
_refine.aniso_B[2][3]                            ? 
_refine.solvent_model_details                    ? 
_refine.solvent_model_param_ksol                 ? 
_refine.solvent_model_param_bsol                 ? 
_refine.pdbx_ls_cross_valid_method               ? 
_refine.details                                  'USE MAXIMUM LIKELIHOOD PROCEDURE' 
_refine.pdbx_starting_model                      ? 
_refine.pdbx_method_to_determine_struct          ? 
_refine.pdbx_isotropic_thermal_model             ? 
_refine.pdbx_stereochemistry_target_values       'ENGH & HUBER' 
_refine.pdbx_stereochem_target_val_spec_case     ? 
_refine.pdbx_R_Free_selection_details            RANDOM 
_refine.pdbx_overall_ESU_R                       ? 
_refine.pdbx_overall_ESU_R_Free                  ? 
_refine.overall_SU_ML                            ? 
_refine.overall_SU_B                             ? 
_refine.ls_redundancy_reflns_obs                 ? 
_refine.B_iso_min                                ? 
_refine.B_iso_max                                ? 
_refine.pdbx_refine_id                           'X-RAY DIFFRACTION' 
_refine.pdbx_diffrn_id                           1 
_refine.pdbx_TLS_residual_ADP_flag               ? 
_refine.correlation_coeff_Fo_to_Fc               ? 
_refine.correlation_coeff_Fo_to_Fc_free          ? 
_refine.pdbx_solvent_vdw_probe_radii             ? 
_refine.pdbx_solvent_ion_probe_radii             ? 
_refine.pdbx_solvent_shrinkage_radii             ? 
_refine.pdbx_overall_phase_error                 ? 
_refine.overall_SU_R_Cruickshank_DPI             ? 
_refine.pdbx_overall_SU_R_free_Cruickshank_DPI   ? 
_refine.pdbx_overall_SU_R_Blow_DPI               ? 
_refine.pdbx_overall_SU_R_free_Blow_DPI          ? 
# 
_refine_hist.pdbx_refine_id                   'X-RAY DIFFRACTION' 
_refine_hist.cycle_id                         LAST 
_refine_hist.pdbx_number_atoms_protein        639 
_refine_hist.pdbx_number_atoms_nucleic_acid   0 
_refine_hist.pdbx_number_atoms_ligand         43 
_refine_hist.number_atoms_solvent             166 
_refine_hist.number_atoms_total               848 
_refine_hist.d_res_high                       1.65 
_refine_hist.d_res_low                        12.0 
# 
_struct.entry_id                  1CXY 
_struct.title                     
'STRUCTURE AND CHARACTERIZATION OF ECTOTHIORHODOSPIRA VACUOLATA CYTOCHROME B558, A PROKARYOTIC HOMOLOGUE OF CYTOCHROME B5' 
_struct.pdbx_model_details        ? 
_struct.pdbx_CASP_flag            ? 
_struct.pdbx_model_type_details   ? 
# 
_struct_keywords.entry_id        1CXY 
_struct_keywords.pdbx_keywords   'ELECTRON TRANSPORT' 
_struct_keywords.text            'HELIX, BETA-STRAND, ELECTRON TRANSPORT' 
# 
loop_
_struct_asym.id 
_struct_asym.pdbx_blank_PDB_chainid_flag 
_struct_asym.pdbx_modified 
_struct_asym.entity_id 
_struct_asym.details 
A N N 1 ? 
B N N 2 ? 
C N N 3 ? 
# 
_struct_ref.id                         1 
_struct_ref.db_name                    UNP 
_struct_ref.db_code                    CYB5_ECTVA 
_struct_ref.entity_id                  1 
_struct_ref.pdbx_db_accession          P82291 
_struct_ref.pdbx_db_isoform            ? 
_struct_ref.pdbx_seq_one_letter_code   ? 
_struct_ref.pdbx_align_begin           ? 
# 
_struct_ref_seq.align_id                      1 
_struct_ref_seq.ref_id                        1 
_struct_ref_seq.pdbx_PDB_id_code              1CXY 
_struct_ref_seq.pdbx_strand_id                A 
_struct_ref_seq.seq_align_beg                 1 
_struct_ref_seq.pdbx_seq_align_beg_ins_code   ? 
_struct_ref_seq.seq_align_end                 90 
_struct_ref_seq.pdbx_seq_align_end_ins_code   ? 
_struct_ref_seq.pdbx_db_accession             P82291 
_struct_ref_seq.db_align_beg                  1 
_struct_ref_seq.pdbx_db_align_beg_ins_code    ? 
_struct_ref_seq.db_align_end                  90 
_struct_ref_seq.pdbx_db_align_end_ins_code    ? 
_struct_ref_seq.pdbx_auth_seq_align_beg       1 
_struct_ref_seq.pdbx_auth_seq_align_end       90 
# 
_pdbx_struct_assembly.id                   1 
_pdbx_struct_assembly.details              author_defined_assembly 
_pdbx_struct_assembly.method_details       ? 
_pdbx_struct_assembly.oligomeric_details   monomeric 
_pdbx_struct_assembly.oligomeric_count     1 
# 
_pdbx_struct_assembly_gen.assembly_id       1 
_pdbx_struct_assembly_gen.oper_expression   1 
_pdbx_struct_assembly_gen.asym_id_list      A,B,C 
# 
_pdbx_struct_oper_list.id                   1 
_pdbx_struct_oper_list.type                 'identity operation' 
_pdbx_struct_oper_list.name                 1_555 
_pdbx_struct_oper_list.symmetry_operation   x,y,z 
_pdbx_struct_oper_list.matrix[1][1]         1.0000000000 
_pdbx_struct_oper_list.matrix[1][2]         0.0000000000 
_pdbx_struct_oper_list.matrix[1][3]         0.0000000000 
_pdbx_struct_oper_list.vector[1]            0.0000000000 
_pdbx_struct_oper_list.matrix[2][1]         0.0000000000 
_pdbx_struct_oper_list.matrix[2][2]         1.0000000000 
_pdbx_struct_oper_list.matrix[2][3]         0.0000000000 
_pdbx_struct_oper_list.vector[2]            0.0000000000 
_pdbx_struct_oper_list.matrix[3][1]         0.0000000000 
_pdbx_struct_oper_list.matrix[3][2]         0.0000000000 
_pdbx_struct_oper_list.matrix[3][3]         1.0000000000 
_pdbx_struct_oper_list.vector[3]            0.0000000000 
# 
_struct_biol.id   1 
# 
loop_
_struct_conf.conf_type_id 
_struct_conf.id 
_struct_conf.pdbx_PDB_helix_id 
_struct_conf.beg_label_comp_id 
_struct_conf.beg_label_asym_id 
_struct_conf.beg_label_seq_id 
_struct_conf.pdbx_beg_PDB_ins_code 
_struct_conf.end_label_comp_id 
_struct_conf.end_label_asym_id 
_struct_conf.end_label_seq_id 
_struct_conf.pdbx_end_PDB_ins_code 
_struct_conf.beg_auth_comp_id 
_struct_conf.beg_auth_asym_id 
_struct_conf.beg_auth_seq_id 
_struct_conf.end_auth_comp_id 
_struct_conf.end_auth_asym_id 
_struct_conf.end_auth_seq_id 
_struct_conf.pdbx_PDB_helix_class 
_struct_conf.details 
_struct_conf.pdbx_PDB_helix_length 
HELX_P HELX_P1 1 THR A 11 ? ALA A 16 ? THR A 11 ALA A 16 1 ? 6  
HELX_P HELX_P2 2 TYR A 38 ? HIS A 42 ? TYR A 38 HIS A 42 5 ? 5  
HELX_P HELX_P3 3 MET A 49 ? CYS A 53 ? MET A 49 CYS A 53 5 ? 5  
HELX_P HELX_P4 4 SER A 57 ? LYS A 64 ? SER A 57 LYS A 64 1 ? 8  
HELX_P HELX_P5 5 SER A 71 ? TYR A 81 ? SER A 71 TYR A 81 1 ? 11 
# 
_struct_conf_type.id          HELX_P 
_struct_conf_type.criteria    ? 
_struct_conf_type.reference   ? 
# 
loop_
_struct_conn.id 
_struct_conn.conn_type_id 
_struct_conn.pdbx_leaving_atom_flag 
_struct_conn.pdbx_PDB_id 
_struct_conn.ptnr1_label_asym_id 
_struct_conn.ptnr1_label_comp_id 
_struct_conn.ptnr1_label_seq_id 
_struct_conn.ptnr1_label_atom_id 
_struct_conn.pdbx_ptnr1_label_alt_id 
_struct_conn.pdbx_ptnr1_PDB_ins_code 
_struct_conn.pdbx_ptnr1_standard_comp_id 
_struct_conn.ptnr1_symmetry 
_struct_conn.ptnr2_label_asym_id 
_struct_conn.ptnr2_label_comp_id 
_struct_conn.ptnr2_label_seq_id 
_struct_conn.ptnr2_label_atom_id 
_struct_conn.pdbx_ptnr2_label_alt_id 
_struct_conn.pdbx_ptnr2_PDB_ins_code 
_struct_conn.ptnr1_auth_asym_id 
_struct_conn.ptnr1_auth_comp_id 
_struct_conn.ptnr1_auth_seq_id 
_struct_conn.ptnr2_auth_asym_id 
_struct_conn.ptnr2_auth_comp_id 
_struct_conn.ptnr2_auth_seq_id 
_struct_conn.ptnr2_symmetry 
_struct_conn.pdbx_ptnr3_label_atom_id 
_struct_conn.pdbx_ptnr3_label_seq_id 
_struct_conn.pdbx_ptnr3_label_comp_id 
_struct_conn.pdbx_ptnr3_label_asym_id 
_struct_conn.pdbx_ptnr3_label_alt_id 
_struct_conn.pdbx_ptnr3_PDB_ins_code 
_struct_conn.details 
_struct_conn.pdbx_dist_value 
_struct_conn.pdbx_value_order 
_struct_conn.pdbx_role 
disulf1 disulf ? ? A CYS 24 SG  ? ? ? 1_555 A CYS 53 SG ? ? A CYS 24 A CYS 53  1_555 ? ? ? ? ? ? ? 2.038 ? ? 
metalc1 metalc ? ? A HIS 42 NE2 ? ? ? 1_555 B HEM .  FE ? ? A HIS 42 A HEM 204 1_555 ? ? ? ? ? ? ? 2.038 ? ? 
metalc2 metalc ? ? A HIS 70 NE2 ? ? ? 1_555 B HEM .  FE ? ? A HIS 70 A HEM 204 1_555 ? ? ? ? ? ? ? 2.095 ? ? 
# 
loop_
_struct_conn_type.id 
_struct_conn_type.criteria 
_struct_conn_type.reference 
disulf ? ? 
metalc ? ? 
# 
loop_
_pdbx_struct_conn_angle.id 
_pdbx_struct_conn_angle.ptnr1_label_atom_id 
_pdbx_struct_conn_angle.ptnr1_label_alt_id 
_pdbx_struct_conn_angle.ptnr1_label_asym_id 
_pdbx_struct_conn_angle.ptnr1_label_comp_id 
_pdbx_struct_conn_angle.ptnr1_label_seq_id 
_pdbx_struct_conn_angle.ptnr1_auth_atom_id 
_pdbx_struct_conn_angle.ptnr1_auth_asym_id 
_pdbx_struct_conn_angle.ptnr1_auth_comp_id 
_pdbx_struct_conn_angle.ptnr1_auth_seq_id 
_pdbx_struct_conn_angle.ptnr1_PDB_ins_code 
_pdbx_struct_conn_angle.ptnr1_symmetry 
_pdbx_struct_conn_angle.ptnr2_label_atom_id 
_pdbx_struct_conn_angle.ptnr2_label_alt_id 
_pdbx_struct_conn_angle.ptnr2_label_asym_id 
_pdbx_struct_conn_angle.ptnr2_label_comp_id 
_pdbx_struct_conn_angle.ptnr2_label_seq_id 
_pdbx_struct_conn_angle.ptnr2_auth_atom_id 
_pdbx_struct_conn_angle.ptnr2_auth_asym_id 
_pdbx_struct_conn_angle.ptnr2_auth_comp_id 
_pdbx_struct_conn_angle.ptnr2_auth_seq_id 
_pdbx_struct_conn_angle.ptnr2_PDB_ins_code 
_pdbx_struct_conn_angle.ptnr2_symmetry 
_pdbx_struct_conn_angle.ptnr3_label_atom_id 
_pdbx_struct_conn_angle.ptnr3_label_alt_id 
_pdbx_struct_conn_angle.ptnr3_label_asym_id 
_pdbx_struct_conn_angle.ptnr3_label_comp_id 
_pdbx_struct_conn_angle.ptnr3_label_seq_id 
_pdbx_struct_conn_angle.ptnr3_auth_atom_id 
_pdbx_struct_conn_angle.ptnr3_auth_asym_id 
_pdbx_struct_conn_angle.ptnr3_auth_comp_id 
_pdbx_struct_conn_angle.ptnr3_auth_seq_id 
_pdbx_struct_conn_angle.ptnr3_PDB_ins_code 
_pdbx_struct_conn_angle.ptnr3_symmetry 
_pdbx_struct_conn_angle.value 
_pdbx_struct_conn_angle.value_esd 
1  NE2 ? A HIS 42 ? A HIS 42  ? 1_555 FE ? B HEM . ? A HEM 204 ? 1_555 NA  ? B HEM .  ? A HEM 204 ? 1_555 88.2  ? 
2  NE2 ? A HIS 42 ? A HIS 42  ? 1_555 FE ? B HEM . ? A HEM 204 ? 1_555 NB  ? B HEM .  ? A HEM 204 ? 1_555 88.0  ? 
3  NA  ? B HEM .  ? A HEM 204 ? 1_555 FE ? B HEM . ? A HEM 204 ? 1_555 NB  ? B HEM .  ? A HEM 204 ? 1_555 89.7  ? 
4  NE2 ? A HIS 42 ? A HIS 42  ? 1_555 FE ? B HEM . ? A HEM 204 ? 1_555 NC  ? B HEM .  ? A HEM 204 ? 1_555 89.7  ? 
5  NA  ? B HEM .  ? A HEM 204 ? 1_555 FE ? B HEM . ? A HEM 204 ? 1_555 NC  ? B HEM .  ? A HEM 204 ? 1_555 177.8 ? 
6  NB  ? B HEM .  ? A HEM 204 ? 1_555 FE ? B HEM . ? A HEM 204 ? 1_555 NC  ? B HEM .  ? A HEM 204 ? 1_555 90.8  ? 
7  NE2 ? A HIS 42 ? A HIS 42  ? 1_555 FE ? B HEM . ? A HEM 204 ? 1_555 ND  ? B HEM .  ? A HEM 204 ? 1_555 88.9  ? 
8  NA  ? B HEM .  ? A HEM 204 ? 1_555 FE ? B HEM . ? A HEM 204 ? 1_555 ND  ? B HEM .  ? A HEM 204 ? 1_555 89.7  ? 
9  NB  ? B HEM .  ? A HEM 204 ? 1_555 FE ? B HEM . ? A HEM 204 ? 1_555 ND  ? B HEM .  ? A HEM 204 ? 1_555 176.8 ? 
10 NC  ? B HEM .  ? A HEM 204 ? 1_555 FE ? B HEM . ? A HEM 204 ? 1_555 ND  ? B HEM .  ? A HEM 204 ? 1_555 89.6  ? 
11 NE2 ? A HIS 42 ? A HIS 42  ? 1_555 FE ? B HEM . ? A HEM 204 ? 1_555 NE2 ? A HIS 70 ? A HIS 70  ? 1_555 174.6 ? 
12 NA  ? B HEM .  ? A HEM 204 ? 1_555 FE ? B HEM . ? A HEM 204 ? 1_555 NE2 ? A HIS 70 ? A HIS 70  ? 1_555 94.7  ? 
13 NB  ? B HEM .  ? A HEM 204 ? 1_555 FE ? B HEM . ? A HEM 204 ? 1_555 NE2 ? A HIS 70 ? A HIS 70  ? 1_555 87.6  ? 
14 NC  ? B HEM .  ? A HEM 204 ? 1_555 FE ? B HEM . ? A HEM 204 ? 1_555 NE2 ? A HIS 70 ? A HIS 70  ? 1_555 87.4  ? 
15 ND  ? B HEM .  ? A HEM 204 ? 1_555 FE ? B HEM . ? A HEM 204 ? 1_555 NE2 ? A HIS 70 ? A HIS 70  ? 1_555 95.6  ? 
# 
_pdbx_modification_feature.ordinal                            1 
_pdbx_modification_feature.label_comp_id                      CYS 
_pdbx_modification_feature.label_asym_id                      A 
_pdbx_modification_feature.label_seq_id                       24 
_pdbx_modification_feature.label_alt_id                       ? 
_pdbx_modification_feature.modified_residue_label_comp_id     CYS 
_pdbx_modification_feature.modified_residue_label_asym_id     A 
_pdbx_modification_feature.modified_residue_label_seq_id      53 
_pdbx_modification_feature.modified_residue_label_alt_id      ? 
_pdbx_modification_feature.auth_comp_id                       CYS 
_pdbx_modification_feature.auth_asym_id                       A 
_pdbx_modification_feature.auth_seq_id                        24 
_pdbx_modification_feature.PDB_ins_code                       ? 
_pdbx_modification_feature.symmetry                           1_555 
_pdbx_modification_feature.modified_residue_auth_comp_id      CYS 
_pdbx_modification_feature.modified_residue_auth_asym_id      A 
_pdbx_modification_feature.modified_residue_auth_seq_id       53 
_pdbx_modification_feature.modified_residue_PDB_ins_code      ? 
_pdbx_modification_feature.modified_residue_symmetry          1_555 
_pdbx_modification_feature.comp_id_linking_atom               SG 
_pdbx_modification_feature.modified_residue_id_linking_atom   SG 
_pdbx_modification_feature.modified_residue_id                . 
_pdbx_modification_feature.ref_pcm_id                         . 
_pdbx_modification_feature.ref_comp_id                        . 
_pdbx_modification_feature.type                               None 
_pdbx_modification_feature.category                           'Disulfide bridge' 
# 
_struct_sheet.id               A 
_struct_sheet.type             ? 
_struct_sheet.number_strands   4 
_struct_sheet.details          ? 
# 
_struct_sheet_order.sheet_id     A 
_struct_sheet_order.range_id_1   3 
_struct_sheet_order.range_id_2   4 
_struct_sheet_order.offset       ? 
_struct_sheet_order.sense        parallel 
# 
loop_
_struct_sheet_range.sheet_id 
_struct_sheet_range.id 
_struct_sheet_range.beg_label_comp_id 
_struct_sheet_range.beg_label_asym_id 
_struct_sheet_range.beg_label_seq_id 
_struct_sheet_range.pdbx_beg_PDB_ins_code 
_struct_sheet_range.end_label_comp_id 
_struct_sheet_range.end_label_asym_id 
_struct_sheet_range.end_label_seq_id 
_struct_sheet_range.pdbx_end_PDB_ins_code 
_struct_sheet_range.beg_auth_comp_id 
_struct_sheet_range.beg_auth_asym_id 
_struct_sheet_range.beg_auth_seq_id 
_struct_sheet_range.end_auth_comp_id 
_struct_sheet_range.end_auth_asym_id 
_struct_sheet_range.end_auth_seq_id 
A 1 HIS A 19 ? SER A 20 ? HIS A 19 SER A 20 
A 2 ASP A 23 ? ILE A 28 ? ASP A 23 ILE A 28 
A 3 LYS A 31 ? ASP A 34 ? LYS A 31 ASP A 34 
A 4 LEU A 82 ? THR A 85 ? LEU A 82 THR A 85 
# 
_struct_site.id                   AC1 
_struct_site.pdbx_evidence_code   Software 
_struct_site.pdbx_auth_asym_id    A 
_struct_site.pdbx_auth_comp_id    HEM 
_struct_site.pdbx_auth_seq_id     204 
_struct_site.pdbx_auth_ins_code   ? 
_struct_site.pdbx_num_residues    15 
_struct_site.details              'BINDING SITE FOR RESIDUE HEM A 204' 
# 
loop_
_struct_site_gen.id 
_struct_site_gen.site_id 
_struct_site_gen.pdbx_num_res 
_struct_site_gen.label_comp_id 
_struct_site_gen.label_asym_id 
_struct_site_gen.label_seq_id 
_struct_site_gen.pdbx_auth_ins_code 
_struct_site_gen.auth_comp_id 
_struct_site_gen.auth_asym_id 
_struct_site_gen.auth_seq_id 
_struct_site_gen.label_atom_id 
_struct_site_gen.label_alt_id 
_struct_site_gen.symmetry 
_struct_site_gen.details 
1  AC1 15 TYR A 38 ? TYR A 38  . ? 1_555 ? 
2  AC1 15 HIS A 42 ? HIS A 42  . ? 1_555 ? 
3  AC1 15 PRO A 43 ? PRO A 43  . ? 1_555 ? 
4  AC1 15 MET A 48 ? MET A 48  . ? 1_555 ? 
5  AC1 15 MET A 49 ? MET A 49  . ? 1_555 ? 
6  AC1 15 TRP A 61 ? TRP A 61  . ? 1_555 ? 
7  AC1 15 LYS A 64 ? LYS A 64  . ? 1_555 ? 
8  AC1 15 TYR A 66 ? TYR A 66  . ? 1_555 ? 
9  AC1 15 HIS A 70 ? HIS A 70  . ? 1_555 ? 
10 AC1 15 SER A 71 ? SER A 71  . ? 1_555 ? 
11 AC1 15 ALA A 74 ? ALA A 74  . ? 1_555 ? 
12 AC1 15 LEU A 78 ? LEU A 78  . ? 1_555 ? 
13 AC1 15 GLN A 79 ? GLN A 79  . ? 5_565 ? 
14 AC1 15 HOH C .  ? HOH A 238 . ? 1_555 ? 
15 AC1 15 HOH C .  ? HOH A 277 . ? 1_555 ? 
# 
_pdbx_entry_details.entry_id                   1CXY 
_pdbx_entry_details.compound_details           ? 
_pdbx_entry_details.source_details             ? 
_pdbx_entry_details.nonpolymer_details         ? 
_pdbx_entry_details.sequence_details           ? 
_pdbx_entry_details.has_ligand_of_interest     ? 
_pdbx_entry_details.has_protein_modification   Y 
# 
loop_
_pdbx_validate_torsion.id 
_pdbx_validate_torsion.PDB_model_num 
_pdbx_validate_torsion.auth_comp_id 
_pdbx_validate_torsion.auth_asym_id 
_pdbx_validate_torsion.auth_seq_id 
_pdbx_validate_torsion.PDB_ins_code 
_pdbx_validate_torsion.label_alt_id 
_pdbx_validate_torsion.phi 
_pdbx_validate_torsion.psi 
1 1 HIS A 18 ? ? -113.67 76.13 
2 1 ASP A 23 ? ? -165.80 77.71 
# 
loop_
_pdbx_unobs_or_zero_occ_residues.id 
_pdbx_unobs_or_zero_occ_residues.PDB_model_num 
_pdbx_unobs_or_zero_occ_residues.polymer_flag 
_pdbx_unobs_or_zero_occ_residues.occupancy_flag 
_pdbx_unobs_or_zero_occ_residues.auth_asym_id 
_pdbx_unobs_or_zero_occ_residues.auth_comp_id 
_pdbx_unobs_or_zero_occ_residues.auth_seq_id 
_pdbx_unobs_or_zero_occ_residues.PDB_ins_code 
_pdbx_unobs_or_zero_occ_residues.label_asym_id 
_pdbx_unobs_or_zero_occ_residues.label_comp_id 
_pdbx_unobs_or_zero_occ_residues.label_seq_id 
1 1 Y 1 A ASN 1  ? A ASN 1  
2 1 Y 1 A GLU 2  ? A GLU 2  
3 1 Y 1 A THR 3  ? A THR 3  
4 1 Y 1 A GLU 4  ? A GLU 4  
5 1 Y 1 A ALA 5  ? A ALA 5  
6 1 Y 1 A GLU 87 ? A GLU 87 
7 1 Y 1 A GLU 88 ? A GLU 88 
8 1 Y 1 A ILE 89 ? A ILE 89 
9 1 Y 1 A THR 90 ? A THR 90 
# 
loop_
_chem_comp_atom.comp_id 
_chem_comp_atom.atom_id 
_chem_comp_atom.type_symbol 
_chem_comp_atom.pdbx_aromatic_flag 
_chem_comp_atom.pdbx_stereo_config 
_chem_comp_atom.pdbx_ordinal 
ALA N    N  N N 1   
ALA CA   C  N S 2   
ALA C    C  N N 3   
ALA O    O  N N 4   
ALA CB   C  N N 5   
ALA OXT  O  N N 6   
ALA H    H  N N 7   
ALA H2   H  N N 8   
ALA HA   H  N N 9   
ALA HB1  H  N N 10  
ALA HB2  H  N N 11  
ALA HB3  H  N N 12  
ALA HXT  H  N N 13  
ARG N    N  N N 14  
ARG CA   C  N S 15  
ARG C    C  N N 16  
ARG O    O  N N 17  
ARG CB   C  N N 18  
ARG CG   C  N N 19  
ARG CD   C  N N 20  
ARG NE   N  N N 21  
ARG CZ   C  N N 22  
ARG NH1  N  N N 23  
ARG NH2  N  N N 24  
ARG OXT  O  N N 25  
ARG H    H  N N 26  
ARG H2   H  N N 27  
ARG HA   H  N N 28  
ARG HB2  H  N N 29  
ARG HB3  H  N N 30  
ARG HG2  H  N N 31  
ARG HG3  H  N N 32  
ARG HD2  H  N N 33  
ARG HD3  H  N N 34  
ARG HE   H  N N 35  
ARG HH11 H  N N 36  
ARG HH12 H  N N 37  
ARG HH21 H  N N 38  
ARG HH22 H  N N 39  
ARG HXT  H  N N 40  
ASN N    N  N N 41  
ASN CA   C  N S 42  
ASN C    C  N N 43  
ASN O    O  N N 44  
ASN CB   C  N N 45  
ASN CG   C  N N 46  
ASN OD1  O  N N 47  
ASN ND2  N  N N 48  
ASN OXT  O  N N 49  
ASN H    H  N N 50  
ASN H2   H  N N 51  
ASN HA   H  N N 52  
ASN HB2  H  N N 53  
ASN HB3  H  N N 54  
ASN HD21 H  N N 55  
ASN HD22 H  N N 56  
ASN HXT  H  N N 57  
ASP N    N  N N 58  
ASP CA   C  N S 59  
ASP C    C  N N 60  
ASP O    O  N N 61  
ASP CB   C  N N 62  
ASP CG   C  N N 63  
ASP OD1  O  N N 64  
ASP OD2  O  N N 65  
ASP OXT  O  N N 66  
ASP H    H  N N 67  
ASP H2   H  N N 68  
ASP HA   H  N N 69  
ASP HB2  H  N N 70  
ASP HB3  H  N N 71  
ASP HD2  H  N N 72  
ASP HXT  H  N N 73  
CYS N    N  N N 74  
CYS CA   C  N R 75  
CYS C    C  N N 76  
CYS O    O  N N 77  
CYS CB   C  N N 78  
CYS SG   S  N N 79  
CYS OXT  O  N N 80  
CYS H    H  N N 81  
CYS H2   H  N N 82  
CYS HA   H  N N 83  
CYS HB2  H  N N 84  
CYS HB3  H  N N 85  
CYS HG   H  N N 86  
CYS HXT  H  N N 87  
GLN N    N  N N 88  
GLN CA   C  N S 89  
GLN C    C  N N 90  
GLN O    O  N N 91  
GLN CB   C  N N 92  
GLN CG   C  N N 93  
GLN CD   C  N N 94  
GLN OE1  O  N N 95  
GLN NE2  N  N N 96  
GLN OXT  O  N N 97  
GLN H    H  N N 98  
GLN H2   H  N N 99  
GLN HA   H  N N 100 
GLN HB2  H  N N 101 
GLN HB3  H  N N 102 
GLN HG2  H  N N 103 
GLN HG3  H  N N 104 
GLN HE21 H  N N 105 
GLN HE22 H  N N 106 
GLN HXT  H  N N 107 
GLU N    N  N N 108 
GLU CA   C  N S 109 
GLU C    C  N N 110 
GLU O    O  N N 111 
GLU CB   C  N N 112 
GLU CG   C  N N 113 
GLU CD   C  N N 114 
GLU OE1  O  N N 115 
GLU OE2  O  N N 116 
GLU OXT  O  N N 117 
GLU H    H  N N 118 
GLU H2   H  N N 119 
GLU HA   H  N N 120 
GLU HB2  H  N N 121 
GLU HB3  H  N N 122 
GLU HG2  H  N N 123 
GLU HG3  H  N N 124 
GLU HE2  H  N N 125 
GLU HXT  H  N N 126 
GLY N    N  N N 127 
GLY CA   C  N N 128 
GLY C    C  N N 129 
GLY O    O  N N 130 
GLY OXT  O  N N 131 
GLY H    H  N N 132 
GLY H2   H  N N 133 
GLY HA2  H  N N 134 
GLY HA3  H  N N 135 
GLY HXT  H  N N 136 
HEM CHA  C  N N 137 
HEM CHB  C  N N 138 
HEM CHC  C  N N 139 
HEM CHD  C  N N 140 
HEM C1A  C  Y N 141 
HEM C2A  C  Y N 142 
HEM C3A  C  Y N 143 
HEM C4A  C  Y N 144 
HEM CMA  C  N N 145 
HEM CAA  C  N N 146 
HEM CBA  C  N N 147 
HEM CGA  C  N N 148 
HEM O1A  O  N N 149 
HEM O2A  O  N N 150 
HEM C1B  C  N N 151 
HEM C2B  C  N N 152 
HEM C3B  C  N N 153 
HEM C4B  C  N N 154 
HEM CMB  C  N N 155 
HEM CAB  C  N N 156 
HEM CBB  C  N N 157 
HEM C1C  C  Y N 158 
HEM C2C  C  Y N 159 
HEM C3C  C  Y N 160 
HEM C4C  C  Y N 161 
HEM CMC  C  N N 162 
HEM CAC  C  N N 163 
HEM CBC  C  N N 164 
HEM C1D  C  N N 165 
HEM C2D  C  N N 166 
HEM C3D  C  N N 167 
HEM C4D  C  N N 168 
HEM CMD  C  N N 169 
HEM CAD  C  N N 170 
HEM CBD  C  N N 171 
HEM CGD  C  N N 172 
HEM O1D  O  N N 173 
HEM O2D  O  N N 174 
HEM NA   N  Y N 175 
HEM NB   N  N N 176 
HEM NC   N  Y N 177 
HEM ND   N  N N 178 
HEM FE   FE N N 179 
HEM HHB  H  N N 180 
HEM HHC  H  N N 181 
HEM HHD  H  N N 182 
HEM HMA  H  N N 183 
HEM HMAA H  N N 184 
HEM HMAB H  N N 185 
HEM HAA  H  N N 186 
HEM HAAA H  N N 187 
HEM HBA  H  N N 188 
HEM HBAA H  N N 189 
HEM HMB  H  N N 190 
HEM HMBA H  N N 191 
HEM HMBB H  N N 192 
HEM HAB  H  N N 193 
HEM HBB  H  N N 194 
HEM HBBA H  N N 195 
HEM HMC  H  N N 196 
HEM HMCA H  N N 197 
HEM HMCB H  N N 198 
HEM HAC  H  N N 199 
HEM HBC  H  N N 200 
HEM HBCA H  N N 201 
HEM HMD  H  N N 202 
HEM HMDA H  N N 203 
HEM HMDB H  N N 204 
HEM HAD  H  N N 205 
HEM HADA H  N N 206 
HEM HBD  H  N N 207 
HEM HBDA H  N N 208 
HEM H2A  H  N N 209 
HEM H2D  H  N N 210 
HEM HHA  H  N N 211 
HIS N    N  N N 212 
HIS CA   C  N S 213 
HIS C    C  N N 214 
HIS O    O  N N 215 
HIS CB   C  N N 216 
HIS CG   C  Y N 217 
HIS ND1  N  Y N 218 
HIS CD2  C  Y N 219 
HIS CE1  C  Y N 220 
HIS NE2  N  Y N 221 
HIS OXT  O  N N 222 
HIS H    H  N N 223 
HIS H2   H  N N 224 
HIS HA   H  N N 225 
HIS HB2  H  N N 226 
HIS HB3  H  N N 227 
HIS HD1  H  N N 228 
HIS HD2  H  N N 229 
HIS HE1  H  N N 230 
HIS HE2  H  N N 231 
HIS HXT  H  N N 232 
HOH O    O  N N 233 
HOH H1   H  N N 234 
HOH H2   H  N N 235 
ILE N    N  N N 236 
ILE CA   C  N S 237 
ILE C    C  N N 238 
ILE O    O  N N 239 
ILE CB   C  N S 240 
ILE CG1  C  N N 241 
ILE CG2  C  N N 242 
ILE CD1  C  N N 243 
ILE OXT  O  N N 244 
ILE H    H  N N 245 
ILE H2   H  N N 246 
ILE HA   H  N N 247 
ILE HB   H  N N 248 
ILE HG12 H  N N 249 
ILE HG13 H  N N 250 
ILE HG21 H  N N 251 
ILE HG22 H  N N 252 
ILE HG23 H  N N 253 
ILE HD11 H  N N 254 
ILE HD12 H  N N 255 
ILE HD13 H  N N 256 
ILE HXT  H  N N 257 
LEU N    N  N N 258 
LEU CA   C  N S 259 
LEU C    C  N N 260 
LEU O    O  N N 261 
LEU CB   C  N N 262 
LEU CG   C  N N 263 
LEU CD1  C  N N 264 
LEU CD2  C  N N 265 
LEU OXT  O  N N 266 
LEU H    H  N N 267 
LEU H2   H  N N 268 
LEU HA   H  N N 269 
LEU HB2  H  N N 270 
LEU HB3  H  N N 271 
LEU HG   H  N N 272 
LEU HD11 H  N N 273 
LEU HD12 H  N N 274 
LEU HD13 H  N N 275 
LEU HD21 H  N N 276 
LEU HD22 H  N N 277 
LEU HD23 H  N N 278 
LEU HXT  H  N N 279 
LYS N    N  N N 280 
LYS CA   C  N S 281 
LYS C    C  N N 282 
LYS O    O  N N 283 
LYS CB   C  N N 284 
LYS CG   C  N N 285 
LYS CD   C  N N 286 
LYS CE   C  N N 287 
LYS NZ   N  N N 288 
LYS OXT  O  N N 289 
LYS H    H  N N 290 
LYS H2   H  N N 291 
LYS HA   H  N N 292 
LYS HB2  H  N N 293 
LYS HB3  H  N N 294 
LYS HG2  H  N N 295 
LYS HG3  H  N N 296 
LYS HD2  H  N N 297 
LYS HD3  H  N N 298 
LYS HE2  H  N N 299 
LYS HE3  H  N N 300 
LYS HZ1  H  N N 301 
LYS HZ2  H  N N 302 
LYS HZ3  H  N N 303 
LYS HXT  H  N N 304 
MET N    N  N N 305 
MET CA   C  N S 306 
MET C    C  N N 307 
MET O    O  N N 308 
MET CB   C  N N 309 
MET CG   C  N N 310 
MET SD   S  N N 311 
MET CE   C  N N 312 
MET OXT  O  N N 313 
MET H    H  N N 314 
MET H2   H  N N 315 
MET HA   H  N N 316 
MET HB2  H  N N 317 
MET HB3  H  N N 318 
MET HG2  H  N N 319 
MET HG3  H  N N 320 
MET HE1  H  N N 321 
MET HE2  H  N N 322 
MET HE3  H  N N 323 
MET HXT  H  N N 324 
PHE N    N  N N 325 
PHE CA   C  N S 326 
PHE C    C  N N 327 
PHE O    O  N N 328 
PHE CB   C  N N 329 
PHE CG   C  Y N 330 
PHE CD1  C  Y N 331 
PHE CD2  C  Y N 332 
PHE CE1  C  Y N 333 
PHE CE2  C  Y N 334 
PHE CZ   C  Y N 335 
PHE OXT  O  N N 336 
PHE H    H  N N 337 
PHE H2   H  N N 338 
PHE HA   H  N N 339 
PHE HB2  H  N N 340 
PHE HB3  H  N N 341 
PHE HD1  H  N N 342 
PHE HD2  H  N N 343 
PHE HE1  H  N N 344 
PHE HE2  H  N N 345 
PHE HZ   H  N N 346 
PHE HXT  H  N N 347 
PRO N    N  N N 348 
PRO CA   C  N S 349 
PRO C    C  N N 350 
PRO O    O  N N 351 
PRO CB   C  N N 352 
PRO CG   C  N N 353 
PRO CD   C  N N 354 
PRO OXT  O  N N 355 
PRO H    H  N N 356 
PRO HA   H  N N 357 
PRO HB2  H  N N 358 
PRO HB3  H  N N 359 
PRO HG2  H  N N 360 
PRO HG3  H  N N 361 
PRO HD2  H  N N 362 
PRO HD3  H  N N 363 
PRO HXT  H  N N 364 
SER N    N  N N 365 
SER CA   C  N S 366 
SER C    C  N N 367 
SER O    O  N N 368 
SER CB   C  N N 369 
SER OG   O  N N 370 
SER OXT  O  N N 371 
SER H    H  N N 372 
SER H2   H  N N 373 
SER HA   H  N N 374 
SER HB2  H  N N 375 
SER HB3  H  N N 376 
SER HG   H  N N 377 
SER HXT  H  N N 378 
THR N    N  N N 379 
THR CA   C  N S 380 
THR C    C  N N 381 
THR O    O  N N 382 
THR CB   C  N R 383 
THR OG1  O  N N 384 
THR CG2  C  N N 385 
THR OXT  O  N N 386 
THR H    H  N N 387 
THR H2   H  N N 388 
THR HA   H  N N 389 
THR HB   H  N N 390 
THR HG1  H  N N 391 
THR HG21 H  N N 392 
THR HG22 H  N N 393 
THR HG23 H  N N 394 
THR HXT  H  N N 395 
TRP N    N  N N 396 
TRP CA   C  N S 397 
TRP C    C  N N 398 
TRP O    O  N N 399 
TRP CB   C  N N 400 
TRP CG   C  Y N 401 
TRP CD1  C  Y N 402 
TRP CD2  C  Y N 403 
TRP NE1  N  Y N 404 
TRP CE2  C  Y N 405 
TRP CE3  C  Y N 406 
TRP CZ2  C  Y N 407 
TRP CZ3  C  Y N 408 
TRP CH2  C  Y N 409 
TRP OXT  O  N N 410 
TRP H    H  N N 411 
TRP H2   H  N N 412 
TRP HA   H  N N 413 
TRP HB2  H  N N 414 
TRP HB3  H  N N 415 
TRP HD1  H  N N 416 
TRP HE1  H  N N 417 
TRP HE3  H  N N 418 
TRP HZ2  H  N N 419 
TRP HZ3  H  N N 420 
TRP HH2  H  N N 421 
TRP HXT  H  N N 422 
TYR N    N  N N 423 
TYR CA   C  N S 424 
TYR C    C  N N 425 
TYR O    O  N N 426 
TYR CB   C  N N 427 
TYR CG   C  Y N 428 
TYR CD1  C  Y N 429 
TYR CD2  C  Y N 430 
TYR CE1  C  Y N 431 
TYR CE2  C  Y N 432 
TYR CZ   C  Y N 433 
TYR OH   O  N N 434 
TYR OXT  O  N N 435 
TYR H    H  N N 436 
TYR H2   H  N N 437 
TYR HA   H  N N 438 
TYR HB2  H  N N 439 
TYR HB3  H  N N 440 
TYR HD1  H  N N 441 
TYR HD2  H  N N 442 
TYR HE1  H  N N 443 
TYR HE2  H  N N 444 
TYR HH   H  N N 445 
TYR HXT  H  N N 446 
VAL N    N  N N 447 
VAL CA   C  N S 448 
VAL C    C  N N 449 
VAL O    O  N N 450 
VAL CB   C  N N 451 
VAL CG1  C  N N 452 
VAL CG2  C  N N 453 
VAL OXT  O  N N 454 
VAL H    H  N N 455 
VAL H2   H  N N 456 
VAL HA   H  N N 457 
VAL HB   H  N N 458 
VAL HG11 H  N N 459 
VAL HG12 H  N N 460 
VAL HG13 H  N N 461 
VAL HG21 H  N N 462 
VAL HG22 H  N N 463 
VAL HG23 H  N N 464 
VAL HXT  H  N N 465 
# 
loop_
_chem_comp_bond.comp_id 
_chem_comp_bond.atom_id_1 
_chem_comp_bond.atom_id_2 
_chem_comp_bond.value_order 
_chem_comp_bond.pdbx_aromatic_flag 
_chem_comp_bond.pdbx_stereo_config 
_chem_comp_bond.pdbx_ordinal 
ALA N   CA   sing N N 1   
ALA N   H    sing N N 2   
ALA N   H2   sing N N 3   
ALA CA  C    sing N N 4   
ALA CA  CB   sing N N 5   
ALA CA  HA   sing N N 6   
ALA C   O    doub N N 7   
ALA C   OXT  sing N N 8   
ALA CB  HB1  sing N N 9   
ALA CB  HB2  sing N N 10  
ALA CB  HB3  sing N N 11  
ALA OXT HXT  sing N N 12  
ARG N   CA   sing N N 13  
ARG N   H    sing N N 14  
ARG N   H2   sing N N 15  
ARG CA  C    sing N N 16  
ARG CA  CB   sing N N 17  
ARG CA  HA   sing N N 18  
ARG C   O    doub N N 19  
ARG C   OXT  sing N N 20  
ARG CB  CG   sing N N 21  
ARG CB  HB2  sing N N 22  
ARG CB  HB3  sing N N 23  
ARG CG  CD   sing N N 24  
ARG CG  HG2  sing N N 25  
ARG CG  HG3  sing N N 26  
ARG CD  NE   sing N N 27  
ARG CD  HD2  sing N N 28  
ARG CD  HD3  sing N N 29  
ARG NE  CZ   sing N N 30  
ARG NE  HE   sing N N 31  
ARG CZ  NH1  sing N N 32  
ARG CZ  NH2  doub N N 33  
ARG NH1 HH11 sing N N 34  
ARG NH1 HH12 sing N N 35  
ARG NH2 HH21 sing N N 36  
ARG NH2 HH22 sing N N 37  
ARG OXT HXT  sing N N 38  
ASN N   CA   sing N N 39  
ASN N   H    sing N N 40  
ASN N   H2   sing N N 41  
ASN CA  C    sing N N 42  
ASN CA  CB   sing N N 43  
ASN CA  HA   sing N N 44  
ASN C   O    doub N N 45  
ASN C   OXT  sing N N 46  
ASN CB  CG   sing N N 47  
ASN CB  HB2  sing N N 48  
ASN CB  HB3  sing N N 49  
ASN CG  OD1  doub N N 50  
ASN CG  ND2  sing N N 51  
ASN ND2 HD21 sing N N 52  
ASN ND2 HD22 sing N N 53  
ASN OXT HXT  sing N N 54  
ASP N   CA   sing N N 55  
ASP N   H    sing N N 56  
ASP N   H2   sing N N 57  
ASP CA  C    sing N N 58  
ASP CA  CB   sing N N 59  
ASP CA  HA   sing N N 60  
ASP C   O    doub N N 61  
ASP C   OXT  sing N N 62  
ASP CB  CG   sing N N 63  
ASP CB  HB2  sing N N 64  
ASP CB  HB3  sing N N 65  
ASP CG  OD1  doub N N 66  
ASP CG  OD2  sing N N 67  
ASP OD2 HD2  sing N N 68  
ASP OXT HXT  sing N N 69  
CYS N   CA   sing N N 70  
CYS N   H    sing N N 71  
CYS N   H2   sing N N 72  
CYS CA  C    sing N N 73  
CYS CA  CB   sing N N 74  
CYS CA  HA   sing N N 75  
CYS C   O    doub N N 76  
CYS C   OXT  sing N N 77  
CYS CB  SG   sing N N 78  
CYS CB  HB2  sing N N 79  
CYS CB  HB3  sing N N 80  
CYS SG  HG   sing N N 81  
CYS OXT HXT  sing N N 82  
GLN N   CA   sing N N 83  
GLN N   H    sing N N 84  
GLN N   H2   sing N N 85  
GLN CA  C    sing N N 86  
GLN CA  CB   sing N N 87  
GLN CA  HA   sing N N 88  
GLN C   O    doub N N 89  
GLN C   OXT  sing N N 90  
GLN CB  CG   sing N N 91  
GLN CB  HB2  sing N N 92  
GLN CB  HB3  sing N N 93  
GLN CG  CD   sing N N 94  
GLN CG  HG2  sing N N 95  
GLN CG  HG3  sing N N 96  
GLN CD  OE1  doub N N 97  
GLN CD  NE2  sing N N 98  
GLN NE2 HE21 sing N N 99  
GLN NE2 HE22 sing N N 100 
GLN OXT HXT  sing N N 101 
GLU N   CA   sing N N 102 
GLU N   H    sing N N 103 
GLU N   H2   sing N N 104 
GLU CA  C    sing N N 105 
GLU CA  CB   sing N N 106 
GLU CA  HA   sing N N 107 
GLU C   O    doub N N 108 
GLU C   OXT  sing N N 109 
GLU CB  CG   sing N N 110 
GLU CB  HB2  sing N N 111 
GLU CB  HB3  sing N N 112 
GLU CG  CD   sing N N 113 
GLU CG  HG2  sing N N 114 
GLU CG  HG3  sing N N 115 
GLU CD  OE1  doub N N 116 
GLU CD  OE2  sing N N 117 
GLU OE2 HE2  sing N N 118 
GLU OXT HXT  sing N N 119 
GLY N   CA   sing N N 120 
GLY N   H    sing N N 121 
GLY N   H2   sing N N 122 
GLY CA  C    sing N N 123 
GLY CA  HA2  sing N N 124 
GLY CA  HA3  sing N N 125 
GLY C   O    doub N N 126 
GLY C   OXT  sing N N 127 
GLY OXT HXT  sing N N 128 
HEM CHA C1A  sing N N 129 
HEM CHA C4D  doub N N 130 
HEM CHA HHA  sing N N 131 
HEM CHB C4A  sing N N 132 
HEM CHB C1B  doub N N 133 
HEM CHB HHB  sing N N 134 
HEM CHC C4B  sing N N 135 
HEM CHC C1C  doub N N 136 
HEM CHC HHC  sing N N 137 
HEM CHD C4C  doub N N 138 
HEM CHD C1D  sing N N 139 
HEM CHD HHD  sing N N 140 
HEM C1A C2A  doub Y N 141 
HEM C1A NA   sing Y N 142 
HEM C2A C3A  sing Y N 143 
HEM C2A CAA  sing N N 144 
HEM C3A C4A  doub Y N 145 
HEM C3A CMA  sing N N 146 
HEM C4A NA   sing Y N 147 
HEM CMA HMA  sing N N 148 
HEM CMA HMAA sing N N 149 
HEM CMA HMAB sing N N 150 
HEM CAA CBA  sing N N 151 
HEM CAA HAA  sing N N 152 
HEM CAA HAAA sing N N 153 
HEM CBA CGA  sing N N 154 
HEM CBA HBA  sing N N 155 
HEM CBA HBAA sing N N 156 
HEM CGA O1A  doub N N 157 
HEM CGA O2A  sing N N 158 
HEM C1B C2B  sing N N 159 
HEM C1B NB   sing N N 160 
HEM C2B C3B  doub N N 161 
HEM C2B CMB  sing N N 162 
HEM C3B C4B  sing N N 163 
HEM C3B CAB  sing N N 164 
HEM C4B NB   doub N N 165 
HEM CMB HMB  sing N N 166 
HEM CMB HMBA sing N N 167 
HEM CMB HMBB sing N N 168 
HEM CAB CBB  doub N N 169 
HEM CAB HAB  sing N N 170 
HEM CBB HBB  sing N N 171 
HEM CBB HBBA sing N N 172 
HEM C1C C2C  sing Y N 173 
HEM C1C NC   sing Y N 174 
HEM C2C C3C  doub Y N 175 
HEM C2C CMC  sing N N 176 
HEM C3C C4C  sing Y N 177 
HEM C3C CAC  sing N N 178 
HEM C4C NC   sing Y N 179 
HEM CMC HMC  sing N N 180 
HEM CMC HMCA sing N N 181 
HEM CMC HMCB sing N N 182 
HEM CAC CBC  doub N N 183 
HEM CAC HAC  sing N N 184 
HEM CBC HBC  sing N N 185 
HEM CBC HBCA sing N N 186 
HEM C1D C2D  sing N N 187 
HEM C1D ND   doub N N 188 
HEM C2D C3D  doub N N 189 
HEM C2D CMD  sing N N 190 
HEM C3D C4D  sing N N 191 
HEM C3D CAD  sing N N 192 
HEM C4D ND   sing N N 193 
HEM CMD HMD  sing N N 194 
HEM CMD HMDA sing N N 195 
HEM CMD HMDB sing N N 196 
HEM CAD CBD  sing N N 197 
HEM CAD HAD  sing N N 198 
HEM CAD HADA sing N N 199 
HEM CBD CGD  sing N N 200 
HEM CBD HBD  sing N N 201 
HEM CBD HBDA sing N N 202 
HEM CGD O1D  doub N N 203 
HEM CGD O2D  sing N N 204 
HEM O2A H2A  sing N N 205 
HEM O2D H2D  sing N N 206 
HEM FE  NA   sing N N 207 
HEM FE  NB   sing N N 208 
HEM FE  NC   sing N N 209 
HEM FE  ND   sing N N 210 
HIS N   CA   sing N N 211 
HIS N   H    sing N N 212 
HIS N   H2   sing N N 213 
HIS CA  C    sing N N 214 
HIS CA  CB   sing N N 215 
HIS CA  HA   sing N N 216 
HIS C   O    doub N N 217 
HIS C   OXT  sing N N 218 
HIS CB  CG   sing N N 219 
HIS CB  HB2  sing N N 220 
HIS CB  HB3  sing N N 221 
HIS CG  ND1  sing Y N 222 
HIS CG  CD2  doub Y N 223 
HIS ND1 CE1  doub Y N 224 
HIS ND1 HD1  sing N N 225 
HIS CD2 NE2  sing Y N 226 
HIS CD2 HD2  sing N N 227 
HIS CE1 NE2  sing Y N 228 
HIS CE1 HE1  sing N N 229 
HIS NE2 HE2  sing N N 230 
HIS OXT HXT  sing N N 231 
HOH O   H1   sing N N 232 
HOH O   H2   sing N N 233 
ILE N   CA   sing N N 234 
ILE N   H    sing N N 235 
ILE N   H2   sing N N 236 
ILE CA  C    sing N N 237 
ILE CA  CB   sing N N 238 
ILE CA  HA   sing N N 239 
ILE C   O    doub N N 240 
ILE C   OXT  sing N N 241 
ILE CB  CG1  sing N N 242 
ILE CB  CG2  sing N N 243 
ILE CB  HB   sing N N 244 
ILE CG1 CD1  sing N N 245 
ILE CG1 HG12 sing N N 246 
ILE CG1 HG13 sing N N 247 
ILE CG2 HG21 sing N N 248 
ILE CG2 HG22 sing N N 249 
ILE CG2 HG23 sing N N 250 
ILE CD1 HD11 sing N N 251 
ILE CD1 HD12 sing N N 252 
ILE CD1 HD13 sing N N 253 
ILE OXT HXT  sing N N 254 
LEU N   CA   sing N N 255 
LEU N   H    sing N N 256 
LEU N   H2   sing N N 257 
LEU CA  C    sing N N 258 
LEU CA  CB   sing N N 259 
LEU CA  HA   sing N N 260 
LEU C   O    doub N N 261 
LEU C   OXT  sing N N 262 
LEU CB  CG   sing N N 263 
LEU CB  HB2  sing N N 264 
LEU CB  HB3  sing N N 265 
LEU CG  CD1  sing N N 266 
LEU CG  CD2  sing N N 267 
LEU CG  HG   sing N N 268 
LEU CD1 HD11 sing N N 269 
LEU CD1 HD12 sing N N 270 
LEU CD1 HD13 sing N N 271 
LEU CD2 HD21 sing N N 272 
LEU CD2 HD22 sing N N 273 
LEU CD2 HD23 sing N N 274 
LEU OXT HXT  sing N N 275 
LYS N   CA   sing N N 276 
LYS N   H    sing N N 277 
LYS N   H2   sing N N 278 
LYS CA  C    sing N N 279 
LYS CA  CB   sing N N 280 
LYS CA  HA   sing N N 281 
LYS C   O    doub N N 282 
LYS C   OXT  sing N N 283 
LYS CB  CG   sing N N 284 
LYS CB  HB2  sing N N 285 
LYS CB  HB3  sing N N 286 
LYS CG  CD   sing N N 287 
LYS CG  HG2  sing N N 288 
LYS CG  HG3  sing N N 289 
LYS CD  CE   sing N N 290 
LYS CD  HD2  sing N N 291 
LYS CD  HD3  sing N N 292 
LYS CE  NZ   sing N N 293 
LYS CE  HE2  sing N N 294 
LYS CE  HE3  sing N N 295 
LYS NZ  HZ1  sing N N 296 
LYS NZ  HZ2  sing N N 297 
LYS NZ  HZ3  sing N N 298 
LYS OXT HXT  sing N N 299 
MET N   CA   sing N N 300 
MET N   H    sing N N 301 
MET N   H2   sing N N 302 
MET CA  C    sing N N 303 
MET CA  CB   sing N N 304 
MET CA  HA   sing N N 305 
MET C   O    doub N N 306 
MET C   OXT  sing N N 307 
MET CB  CG   sing N N 308 
MET CB  HB2  sing N N 309 
MET CB  HB3  sing N N 310 
MET CG  SD   sing N N 311 
MET CG  HG2  sing N N 312 
MET CG  HG3  sing N N 313 
MET SD  CE   sing N N 314 
MET CE  HE1  sing N N 315 
MET CE  HE2  sing N N 316 
MET CE  HE3  sing N N 317 
MET OXT HXT  sing N N 318 
PHE N   CA   sing N N 319 
PHE N   H    sing N N 320 
PHE N   H2   sing N N 321 
PHE CA  C    sing N N 322 
PHE CA  CB   sing N N 323 
PHE CA  HA   sing N N 324 
PHE C   O    doub N N 325 
PHE C   OXT  sing N N 326 
PHE CB  CG   sing N N 327 
PHE CB  HB2  sing N N 328 
PHE CB  HB3  sing N N 329 
PHE CG  CD1  doub Y N 330 
PHE CG  CD2  sing Y N 331 
PHE CD1 CE1  sing Y N 332 
PHE CD1 HD1  sing N N 333 
PHE CD2 CE2  doub Y N 334 
PHE CD2 HD2  sing N N 335 
PHE CE1 CZ   doub Y N 336 
PHE CE1 HE1  sing N N 337 
PHE CE2 CZ   sing Y N 338 
PHE CE2 HE2  sing N N 339 
PHE CZ  HZ   sing N N 340 
PHE OXT HXT  sing N N 341 
PRO N   CA   sing N N 342 
PRO N   CD   sing N N 343 
PRO N   H    sing N N 344 
PRO CA  C    sing N N 345 
PRO CA  CB   sing N N 346 
PRO CA  HA   sing N N 347 
PRO C   O    doub N N 348 
PRO C   OXT  sing N N 349 
PRO CB  CG   sing N N 350 
PRO CB  HB2  sing N N 351 
PRO CB  HB3  sing N N 352 
PRO CG  CD   sing N N 353 
PRO CG  HG2  sing N N 354 
PRO CG  HG3  sing N N 355 
PRO CD  HD2  sing N N 356 
PRO CD  HD3  sing N N 357 
PRO OXT HXT  sing N N 358 
SER N   CA   sing N N 359 
SER N   H    sing N N 360 
SER N   H2   sing N N 361 
SER CA  C    sing N N 362 
SER CA  CB   sing N N 363 
SER CA  HA   sing N N 364 
SER C   O    doub N N 365 
SER C   OXT  sing N N 366 
SER CB  OG   sing N N 367 
SER CB  HB2  sing N N 368 
SER CB  HB3  sing N N 369 
SER OG  HG   sing N N 370 
SER OXT HXT  sing N N 371 
THR N   CA   sing N N 372 
THR N   H    sing N N 373 
THR N   H2   sing N N 374 
THR CA  C    sing N N 375 
THR CA  CB   sing N N 376 
THR CA  HA   sing N N 377 
THR C   O    doub N N 378 
THR C   OXT  sing N N 379 
THR CB  OG1  sing N N 380 
THR CB  CG2  sing N N 381 
THR CB  HB   sing N N 382 
THR OG1 HG1  sing N N 383 
THR CG2 HG21 sing N N 384 
THR CG2 HG22 sing N N 385 
THR CG2 HG23 sing N N 386 
THR OXT HXT  sing N N 387 
TRP N   CA   sing N N 388 
TRP N   H    sing N N 389 
TRP N   H2   sing N N 390 
TRP CA  C    sing N N 391 
TRP CA  CB   sing N N 392 
TRP CA  HA   sing N N 393 
TRP C   O    doub N N 394 
TRP C   OXT  sing N N 395 
TRP CB  CG   sing N N 396 
TRP CB  HB2  sing N N 397 
TRP CB  HB3  sing N N 398 
TRP CG  CD1  doub Y N 399 
TRP CG  CD2  sing Y N 400 
TRP CD1 NE1  sing Y N 401 
TRP CD1 HD1  sing N N 402 
TRP CD2 CE2  doub Y N 403 
TRP CD2 CE3  sing Y N 404 
TRP NE1 CE2  sing Y N 405 
TRP NE1 HE1  sing N N 406 
TRP CE2 CZ2  sing Y N 407 
TRP CE3 CZ3  doub Y N 408 
TRP CE3 HE3  sing N N 409 
TRP CZ2 CH2  doub Y N 410 
TRP CZ2 HZ2  sing N N 411 
TRP CZ3 CH2  sing Y N 412 
TRP CZ3 HZ3  sing N N 413 
TRP CH2 HH2  sing N N 414 
TRP OXT HXT  sing N N 415 
TYR N   CA   sing N N 416 
TYR N   H    sing N N 417 
TYR N   H2   sing N N 418 
TYR CA  C    sing N N 419 
TYR CA  CB   sing N N 420 
TYR CA  HA   sing N N 421 
TYR C   O    doub N N 422 
TYR C   OXT  sing N N 423 
TYR CB  CG   sing N N 424 
TYR CB  HB2  sing N N 425 
TYR CB  HB3  sing N N 426 
TYR CG  CD1  doub Y N 427 
TYR CG  CD2  sing Y N 428 
TYR CD1 CE1  sing Y N 429 
TYR CD1 HD1  sing N N 430 
TYR CD2 CE2  doub Y N 431 
TYR CD2 HD2  sing N N 432 
TYR CE1 CZ   doub Y N 433 
TYR CE1 HE1  sing N N 434 
TYR CE2 CZ   sing Y N 435 
TYR CE2 HE2  sing N N 436 
TYR CZ  OH   sing N N 437 
TYR OH  HH   sing N N 438 
TYR OXT HXT  sing N N 439 
VAL N   CA   sing N N 440 
VAL N   H    sing N N 441 
VAL N   H2   sing N N 442 
VAL CA  C    sing N N 443 
VAL CA  CB   sing N N 444 
VAL CA  HA   sing N N 445 
VAL C   O    doub N N 446 
VAL C   OXT  sing N N 447 
VAL CB  CG1  sing N N 448 
VAL CB  CG2  sing N N 449 
VAL CB  HB   sing N N 450 
VAL CG1 HG11 sing N N 451 
VAL CG1 HG12 sing N N 452 
VAL CG1 HG13 sing N N 453 
VAL CG2 HG21 sing N N 454 
VAL CG2 HG22 sing N N 455 
VAL CG2 HG23 sing N N 456 
VAL OXT HXT  sing N N 457 
# 
_atom_sites.entry_id                    1CXY 
_atom_sites.fract_transf_matrix[1][1]   -0.01852085 
_atom_sites.fract_transf_matrix[1][2]   -0.00810972 
_atom_sites.fract_transf_matrix[1][3]   -0.01450402 
_atom_sites.fract_transf_matrix[2][1]   0.00448349 
_atom_sites.fract_transf_matrix[2][2]   -0.01710921 
_atom_sites.fract_transf_matrix[2][3]   -0.01749822 
_atom_sites.fract_transf_matrix[3][1]   -0.00216193 
_atom_sites.fract_transf_matrix[3][2]   -0.00791772 
_atom_sites.fract_transf_matrix[3][3]   0.00718776 
_atom_sites.fract_transf_vector[1]      0.908650 
_atom_sites.fract_transf_vector[2]      0.480002 
_atom_sites.fract_transf_vector[3]      0.213522 
# 
loop_
_atom_type.symbol 
C  
FE 
N  
O  
S  
# 
loop_
_atom_site.group_PDB 
_atom_site.id 
_atom_site.type_symbol 
_atom_site.label_atom_id 
_atom_site.label_alt_id 
_atom_site.label_comp_id 
_atom_site.label_asym_id 
_atom_site.label_entity_id 
_atom_site.label_seq_id 
_atom_site.pdbx_PDB_ins_code 
_atom_site.Cartn_x 
_atom_site.Cartn_y 
_atom_site.Cartn_z 
_atom_site.occupancy 
_atom_site.B_iso_or_equiv 
_atom_site.pdbx_formal_charge 
_atom_site.auth_seq_id 
_atom_site.auth_comp_id 
_atom_site.auth_asym_id 
_atom_site.auth_atom_id 
_atom_site.pdbx_PDB_model_num 
ATOM   1   N  N   . THR A 1 6  ? -20.273 -0.024  6.143   1.00 34.45 ? 6   THR A N   1 
ATOM   2   C  CA  . THR A 1 6  ? -19.453 1.193   6.198   1.00 33.58 ? 6   THR A CA  1 
ATOM   3   C  C   . THR A 1 6  ? -17.991 0.763   6.350   1.00 30.12 ? 6   THR A C   1 
ATOM   4   O  O   . THR A 1 6  ? -17.769 -0.347  6.833   1.00 30.20 ? 6   THR A O   1 
ATOM   5   C  CB  . THR A 1 6  ? -19.844 2.145   7.332   1.00 35.44 ? 6   THR A CB  1 
ATOM   6   O  OG1 . THR A 1 6  ? -19.092 3.365   7.205   1.00 37.79 ? 6   THR A OG1 1 
ATOM   7   C  CG2 . THR A 1 6  ? -19.563 1.540   8.691   1.00 37.44 ? 6   THR A CG2 1 
ATOM   8   N  N   . LEU A 1 7  ? -17.066 1.580   5.855   1.00 28.21 ? 7   LEU A N   1 
ATOM   9   C  CA  . LEU A 1 7  ? -15.675 1.194   5.946   1.00 24.60 ? 7   LEU A CA  1 
ATOM   10  C  C   . LEU A 1 7  ? -15.186 1.099   7.388   1.00 21.33 ? 7   LEU A C   1 
ATOM   11  O  O   . LEU A 1 7  ? -15.284 2.049   8.151   1.00 20.63 ? 7   LEU A O   1 
ATOM   12  C  CB  . LEU A 1 7  ? -14.746 2.175   5.209   1.00 24.84 ? 7   LEU A CB  1 
ATOM   13  C  CG  . LEU A 1 7  ? -14.778 2.021   3.684   1.00 25.97 ? 7   LEU A CG  1 
ATOM   14  C  CD1 . LEU A 1 7  ? -14.413 3.342   3.020   1.00 26.96 ? 7   LEU A CD1 1 
ATOM   15  C  CD2 . LEU A 1 7  ? -13.824 0.937   3.229   1.00 26.85 ? 7   LEU A CD2 1 
ATOM   16  N  N   . PRO A 1 8  ? -14.518 -0.011  7.670   1.00 19.34 ? 8   PRO A N   1 
ATOM   17  C  CA  . PRO A 1 8  ? -13.802 -0.154  8.931   1.00 18.23 ? 8   PRO A CA  1 
ATOM   18  C  C   . PRO A 1 8  ? -12.809 0.977   9.116   1.00 18.31 ? 8   PRO A C   1 
ATOM   19  O  O   . PRO A 1 8  ? -12.235 1.500   8.145   1.00 18.01 ? 8   PRO A O   1 
ATOM   20  C  CB  . PRO A 1 8  ? -13.086 -1.489  8.779   1.00 18.61 ? 8   PRO A CB  1 
ATOM   21  C  CG  . PRO A 1 8  ? -13.939 -2.265  7.832   1.00 19.42 ? 8   PRO A CG  1 
ATOM   22  C  CD  . PRO A 1 8  ? -14.401 -1.218  6.820   1.00 17.81 ? 8   PRO A CD  1 
ATOM   23  N  N   . VAL A 1 9  ? -12.549 1.323   10.380  1.00 19.09 ? 9   VAL A N   1 
ATOM   24  C  CA  . VAL A 1 9  ? -11.575 2.358   10.671  1.00 18.38 ? 9   VAL A CA  1 
ATOM   25  C  C   . VAL A 1 9  ? -10.388 1.725   11.395  1.00 18.38 ? 9   VAL A C   1 
ATOM   26  O  O   . VAL A 1 9  ? -10.613 0.985   12.360  1.00 20.16 ? 9   VAL A O   1 
ATOM   27  C  CB  . VAL A 1 9  ? -12.149 3.484   11.561  1.00 20.02 ? 9   VAL A CB  1 
ATOM   28  C  CG1 . VAL A 1 9  ? -11.012 4.463   11.807  1.00 22.54 ? 9   VAL A CG1 1 
ATOM   29  C  CG2 . VAL A 1 9  ? -13.320 4.144   10.855  1.00 22.26 ? 9   VAL A CG2 1 
ATOM   30  N  N   . PHE A 1 10 ? -9.183  2.036   10.972  1.00 17.79 ? 10  PHE A N   1 
ATOM   31  C  CA  . PHE A 1 10 ? -7.980  1.474   11.565  1.00 18.40 ? 10  PHE A CA  1 
ATOM   32  C  C   . PHE A 1 10 ? -7.089  2.576   12.109  1.00 19.12 ? 10  PHE A C   1 
ATOM   33  O  O   . PHE A 1 10 ? -7.216  3.731   11.683  1.00 22.48 ? 10  PHE A O   1 
ATOM   34  C  CB  . PHE A 1 10 ? -7.158  0.733   10.486  1.00 17.05 ? 10  PHE A CB  1 
ATOM   35  C  CG  . PHE A 1 10 ? -7.927  -0.406  9.856   1.00 17.08 ? 10  PHE A CG  1 
ATOM   36  C  CD1 . PHE A 1 10 ? -8.612  -0.259  8.659   1.00 17.84 ? 10  PHE A CD1 1 
ATOM   37  C  CD2 . PHE A 1 10 ? -7.883  -1.671  10.435  1.00 16.77 ? 10  PHE A CD2 1 
ATOM   38  C  CE1 . PHE A 1 10 ? -9.286  -1.330  8.091   1.00 16.81 ? 10  PHE A CE1 1 
ATOM   39  C  CE2 . PHE A 1 10 ? -8.575  -2.736  9.882   1.00 17.28 ? 10  PHE A CE2 1 
ATOM   40  C  CZ  . PHE A 1 10 ? -9.278  -2.561  8.705   1.00 17.25 ? 10  PHE A CZ  1 
ATOM   41  N  N   . THR A 1 11 ? -6.114  2.232   12.943  1.00 17.99 ? 11  THR A N   1 
ATOM   42  C  CA  . THR A 1 11 ? -5.117  3.231   13.323  1.00 18.09 ? 11  THR A CA  1 
ATOM   43  C  C   . THR A 1 11 ? -3.809  2.890   12.615  1.00 16.77 ? 11  THR A C   1 
ATOM   44  O  O   . THR A 1 11 ? -3.643  1.758   12.153  1.00 16.44 ? 11  THR A O   1 
ATOM   45  C  CB  . THR A 1 11 ? -4.817  3.177   14.828  1.00 17.96 ? 11  THR A CB  1 
ATOM   46  O  OG1 . THR A 1 11 ? -4.317  1.842   15.080  1.00 18.59 ? 11  THR A OG1 1 
ATOM   47  C  CG2 . THR A 1 11 ? -6.056  3.455   15.662  1.00 17.95 ? 11  THR A CG2 1 
ATOM   48  N  N   . LEU A 1 12 ? -2.830  3.799   12.644  1.00 17.63 ? 12  LEU A N   1 
ATOM   49  C  CA  . LEU A 1 12 ? -1.517  3.460   12.097  1.00 17.17 ? 12  LEU A CA  1 
ATOM   50  C  C   . LEU A 1 12 ? -0.863  2.325   12.882  1.00 17.86 ? 12  LEU A C   1 
ATOM   51  O  O   . LEU A 1 12 ? -0.087  1.571   12.305  1.00 16.97 ? 12  LEU A O   1 
ATOM   52  C  CB  . LEU A 1 12 ? -0.589  4.675   12.054  1.00 19.36 ? 12  LEU A CB  1 
ATOM   53  C  CG  . LEU A 1 12 ? -0.874  5.653   10.901  1.00 22.04 ? 12  LEU A CG  1 
ATOM   54  C  CD1 . LEU A 1 12 ? 0.046   6.861   10.997  1.00 23.21 ? 12  LEU A CD1 1 
ATOM   55  C  CD2 . LEU A 1 12 ? -0.688  4.982   9.549   1.00 22.17 ? 12  LEU A CD2 1 
ATOM   56  N  N   . GLU A 1 13 ? -1.163  2.211   14.169  1.00 17.96 ? 13  GLU A N   1 
ATOM   57  C  CA  . GLU A 1 13 ? -0.586  1.133   14.979  1.00 19.49 ? 13  GLU A CA  1 
ATOM   58  C  C   . GLU A 1 13 ? -1.049  -0.237  14.520  1.00 16.53 ? 13  GLU A C   1 
ATOM   59  O  O   . GLU A 1 13 ? -0.276  -1.206  14.546  1.00 16.73 ? 13  GLU A O   1 
ATOM   60  C  CB  . GLU A 1 13 ? -0.929  1.406   16.447  1.00 21.77 ? 13  GLU A CB  1 
ATOM   61  C  CG  . GLU A 1 13 ? -0.119  2.602   16.967  1.00 26.84 ? 13  GLU A CG  1 
ATOM   62  C  CD  . GLU A 1 13 ? -0.528  3.949   16.419  1.00 28.08 ? 13  GLU A CD  1 
ATOM   63  O  OE1 . GLU A 1 13 ? -1.711  4.233   16.131  1.00 27.70 ? 13  GLU A OE1 1 
ATOM   64  O  OE2 . GLU A 1 13 ? 0.364   4.821   16.229  1.00 32.11 ? 13  GLU A OE2 1 
ATOM   65  N  N   . GLN A 1 14 ? -2.323  -0.323  14.124  1.00 16.37 ? 14  GLN A N   1 
ATOM   66  C  CA  . GLN A 1 14 ? -2.864  -1.580  13.603  1.00 16.48 ? 14  GLN A CA  1 
ATOM   67  C  C   . GLN A 1 14 ? -2.244  -1.897  12.247  1.00 15.87 ? 14  GLN A C   1 
ATOM   68  O  O   . GLN A 1 14 ? -1.800  -3.018  11.994  1.00 15.04 ? 14  GLN A O   1 
ATOM   69  C  CB  . GLN A 1 14 ? -4.381  -1.473  13.449  1.00 16.95 ? 14  GLN A CB  1 
ATOM   70  C  CG  . GLN A 1 14 ? -5.091  -1.463  14.804  1.00 16.92 ? 14  GLN A CG  1 
ATOM   71  C  CD  . GLN A 1 14 ? -6.541  -1.062  14.592  1.00 17.88 ? 14  GLN A CD  1 
ATOM   72  O  OE1 . GLN A 1 14 ? -6.983  -0.049  15.135  1.00 19.72 ? 14  GLN A OE1 1 
ATOM   73  N  NE2 . GLN A 1 14 ? -7.260  -1.867  13.799  1.00 15.92 ? 14  GLN A NE2 1 
ATOM   74  N  N   . VAL A 1 15 ? -2.157  -0.866  11.385  1.00 14.61 ? 15  VAL A N   1 
ATOM   75  C  CA  . VAL A 1 15 ? -1.493  -1.095  10.087  1.00 15.47 ? 15  VAL A CA  1 
ATOM   76  C  C   . VAL A 1 15 ? -0.073  -1.597  10.263  1.00 15.10 ? 15  VAL A C   1 
ATOM   77  O  O   . VAL A 1 15 ? 0.349   -2.502  9.540   1.00 14.18 ? 15  VAL A O   1 
ATOM   78  C  CB  . VAL A 1 15 ? -1.470  0.184   9.234   1.00 16.00 ? 15  VAL A CB  1 
ATOM   79  C  CG1 . VAL A 1 15 ? -0.748  -0.024  7.908   1.00 15.86 ? 15  VAL A CG1 1 
ATOM   80  C  CG2 . VAL A 1 15 ? -2.924  0.594   8.954   1.00 15.63 ? 15  VAL A CG2 1 
ATOM   81  N  N   . ALA A 1 16 ? 0.654   -1.108  11.279  1.00 14.99 ? 16  ALA A N   1 
ATOM   82  C  CA  . ALA A 1 16 ? 2.030   -1.494  11.525  1.00 16.12 ? 16  ALA A CA  1 
ATOM   83  C  C   . ALA A 1 16 ? 2.192   -2.946  11.940  1.00 16.19 ? 16  ALA A C   1 
ATOM   84  O  O   . ALA A 1 16 ? 3.312   -3.457  11.861  1.00 16.69 ? 16  ALA A O   1 
ATOM   85  C  CB  . ALA A 1 16 ? 2.604   -0.571  12.601  1.00 17.38 ? 16  ALA A CB  1 
ATOM   86  N  N   . GLU A 1 17 ? 1.159   -3.654  12.340  1.00 17.12 ? 17  GLU A N   1 
ATOM   87  C  CA  . GLU A 1 17 ? 1.241   -5.078  12.675  1.00 18.18 ? 17  GLU A CA  1 
ATOM   88  C  C   . GLU A 1 17 ? 1.327   -5.969  11.442  1.00 18.00 ? 17  GLU A C   1 
ATOM   89  O  O   . GLU A 1 17 ? 1.572   -7.178  11.474  1.00 17.59 ? 17  GLU A O   1 
ATOM   90  C  CB  . GLU A 1 17 ? -0.019  -5.516  13.447  1.00 20.68 ? 17  GLU A CB  1 
ATOM   91  C  CG  . GLU A 1 17 ? -0.091  -4.913  14.844  1.00 24.20 ? 17  GLU A CG  1 
ATOM   92  C  CD  . GLU A 1 17 ? 1.039   -5.423  15.722  1.00 27.51 ? 17  GLU A CD  1 
ATOM   93  O  OE1 . GLU A 1 17 ? 1.152   -6.656  15.833  1.00 30.19 ? 17  GLU A OE1 1 
ATOM   94  O  OE2 . GLU A 1 17 ? 1.841   -4.629  16.233  1.00 30.28 ? 17  GLU A OE2 1 
ATOM   95  N  N   . HIS A 1 18 ? 1.018   -5.370  10.269  1.00 16.69 ? 18  HIS A N   1 
ATOM   96  C  CA  . HIS A 1 18 ? 1.015   -6.067  9.002   1.00 15.75 ? 18  HIS A CA  1 
ATOM   97  C  C   . HIS A 1 18 ? 2.155   -5.444  8.187   1.00 16.75 ? 18  HIS A C   1 
ATOM   98  O  O   . HIS A 1 18 ? 1.968   -4.707  7.213   1.00 16.46 ? 18  HIS A O   1 
ATOM   99  C  CB  . HIS A 1 18 ? -0.335  -5.879  8.296   1.00 15.30 ? 18  HIS A CB  1 
ATOM   100 C  CG  . HIS A 1 18 ? -1.478  -6.321  9.174   1.00 14.55 ? 18  HIS A CG  1 
ATOM   101 N  ND1 . HIS A 1 18 ? -2.065  -7.561  9.104   1.00 14.93 ? 18  HIS A ND1 1 
ATOM   102 C  CD2 . HIS A 1 18 ? -2.125  -5.635  10.158  1.00 14.32 ? 18  HIS A CD2 1 
ATOM   103 C  CE1 . HIS A 1 18 ? -3.024  -7.607  10.011  1.00 15.35 ? 18  HIS A CE1 1 
ATOM   104 N  NE2 . HIS A 1 18 ? -3.104  -6.458  10.656  1.00 14.42 ? 18  HIS A NE2 1 
ATOM   105 N  N   . HIS A 1 19 ? 3.355   -5.870  8.589   1.00 16.11 ? 19  HIS A N   1 
ATOM   106 C  CA  . HIS A 1 19 ? 4.550   -5.247  8.012   1.00 17.97 ? 19  HIS A CA  1 
ATOM   107 C  C   . HIS A 1 19 ? 5.480   -6.187  7.308   1.00 18.00 ? 19  HIS A C   1 
ATOM   108 O  O   . HIS A 1 19 ? 6.657   -5.847  7.179   1.00 19.48 ? 19  HIS A O   1 
ATOM   109 C  CB  . HIS A 1 19 ? 5.250   -4.537  9.192   1.00 18.90 ? 19  HIS A CB  1 
ATOM   110 C  CG  . HIS A 1 19 ? 5.781   -5.451  10.257  1.00 19.95 ? 19  HIS A CG  1 
ATOM   111 N  ND1 . HIS A 1 19 ? 7.033   -6.042  10.188  1.00 22.50 ? 19  HIS A ND1 1 
ATOM   112 C  CD2 . HIS A 1 19 ? 5.229   -5.873  11.424  1.00 22.22 ? 19  HIS A CD2 1 
ATOM   113 C  CE1 . HIS A 1 19 ? 7.219   -6.785  11.266  1.00 21.70 ? 19  HIS A CE1 1 
ATOM   114 N  NE2 . HIS A 1 19 ? 6.146   -6.709  12.033  1.00 21.29 ? 19  HIS A NE2 1 
ATOM   115 N  N   . SER A 1 20 ? 5.030   -7.314  6.784   1.00 18.15 ? 20  SER A N   1 
ATOM   116 C  CA  . SER A 1 20 ? 5.940   -8.254  6.117   1.00 19.40 ? 20  SER A CA  1 
ATOM   117 C  C   . SER A 1 20 ? 5.425   -8.625  4.754   1.00 20.22 ? 20  SER A C   1 
ATOM   118 O  O   . SER A 1 20 ? 4.240   -8.436  4.441   1.00 17.87 ? 20  SER A O   1 
ATOM   119 C  CB  . SER A 1 20 ? 5.997   -9.502  7.001   1.00 18.71 ? 20  SER A CB  1 
ATOM   120 O  OG  A SER A 1 20 ? 6.250   -9.185  8.361   0.50 22.15 ? 20  SER A OG  1 
ATOM   121 O  OG  B SER A 1 20 ? 4.723   -10.064 7.204   0.50 15.72 ? 20  SER A OG  1 
ATOM   122 N  N   . PRO A 1 21 ? 6.223   -9.264  3.907   1.00 21.21 ? 21  PRO A N   1 
ATOM   123 C  CA  . PRO A 1 21 ? 5.789   -9.674  2.581   1.00 22.04 ? 21  PRO A CA  1 
ATOM   124 C  C   . PRO A 1 21 ? 4.586   -10.600 2.569   1.00 21.10 ? 21  PRO A C   1 
ATOM   125 O  O   . PRO A 1 21 ? 3.718   -10.505 1.697   1.00 22.46 ? 21  PRO A O   1 
ATOM   126 C  CB  . PRO A 1 21 ? 7.025   -10.357 1.991   1.00 22.01 ? 21  PRO A CB  1 
ATOM   127 C  CG  . PRO A 1 21 ? 8.163   -9.755  2.735   1.00 22.16 ? 21  PRO A CG  1 
ATOM   128 C  CD  . PRO A 1 21 ? 7.671   -9.529  4.144   1.00 21.95 ? 21  PRO A CD  1 
ATOM   129 N  N   . ASP A 1 22 ? 4.468   -11.454 3.588   1.00 19.21 ? 22  ASP A N   1 
ATOM   130 C  CA  . ASP A 1 22 ? 3.355   -12.368 3.706   1.00 18.83 ? 22  ASP A CA  1 
ATOM   131 C  C   . ASP A 1 22 ? 2.205   -11.796 4.517   1.00 16.22 ? 22  ASP A C   1 
ATOM   132 O  O   . ASP A 1 22 ? 1.218   -12.509 4.696   1.00 16.39 ? 22  ASP A O   1 
ATOM   133 C  CB  . ASP A 1 22 ? 3.807   -13.710 4.293   1.00 20.45 ? 22  ASP A CB  1 
ATOM   134 C  CG  . ASP A 1 22 ? 4.223   -13.628 5.741   1.00 23.53 ? 22  ASP A CG  1 
ATOM   135 O  OD1 . ASP A 1 22 ? 4.439   -14.711 6.343   1.00 24.24 ? 22  ASP A OD1 1 
ATOM   136 O  OD2 . ASP A 1 22 ? 4.375   -12.544 6.326   1.00 23.47 ? 22  ASP A OD2 1 
ATOM   137 N  N   . ASP A 1 23 ? 2.234   -10.525 4.889   1.00 15.78 ? 23  ASP A N   1 
ATOM   138 C  CA  . ASP A 1 23 ? 1.126   -9.913  5.641   1.00 15.63 ? 23  ASP A CA  1 
ATOM   139 C  C   . ASP A 1 23 ? 1.351   -8.411  5.565   1.00 15.51 ? 23  ASP A C   1 
ATOM   140 O  O   . ASP A 1 23 ? 1.986   -7.806  6.436   1.00 14.88 ? 23  ASP A O   1 
ATOM   141 C  CB  . ASP A 1 23 ? 1.113   -10.364 7.104   1.00 16.96 ? 23  ASP A CB  1 
ATOM   142 C  CG  . ASP A 1 23 ? -0.103  -9.910  7.881   1.00 17.07 ? 23  ASP A CG  1 
ATOM   143 O  OD1 . ASP A 1 23 ? -0.192  -10.188 9.110   1.00 17.77 ? 23  ASP A OD1 1 
ATOM   144 O  OD2 . ASP A 1 23 ? -1.009  -9.267  7.336   1.00 16.56 ? 23  ASP A OD2 1 
ATOM   145 N  N   . CYS A 1 24 ? 1.012   -7.827  4.427   1.00 14.05 ? 24  CYS A N   1 
ATOM   146 C  CA  . CYS A 1 24 ? 1.399   -6.467  4.081   1.00 14.33 ? 24  CYS A CA  1 
ATOM   147 C  C   . CYS A 1 24 ? 0.244   -5.495  3.909   1.00 14.26 ? 24  CYS A C   1 
ATOM   148 O  O   . CYS A 1 24 ? -0.442  -5.586  2.878   1.00 15.55 ? 24  CYS A O   1 
ATOM   149 C  CB  . CYS A 1 24 ? 2.170   -6.577  2.749   1.00 15.45 ? 24  CYS A CB  1 
ATOM   150 S  SG  . CYS A 1 24 ? 2.803   -5.006  2.092   1.00 14.42 ? 24  CYS A SG  1 
ATOM   151 N  N   . TRP A 1 25 ? 0.036   -4.634  4.894   1.00 13.79 ? 25  TRP A N   1 
ATOM   152 C  CA  . TRP A 1 25 ? -0.996  -3.587  4.762   1.00 14.11 ? 25  TRP A CA  1 
ATOM   153 C  C   . TRP A 1 25 ? -0.288  -2.245  4.608   1.00 15.51 ? 25  TRP A C   1 
ATOM   154 O  O   . TRP A 1 25 ? 0.868   -2.067  5.039   1.00 16.13 ? 25  TRP A O   1 
ATOM   155 C  CB  . TRP A 1 25 ? -1.869  -3.517  6.017   1.00 14.38 ? 25  TRP A CB  1 
ATOM   156 C  CG  . TRP A 1 25 ? -2.817  -4.663  6.239   1.00 13.99 ? 25  TRP A CG  1 
ATOM   157 C  CD1 . TRP A 1 25 ? -2.868  -5.888  5.652   1.00 14.76 ? 25  TRP A CD1 1 
ATOM   158 C  CD2 . TRP A 1 25 ? -3.869  -4.663  7.225   1.00 14.84 ? 25  TRP A CD2 1 
ATOM   159 N  NE1 . TRP A 1 25 ? -3.898  -6.655  6.172   1.00 16.32 ? 25  TRP A NE1 1 
ATOM   160 C  CE2 . TRP A 1 25 ? -4.511  -5.906  7.161   1.00 15.75 ? 25  TRP A CE2 1 
ATOM   161 C  CE3 . TRP A 1 25 ? -4.309  -3.699  8.141   1.00 15.01 ? 25  TRP A CE3 1 
ATOM   162 C  CZ2 . TRP A 1 25 ? -5.566  -6.245  8.007   1.00 16.39 ? 25  TRP A CZ2 1 
ATOM   163 C  CZ3 . TRP A 1 25 ? -5.376  -4.012  8.979   1.00 17.04 ? 25  TRP A CZ3 1 
ATOM   164 C  CH2 . TRP A 1 25 ? -5.989  -5.276  8.882   1.00 16.66 ? 25  TRP A CH2 1 
ATOM   165 N  N   . MET A 1 26 ? -0.922  -1.296  3.926   1.00 13.80 ? 26  MET A N   1 
ATOM   166 C  CA  . MET A 1 26 ? -0.338  0.048   3.882   1.00 13.72 ? 26  MET A CA  1 
ATOM   167 C  C   . MET A 1 26 ? -1.430  1.096   4.089   1.00 14.18 ? 26  MET A C   1 
ATOM   168 O  O   . MET A 1 26 ? -2.578  0.779   3.835   1.00 15.52 ? 26  MET A O   1 
ATOM   169 C  CB  . MET A 1 26 ? 0.283   0.414   2.531   1.00 16.70 ? 26  MET A CB  1 
ATOM   170 C  CG  . MET A 1 26 ? 1.458   -0.462  2.180   1.00 16.24 ? 26  MET A CG  1 
ATOM   171 S  SD  . MET A 1 26 ? 2.173   0.080   0.613   1.00 16.39 ? 26  MET A SD  1 
ATOM   172 C  CE  . MET A 1 26 ? 3.285   -1.327  0.402   1.00 18.08 ? 26  MET A CE  1 
ATOM   173 N  N   . ALA A 1 27 ? -1.020  2.287   4.476   1.00 14.49 ? 27  ALA A N   1 
ATOM   174 C  CA  . ALA A 1 27 ? -1.971  3.405   4.539   1.00 15.03 ? 27  ALA A CA  1 
ATOM   175 C  C   . ALA A 1 27 ? -1.496  4.392   3.458   1.00 15.57 ? 27  ALA A C   1 
ATOM   176 O  O   . ALA A 1 27 ? -0.308  4.757   3.407   1.00 16.58 ? 27  ALA A O   1 
ATOM   177 C  CB  . ALA A 1 27 ? -2.021  4.069   5.901   1.00 15.66 ? 27  ALA A CB  1 
ATOM   178 N  N   . ILE A 1 28 ? -2.373  4.804   2.565   1.00 14.93 ? 28  ILE A N   1 
ATOM   179 C  CA  . ILE A 1 28 ? -2.059  5.740   1.471   1.00 15.03 ? 28  ILE A CA  1 
ATOM   180 C  C   . ILE A 1 28 ? -3.241  6.711   1.362   1.00 16.09 ? 28  ILE A C   1 
ATOM   181 O  O   . ILE A 1 28 ? -4.385  6.253   1.286   1.00 17.67 ? 28  ILE A O   1 
ATOM   182 C  CB  . ILE A 1 28 ? -1.868  5.046   0.119   1.00 15.05 ? 28  ILE A CB  1 
ATOM   183 C  CG1 . ILE A 1 28 ? -0.620  4.161   0.121   1.00 16.21 ? 28  ILE A CG1 1 
ATOM   184 C  CG2 . ILE A 1 28 ? -1.758  6.043   -1.041  1.00 16.18 ? 28  ILE A CG2 1 
ATOM   185 C  CD1 . ILE A 1 28 ? -0.582  3.143   -1.009  1.00 15.53 ? 28  ILE A CD1 1 
ATOM   186 N  N   . HIS A 1 29 ? -2.981  8.025   1.401   1.00 16.50 ? 29  HIS A N   1 
ATOM   187 C  CA  . HIS A 1 29 ? -4.072  8.993   1.320   1.00 18.46 ? 29  HIS A CA  1 
ATOM   188 C  C   . HIS A 1 29 ? -5.197  8.769   2.316   1.00 18.40 ? 29  HIS A C   1 
ATOM   189 O  O   . HIS A 1 29 ? -6.384  8.889   1.960   1.00 19.53 ? 29  HIS A O   1 
ATOM   190 C  CB  . HIS A 1 29 ? -4.656  8.988   -0.108  1.00 19.66 ? 29  HIS A CB  1 
ATOM   191 C  CG  . HIS A 1 29 ? -3.701  9.540   -1.125  1.00 21.72 ? 29  HIS A CG  1 
ATOM   192 N  ND1 . HIS A 1 29 ? -2.978  10.680  -0.885  1.00 24.35 ? 29  HIS A ND1 1 
ATOM   193 C  CD2 . HIS A 1 29 ? -3.394  9.122   -2.373  1.00 23.47 ? 29  HIS A CD2 1 
ATOM   194 C  CE1 . HIS A 1 29 ? -2.221  10.919  -1.950  1.00 23.73 ? 29  HIS A CE1 1 
ATOM   195 N  NE2 . HIS A 1 29 ? -2.422  9.986   -2.836  1.00 23.62 ? 29  HIS A NE2 1 
ATOM   196 N  N   . GLY A 1 30 ? -4.866  8.426   3.560   1.00 17.95 ? 30  GLY A N   1 
ATOM   197 C  CA  . GLY A 1 30 ? -5.866  8.216   4.598   1.00 18.29 ? 30  GLY A CA  1 
ATOM   198 C  C   . GLY A 1 30 ? -6.685  6.936   4.435   1.00 17.57 ? 30  GLY A C   1 
ATOM   199 O  O   . GLY A 1 30 ? -7.679  6.804   5.166   1.00 20.01 ? 30  GLY A O   1 
ATOM   200 N  N   . LYS A 1 31 ? -6.345  6.042   3.531   1.00 16.43 ? 31  LYS A N   1 
ATOM   201 C  CA  . LYS A 1 31 ? -7.088  4.799   3.323   1.00 16.31 ? 31  LYS A CA  1 
ATOM   202 C  C   . LYS A 1 31 ? -6.126  3.644   3.636   1.00 16.18 ? 31  LYS A C   1 
ATOM   203 O  O   . LYS A 1 31 ? -4.909  3.790   3.528   1.00 16.80 ? 31  LYS A O   1 
ATOM   204 C  CB  . LYS A 1 31 ? -7.683  4.671   1.925   1.00 17.43 ? 31  LYS A CB  1 
ATOM   205 C  CG  . LYS A 1 31 ? -8.794  5.692   1.670   1.00 20.66 ? 31  LYS A CG  1 
ATOM   206 C  CD  . LYS A 1 31 ? -9.185  5.787   0.202   1.00 22.06 ? 31  LYS A CD  1 
ATOM   207 C  CE  . LYS A 1 31 ? -8.179  6.577   -0.616  1.00 23.62 ? 31  LYS A CE  1 
ATOM   208 N  NZ  . LYS A 1 31 ? -8.169  8.028   -0.300  1.00 27.08 ? 31  LYS A NZ  1 
ATOM   209 N  N   . VAL A 1 32 ? -6.722  2.531   4.052   1.00 14.40 ? 32  VAL A N   1 
ATOM   210 C  CA  . VAL A 1 32 ? -5.954  1.343   4.410   1.00 14.81 ? 32  VAL A CA  1 
ATOM   211 C  C   . VAL A 1 32 ? -6.199  0.222   3.414   1.00 14.21 ? 32  VAL A C   1 
ATOM   212 O  O   . VAL A 1 32 ? -7.320  -0.041  2.976   1.00 14.29 ? 32  VAL A O   1 
ATOM   213 C  CB  . VAL A 1 32 ? -6.299  0.892   5.847   1.00 14.79 ? 32  VAL A CB  1 
ATOM   214 C  CG1 . VAL A 1 32 ? -5.554  -0.406  6.191   1.00 15.97 ? 32  VAL A CG1 1 
ATOM   215 C  CG2 . VAL A 1 32 ? -5.906  1.974   6.847   1.00 16.27 ? 32  VAL A CG2 1 
ATOM   216 N  N   . TYR A 1 33 ? -5.098  -0.414  2.978   1.00 14.28 ? 33  TYR A N   1 
ATOM   217 C  CA  . TYR A 1 33 ? -5.159  -1.431  1.943   1.00 14.03 ? 33  TYR A CA  1 
ATOM   218 C  C   . TYR A 1 33 ? -4.465  -2.714  2.405   1.00 14.31 ? 33  TYR A C   1 
ATOM   219 O  O   . TYR A 1 33 ? -3.376  -2.659  2.993   1.00 15.43 ? 33  TYR A O   1 
ATOM   220 C  CB  . TYR A 1 33 ? -4.360  -0.931  0.711   1.00 14.95 ? 33  TYR A CB  1 
ATOM   221 C  CG  . TYR A 1 33 ? -4.875  0.376   0.139   1.00 15.19 ? 33  TYR A CG  1 
ATOM   222 C  CD1 . TYR A 1 33 ? -4.443  1.585   0.663   1.00 15.79 ? 33  TYR A CD1 1 
ATOM   223 C  CD2 . TYR A 1 33 ? -5.846  0.373   -0.855  1.00 14.32 ? 33  TYR A CD2 1 
ATOM   224 C  CE1 . TYR A 1 33 ? -4.929  2.794   0.171   1.00 16.21 ? 33  TYR A CE1 1 
ATOM   225 C  CE2 . TYR A 1 33 ? -6.332  1.585   -1.352  1.00 15.23 ? 33  TYR A CE2 1 
ATOM   226 C  CZ  . TYR A 1 33 ? -5.885  2.761   -0.819  1.00 16.34 ? 33  TYR A CZ  1 
ATOM   227 O  OH  . TYR A 1 33 ? -6.392  3.957   -1.298  1.00 15.73 ? 33  TYR A OH  1 
ATOM   228 N  N   . ASP A 1 34 ? -5.015  -3.862  2.081   1.00 15.05 ? 34  ASP A N   1 
ATOM   229 C  CA  . ASP A 1 34 ? -4.389  -5.149  2.388   1.00 14.00 ? 34  ASP A CA  1 
ATOM   230 C  C   . ASP A 1 34 ? -3.799  -5.678  1.078   1.00 14.62 ? 34  ASP A C   1 
ATOM   231 O  O   . ASP A 1 34 ? -4.496  -6.142  0.183   1.00 15.09 ? 34  ASP A O   1 
ATOM   232 C  CB  . ASP A 1 34 ? -5.416  -6.114  2.974   1.00 17.63 ? 34  ASP A CB  1 
ATOM   233 C  CG  . ASP A 1 34 ? -4.803  -7.496  3.184   1.00 19.79 ? 34  ASP A CG  1 
ATOM   234 O  OD1 . ASP A 1 34 ? -3.647  -7.740  2.798   1.00 20.69 ? 34  ASP A OD1 1 
ATOM   235 O  OD2 . ASP A 1 34 ? -5.546  -8.317  3.780   1.00 24.98 ? 34  ASP A OD2 1 
ATOM   236 N  N   . LEU A 1 35 ? -2.501  -5.384  0.925   1.00 14.13 ? 35  LEU A N   1 
ATOM   237 C  CA  . LEU A 1 35 ? -1.813  -5.640  -0.335  1.00 15.21 ? 35  LEU A CA  1 
ATOM   238 C  C   . LEU A 1 35 ? -1.069  -6.950  -0.428  1.00 15.46 ? 35  LEU A C   1 
ATOM   239 O  O   . LEU A 1 35 ? -0.376  -7.247  -1.418  1.00 14.81 ? 35  LEU A O   1 
ATOM   240 C  CB  . LEU A 1 35 ? -0.866  -4.437  -0.539  1.00 15.49 ? 35  LEU A CB  1 
ATOM   241 C  CG  . LEU A 1 35 ? -1.597  -3.133  -0.901  1.00 15.00 ? 35  LEU A CG  1 
ATOM   242 C  CD1 . LEU A 1 35 ? -0.764  -1.893  -0.592  1.00 16.06 ? 35  LEU A CD1 1 
ATOM   243 C  CD2 . LEU A 1 35 ? -1.981  -3.145  -2.380  1.00 15.87 ? 35  LEU A CD2 1 
ATOM   244 N  N   . THR A 1 36 ? -1.290  -7.828  0.556   1.00 14.91 ? 36  THR A N   1 
ATOM   245 C  CA  . THR A 1 36 ? -0.626  -9.138  0.592   1.00 16.66 ? 36  THR A CA  1 
ATOM   246 C  C   . THR A 1 36 ? -0.716  -9.937  -0.693  1.00 17.54 ? 36  THR A C   1 
ATOM   247 O  O   . THR A 1 36 ? 0.314   -10.372 -1.254  1.00 19.35 ? 36  THR A O   1 
ATOM   248 C  CB  . THR A 1 36 ? -1.133  -9.970  1.781   1.00 16.60 ? 36  THR A CB  1 
ATOM   249 O  OG1 . THR A 1 36 ? -1.097  -9.154  2.952   1.00 16.65 ? 36  THR A OG1 1 
ATOM   250 C  CG2 . THR A 1 36 ? -0.238  -11.183 1.998   1.00 17.63 ? 36  THR A CG2 1 
ATOM   251 N  N   . PRO A 1 37 ? -1.887  -10.111 -1.298  1.00 16.26 ? 37  PRO A N   1 
ATOM   252 C  CA  . PRO A 1 37 ? -2.043  -10.831 -2.550  1.00 17.57 ? 37  PRO A CA  1 
ATOM   253 C  C   . PRO A 1 37 ? -1.357  -10.102 -3.704  1.00 18.18 ? 37  PRO A C   1 
ATOM   254 O  O   . PRO A 1 37 ? -0.872  -10.767 -4.631  1.00 19.83 ? 37  PRO A O   1 
ATOM   255 C  CB  . PRO A 1 37 ? -3.564  -10.914 -2.795  1.00 16.89 ? 37  PRO A CB  1 
ATOM   256 C  CG  . PRO A 1 37 ? -4.073  -9.736  -2.002  1.00 18.33 ? 37  PRO A CG  1 
ATOM   257 C  CD  . PRO A 1 37 ? -3.209  -9.725  -0.762  1.00 17.15 ? 37  PRO A CD  1 
ATOM   258 N  N   . TYR A 1 38 ? -1.246  -8.789  -3.639  1.00 18.42 ? 38  TYR A N   1 
ATOM   259 C  CA  . TYR A 1 38 ? -0.648  -8.051  -4.764  1.00 20.24 ? 38  TYR A CA  1 
ATOM   260 C  C   . TYR A 1 38 ? 0.863   -8.094  -4.787  1.00 22.19 ? 38  TYR A C   1 
ATOM   261 O  O   . TYR A 1 38 ? 1.457   -8.028  -5.865  1.00 22.87 ? 38  TYR A O   1 
ATOM   262 C  CB  . TYR A 1 38 ? -1.161  -6.599  -4.734  1.00 19.57 ? 38  TYR A CB  1 
ATOM   263 C  CG  . TYR A 1 38 ? -0.633  -5.830  -5.937  1.00 18.86 ? 38  TYR A CG  1 
ATOM   264 C  CD1 . TYR A 1 38 ? 0.448   -4.969  -5.802  1.00 18.86 ? 38  TYR A CD1 1 
ATOM   265 C  CD2 . TYR A 1 38 ? -1.145  -6.094  -7.196  1.00 20.39 ? 38  TYR A CD2 1 
ATOM   266 C  CE1 . TYR A 1 38 ? 0.969   -4.341  -6.925  1.00 19.68 ? 38  TYR A CE1 1 
ATOM   267 C  CE2 . TYR A 1 38 ? -0.631  -5.460  -8.319  1.00 20.05 ? 38  TYR A CE2 1 
ATOM   268 C  CZ  . TYR A 1 38 ? 0.435   -4.596  -8.167  1.00 19.79 ? 38  TYR A CZ  1 
ATOM   269 O  OH  . TYR A 1 38 ? 0.947   -3.987  -9.289  1.00 19.87 ? 38  TYR A OH  1 
ATOM   270 N  N   . VAL A 1 39 ? 1.510   -8.299  -3.652  1.00 23.04 ? 39  VAL A N   1 
ATOM   271 C  CA  . VAL A 1 39 ? 2.948   -8.316  -3.488  1.00 26.73 ? 39  VAL A CA  1 
ATOM   272 C  C   . VAL A 1 39 ? 3.744   -8.914  -4.627  1.00 27.21 ? 39  VAL A C   1 
ATOM   273 O  O   . VAL A 1 39 ? 4.484   -8.187  -5.301  1.00 27.52 ? 39  VAL A O   1 
ATOM   274 C  CB  . VAL A 1 39 ? 3.316   -8.947  -2.126  1.00 28.12 ? 39  VAL A CB  1 
ATOM   275 C  CG1 . VAL A 1 39 ? 4.764   -9.398  -2.011  1.00 30.53 ? 39  VAL A CG1 1 
ATOM   276 C  CG2 . VAL A 1 39 ? 3.064   -7.897  -1.034  1.00 29.09 ? 39  VAL A CG2 1 
ATOM   277 N  N   . PRO A 1 40 ? 3.539   -10.172 -4.983  1.00 27.57 ? 40  PRO A N   1 
ATOM   278 C  CA  . PRO A 1 40 ? 4.326   -10.811 -6.030  1.00 28.35 ? 40  PRO A CA  1 
ATOM   279 C  C   . PRO A 1 40 ? 4.055   -10.282 -7.416  1.00 28.48 ? 40  PRO A C   1 
ATOM   280 O  O   . PRO A 1 40 ? 4.816   -10.559 -8.355  1.00 30.64 ? 40  PRO A O   1 
ATOM   281 C  CB  . PRO A 1 40 ? 3.986   -12.295 -5.882  1.00 28.19 ? 40  PRO A CB  1 
ATOM   282 C  CG  . PRO A 1 40 ? 2.629   -12.289 -5.261  1.00 28.73 ? 40  PRO A CG  1 
ATOM   283 C  CD  . PRO A 1 40 ? 2.667   -11.145 -4.275  1.00 28.01 ? 40  PRO A CD  1 
ATOM   284 N  N   . ASN A 1 41 ? 2.992   -9.510  -7.617  1.00 27.00 ? 41  ASN A N   1 
ATOM   285 C  CA  . ASN A 1 41 ? 2.640   -8.998  -8.927  1.00 26.16 ? 41  ASN A CA  1 
ATOM   286 C  C   . ASN A 1 41 ? 3.146   -7.588  -9.203  1.00 24.14 ? 41  ASN A C   1 
ATOM   287 O  O   . ASN A 1 41 ? 2.880   -7.078  -10.290 1.00 24.10 ? 41  ASN A O   1 
ATOM   288 C  CB  . ASN A 1 41 ? 1.117   -9.014  -9.075  1.00 28.91 ? 41  ASN A CB  1 
ATOM   289 C  CG  . ASN A 1 41 ? 0.606   -10.448 -9.083  1.00 31.34 ? 41  ASN A CG  1 
ATOM   290 O  OD1 . ASN A 1 41 ? 1.230   -11.355 -9.636  1.00 33.15 ? 41  ASN A OD1 1 
ATOM   291 N  ND2 . ASN A 1 41 ? -0.534  -10.622 -8.431  1.00 33.14 ? 41  ASN A ND2 1 
ATOM   292 N  N   . HIS A 1 42 ? 3.721   -6.927  -8.212  1.00 22.43 ? 42  HIS A N   1 
ATOM   293 C  CA  . HIS A 1 42 ? 4.153   -5.547  -8.444  1.00 21.30 ? 42  HIS A CA  1 
ATOM   294 C  C   . HIS A 1 42 ? 5.246   -5.473  -9.513  1.00 22.29 ? 42  HIS A C   1 
ATOM   295 O  O   . HIS A 1 42 ? 6.249   -6.168  -9.376  1.00 23.42 ? 42  HIS A O   1 
ATOM   296 C  CB  . HIS A 1 42 ? 4.684   -4.965  -7.125  1.00 20.25 ? 42  HIS A CB  1 
ATOM   297 C  CG  . HIS A 1 42 ? 5.022   -3.506  -7.213  1.00 19.77 ? 42  HIS A CG  1 
ATOM   298 N  ND1 . HIS A 1 42 ? 6.257   -2.971  -6.927  1.00 19.70 ? 42  HIS A ND1 1 
ATOM   299 C  CD2 . HIS A 1 42 ? 4.236   -2.475  -7.610  1.00 19.07 ? 42  HIS A CD2 1 
ATOM   300 C  CE1 . HIS A 1 42 ? 6.230   -1.665  -7.119  1.00 18.38 ? 42  HIS A CE1 1 
ATOM   301 N  NE2 . HIS A 1 42 ? 5.023   -1.339  -7.534  1.00 18.07 ? 42  HIS A NE2 1 
ATOM   302 N  N   . PRO A 1 43 ? 5.069   -4.642  -10.518 1.00 22.32 ? 43  PRO A N   1 
ATOM   303 C  CA  . PRO A 1 43 ? 6.072   -4.464  -11.572 1.00 23.75 ? 43  PRO A CA  1 
ATOM   304 C  C   . PRO A 1 43 ? 7.282   -3.707  -11.039 1.00 23.92 ? 43  PRO A C   1 
ATOM   305 O  O   . PRO A 1 43 ? 7.310   -3.184  -9.923  1.00 23.42 ? 43  PRO A O   1 
ATOM   306 C  CB  . PRO A 1 43 ? 5.360   -3.644  -12.637 1.00 23.99 ? 43  PRO A CB  1 
ATOM   307 C  CG  . PRO A 1 43 ? 3.905   -3.719  -12.298 1.00 24.07 ? 43  PRO A CG  1 
ATOM   308 C  CD  . PRO A 1 43 ? 3.902   -3.765  -10.776 1.00 23.43 ? 43  PRO A CD  1 
ATOM   309 N  N   . GLY A 1 44 ? 8.348   -3.629  -11.839 1.00 24.72 ? 44  GLY A N   1 
ATOM   310 C  CA  . GLY A 1 44 ? 9.543   -2.893  -11.452 1.00 25.95 ? 44  GLY A CA  1 
ATOM   311 C  C   . GLY A 1 44 ? 10.566  -3.724  -10.695 1.00 25.44 ? 44  GLY A C   1 
ATOM   312 O  O   . GLY A 1 44 ? 10.464  -4.940  -10.502 1.00 26.36 ? 44  GLY A O   1 
ATOM   313 N  N   . PRO A 1 45 ? 11.581  -3.044  -10.181 1.00 26.97 ? 45  PRO A N   1 
ATOM   314 C  CA  . PRO A 1 45 ? 12.665  -3.672  -9.438  1.00 27.13 ? 45  PRO A CA  1 
ATOM   315 C  C   . PRO A 1 45 ? 12.132  -4.482  -8.272  1.00 27.31 ? 45  PRO A C   1 
ATOM   316 O  O   . PRO A 1 45 ? 11.242  -4.044  -7.545  1.00 24.88 ? 45  PRO A O   1 
ATOM   317 C  CB  . PRO A 1 45 ? 13.557  -2.518  -9.012  1.00 28.15 ? 45  PRO A CB  1 
ATOM   318 C  CG  . PRO A 1 45 ? 13.297  -1.480  -10.064 1.00 28.79 ? 45  PRO A CG  1 
ATOM   319 C  CD  . PRO A 1 45 ? 11.807  -1.574  -10.312 1.00 26.60 ? 45  PRO A CD  1 
ATOM   320 N  N   . ALA A 1 46 ? 12.645  -5.701  -8.134  1.00 27.44 ? 46  ALA A N   1 
ATOM   321 C  CA  . ALA A 1 46 ? 12.211  -6.612  -7.093  1.00 26.69 ? 46  ALA A CA  1 
ATOM   322 C  C   . ALA A 1 46 ? 12.208  -5.973  -5.715  1.00 26.86 ? 46  ALA A C   1 
ATOM   323 O  O   . ALA A 1 46 ? 13.095  -5.217  -5.345  1.00 27.06 ? 46  ALA A O   1 
ATOM   324 C  CB  . ALA A 1 46 ? 13.136  -7.839  -7.083  1.00 28.55 ? 46  ALA A CB  1 
ATOM   325 N  N   . GLY A 1 47 ? 11.124  -6.169  -4.970  1.00 26.27 ? 47  GLY A N   1 
ATOM   326 C  CA  . GLY A 1 47 ? 11.003  -5.734  -3.609  1.00 25.39 ? 47  GLY A CA  1 
ATOM   327 C  C   . GLY A 1 47 ? 10.884  -4.285  -3.221  1.00 25.68 ? 47  GLY A C   1 
ATOM   328 O  O   . GLY A 1 47 ? 10.908  -4.000  -2.013  1.00 26.31 ? 47  GLY A O   1 
ATOM   329 N  N   . MET A 1 48 ? 10.543  -3.352  -4.101  1.00 24.14 ? 48  MET A N   1 
ATOM   330 C  CA  . MET A 1 48 ? 10.389  -1.946  -3.767  1.00 22.93 ? 48  MET A CA  1 
ATOM   331 C  C   . MET A 1 48 ? 9.205   -1.606  -2.887  1.00 23.24 ? 48  MET A C   1 
ATOM   332 O  O   . MET A 1 48 ? 9.136   -0.657  -2.105  1.00 21.59 ? 48  MET A O   1 
ATOM   333 C  CB  . MET A 1 48 ? 10.201  -1.186  -5.121  1.00 23.48 ? 48  MET A CB  1 
ATOM   334 C  CG  . MET A 1 48 ? 11.581  -1.188  -5.787  1.00 24.89 ? 48  MET A CG  1 
ATOM   335 S  SD  A MET A 1 48 ? 12.485  0.237   -5.145  0.50 22.95 ? 48  MET A SD  1 
ATOM   336 S  SD  B MET A 1 48 ? 12.127  0.273   -6.654  0.50 23.09 ? 48  MET A SD  1 
ATOM   337 C  CE  . MET A 1 48 ? 11.417  1.581   -5.629  1.00 24.82 ? 48  MET A CE  1 
ATOM   338 N  N   . MET A 1 49 ? 8.158   -2.412  -3.066  1.00 23.64 ? 49  MET A N   1 
ATOM   339 C  CA  . MET A 1 49 ? 6.942   -2.165  -2.273  1.00 24.71 ? 49  MET A CA  1 
ATOM   340 C  C   . MET A 1 49 ? 7.108   -2.711  -0.882  1.00 24.06 ? 49  MET A C   1 
ATOM   341 O  O   . MET A 1 49 ? 6.591   -2.174  0.108   1.00 23.31 ? 49  MET A O   1 
ATOM   342 C  CB  . MET A 1 49 ? 5.837   -2.809  -3.115  1.00 26.32 ? 49  MET A CB  1 
ATOM   343 C  CG  . MET A 1 49 ? 4.430   -2.404  -2.741  1.00 26.51 ? 49  MET A CG  1 
ATOM   344 S  SD  . MET A 1 49 ? 3.301   -3.413  -3.740  1.00 25.47 ? 49  MET A SD  1 
ATOM   345 C  CE  A MET A 1 49 ? 1.826   -3.260  -2.738  0.50 26.10 ? 49  MET A CE  1 
ATOM   346 C  CE  B MET A 1 49 ? 3.858   -5.065  -3.368  0.50 25.85 ? 49  MET A CE  1 
ATOM   347 N  N   . LEU A 1 50 ? 7.940   -3.760  -0.716  1.00 24.65 ? 50  LEU A N   1 
ATOM   348 C  CA  . LEU A 1 50 ? 8.120   -4.383  0.586   1.00 24.95 ? 50  LEU A CA  1 
ATOM   349 C  C   . LEU A 1 50 ? 8.622   -3.487  1.687   1.00 22.95 ? 50  LEU A C   1 
ATOM   350 O  O   . LEU A 1 50 ? 8.146   -3.637  2.824   1.00 22.04 ? 50  LEU A O   1 
ATOM   351 C  CB  . LEU A 1 50 ? 9.043   -5.615  0.487   1.00 26.66 ? 50  LEU A CB  1 
ATOM   352 C  CG  . LEU A 1 50 ? 8.611   -6.610  -0.593  1.00 29.12 ? 50  LEU A CG  1 
ATOM   353 C  CD1 . LEU A 1 50 ? 9.594   -7.774  -0.660  1.00 30.69 ? 50  LEU A CD1 1 
ATOM   354 C  CD2 . LEU A 1 50 ? 7.199   -7.138  -0.358  1.00 30.11 ? 50  LEU A CD2 1 
ATOM   355 N  N   . VAL A 1 51 ? 9.435   -2.463  1.410   1.00 22.70 ? 51  VAL A N   1 
ATOM   356 C  CA  . VAL A 1 51 ? 9.888   -1.564  2.460   1.00 23.05 ? 51  VAL A CA  1 
ATOM   357 C  C   . VAL A 1 51 ? 8.733   -0.783  3.074   1.00 22.61 ? 51  VAL A C   1 
ATOM   358 O  O   . VAL A 1 51 ? 8.870   -0.287  4.185   1.00 24.38 ? 51  VAL A O   1 
ATOM   359 C  CB  . VAL A 1 51 ? 11.011  -0.607  1.972   1.00 25.79 ? 51  VAL A CB  1 
ATOM   360 C  CG1 . VAL A 1 51 ? 11.534  -0.994  0.597   1.00 27.35 ? 51  VAL A CG1 1 
ATOM   361 C  CG2 . VAL A 1 51 ? 10.703  0.866   2.024   1.00 25.04 ? 51  VAL A CG2 1 
ATOM   362 N  N   . TRP A 1 52 ? 7.592   -0.669  2.375   1.00 19.53 ? 52  TRP A N   1 
ATOM   363 C  CA  . TRP A 1 52 ? 6.466   0.092   2.896   1.00 17.46 ? 52  TRP A CA  1 
ATOM   364 C  C   . TRP A 1 52 ? 5.393   -0.763  3.559   1.00 15.64 ? 52  TRP A C   1 
ATOM   365 O  O   . TRP A 1 52 ? 4.445   -0.167  4.097   1.00 16.89 ? 52  TRP A O   1 
ATOM   366 C  CB  . TRP A 1 52 ? 5.836   0.949   1.757   1.00 15.71 ? 52  TRP A CB  1 
ATOM   367 C  CG  . TRP A 1 52 ? 6.915   1.878   1.251   1.00 15.97 ? 52  TRP A CG  1 
ATOM   368 C  CD1 . TRP A 1 52 ? 7.721   1.741   0.162   1.00 16.87 ? 52  TRP A CD1 1 
ATOM   369 C  CD2 . TRP A 1 52 ? 7.382   3.013   1.979   1.00 16.09 ? 52  TRP A CD2 1 
ATOM   370 N  NE1 . TRP A 1 52 ? 8.669   2.741   0.162   1.00 17.33 ? 52  TRP A NE1 1 
ATOM   371 C  CE2 . TRP A 1 52 ? 8.482   3.541   1.253   1.00 17.59 ? 52  TRP A CE2 1 
ATOM   372 C  CE3 . TRP A 1 52 ? 6.974   3.643   3.157   1.00 17.78 ? 52  TRP A CE3 1 
ATOM   373 C  CZ2 . TRP A 1 52 ? 9.159   4.674   1.692   1.00 18.58 ? 52  TRP A CZ2 1 
ATOM   374 C  CZ3 . TRP A 1 52 ? 7.650   4.773   3.595   1.00 19.22 ? 52  TRP A CZ3 1 
ATOM   375 C  CH2 . TRP A 1 52 ? 8.735   5.269   2.843   1.00 18.86 ? 52  TRP A CH2 1 
ATOM   376 N  N   . CYS A 1 53 ? 5.548   -2.081  3.591   1.00 17.33 ? 53  CYS A N   1 
ATOM   377 C  CA  . CYS A 1 53 ? 4.504   -2.858  4.305   1.00 15.51 ? 53  CYS A CA  1 
ATOM   378 C  C   . CYS A 1 53 ? 4.470   -2.384  5.754   1.00 15.79 ? 53  CYS A C   1 
ATOM   379 O  O   . CYS A 1 53 ? 5.494   -2.177  6.428   1.00 15.83 ? 53  CYS A O   1 
ATOM   380 C  CB  . CYS A 1 53 ? 4.850   -4.346  4.271   1.00 16.10 ? 53  CYS A CB  1 
ATOM   381 S  SG  . CYS A 1 53 ? 4.772   -5.045  2.617   1.00 15.38 ? 53  CYS A SG  1 
ATOM   382 N  N   . GLY A 1 54 ? 3.258   -2.174  6.245   1.00 14.26 ? 54  GLY A N   1 
ATOM   383 C  CA  . GLY A 1 54 ? 2.952   -1.743  7.590   1.00 14.92 ? 54  GLY A CA  1 
ATOM   384 C  C   . GLY A 1 54 ? 3.031   -0.245  7.802   1.00 16.13 ? 54  GLY A C   1 
ATOM   385 O  O   . GLY A 1 54 ? 2.824   0.218   8.916   1.00 17.34 ? 54  GLY A O   1 
ATOM   386 N  N   . GLN A 1 55 ? 3.289   0.557   6.748   1.00 20.00 ? 55  GLN A N   1 
ATOM   387 C  CA  . GLN A 1 55 ? 3.508   1.969   6.924   1.00 20.00 ? 55  GLN A CA  1 
ATOM   388 C  C   . GLN A 1 55 ? 2.494   2.879   6.221   1.00 20.00 ? 55  GLN A C   1 
ATOM   389 O  O   . GLN A 1 55 ? 1.877   2.520   5.228   1.00 20.00 ? 55  GLN A O   1 
ATOM   390 C  CB  . GLN A 1 55 ? 4.925   2.349   6.407   1.00 20.00 ? 55  GLN A CB  1 
ATOM   391 C  CG  . GLN A 1 55 ? 6.052   1.597   7.115   1.00 20.00 ? 55  GLN A CG  1 
ATOM   392 C  CD  . GLN A 1 55 ? 6.131   2.247   8.496   1.00 20.00 ? 55  GLN A CD  1 
ATOM   393 O  OE1 . GLN A 1 55 ? 6.023   3.469   8.606   1.00 20.00 ? 55  GLN A OE1 1 
ATOM   394 N  NE2 . GLN A 1 55 ? 6.316   1.505   9.568   1.00 20.00 ? 55  GLN A NE2 1 
ATOM   395 N  N   . GLU A 1 56 ? 2.525   4.132   6.673   1.00 16.12 ? 56  GLU A N   1 
ATOM   396 C  CA  . GLU A 1 56 ? 1.969   5.255   5.910   1.00 16.57 ? 56  GLU A CA  1 
ATOM   397 C  C   . GLU A 1 56 ? 2.956   5.489   4.760   1.00 17.12 ? 56  GLU A C   1 
ATOM   398 O  O   . GLU A 1 56 ? 4.160   5.693   4.977   1.00 17.50 ? 56  GLU A O   1 
ATOM   399 C  CB  . GLU A 1 56 ? 1.872   6.474   6.823   1.00 17.69 ? 56  GLU A CB  1 
ATOM   400 C  CG  . GLU A 1 56 ? 0.813   7.456   6.347   1.00 19.18 ? 56  GLU A CG  1 
ATOM   401 C  CD  . GLU A 1 56 ? 1.109   8.046   4.973   1.00 20.78 ? 56  GLU A CD  1 
ATOM   402 O  OE1 . GLU A 1 56 ? 2.257   8.449   4.714   1.00 22.29 ? 56  GLU A OE1 1 
ATOM   403 O  OE2 . GLU A 1 56 ? 0.161   8.122   4.175   1.00 23.88 ? 56  GLU A OE2 1 
ATOM   404 N  N   . SER A 1 57 ? 2.458   5.313   3.526   1.00 15.83 ? 57  SER A N   1 
ATOM   405 C  CA  . SER A 1 57 ? 3.310   5.248   2.356   1.00 16.14 ? 57  SER A CA  1 
ATOM   406 C  C   . SER A 1 57 ? 2.897   6.195   1.231   1.00 15.99 ? 57  SER A C   1 
ATOM   407 O  O   . SER A 1 57 ? 3.238   5.934   0.076   1.00 15.74 ? 57  SER A O   1 
ATOM   408 C  CB  . SER A 1 57 ? 3.226   3.802   1.822   1.00 16.62 ? 57  SER A CB  1 
ATOM   409 O  OG  . SER A 1 57 ? 3.529   2.858   2.851   1.00 16.84 ? 57  SER A OG  1 
ATOM   410 N  N   . THR A 1 58 ? 2.202   7.275   1.568   1.00 16.22 ? 58  THR A N   1 
ATOM   411 C  CA  . THR A 1 58 ? 1.734   8.187   0.518   1.00 15.99 ? 58  THR A CA  1 
ATOM   412 C  C   . THR A 1 58 ? 2.827   8.738   -0.377  1.00 15.73 ? 58  THR A C   1 
ATOM   413 O  O   . THR A 1 58 ? 2.705   8.748   -1.610  1.00 16.37 ? 58  THR A O   1 
ATOM   414 C  CB  . THR A 1 58 ? 0.896   9.310   1.160   1.00 17.10 ? 58  THR A CB  1 
ATOM   415 O  OG1 . THR A 1 58 ? -0.280  8.800   1.806   1.00 16.78 ? 58  THR A OG1 1 
ATOM   416 C  CG2 . THR A 1 58 ? 0.449   10.322  0.099   1.00 18.46 ? 58  THR A CG2 1 
ATOM   417 N  N   . GLU A 1 59 ? 3.942   9.209   0.197   1.00 16.28 ? 59  GLU A N   1 
ATOM   418 C  CA  . GLU A 1 59 ? 5.005   9.774   -0.644  1.00 16.98 ? 59  GLU A CA  1 
ATOM   419 C  C   . GLU A 1 59 ? 5.578   8.772   -1.627  1.00 16.53 ? 59  GLU A C   1 
ATOM   420 O  O   . GLU A 1 59 ? 5.800   9.072   -2.806  1.00 16.79 ? 59  GLU A O   1 
ATOM   421 C  CB  . GLU A 1 59 ? 6.118   10.310  0.258   1.00 19.06 ? 59  GLU A CB  1 
ATOM   422 C  CG  . GLU A 1 59 ? 7.295   10.868  -0.528  1.00 21.95 ? 59  GLU A CG  1 
ATOM   423 C  CD  A GLU A 1 59 ? 8.268   11.636  0.343   0.50 23.12 ? 59  GLU A CD  1 
ATOM   424 C  CD  B GLU A 1 59 ? 7.026   12.177  -1.229  0.50 23.79 ? 59  GLU A CD  1 
ATOM   425 O  OE1 A GLU A 1 59 ? 8.226   12.886  0.286   0.50 24.74 ? 59  GLU A OE1 1 
ATOM   426 O  OE1 B GLU A 1 59 ? 7.962   12.683  -1.884  0.50 25.32 ? 59  GLU A OE1 1 
ATOM   427 O  OE2 A GLU A 1 59 ? 9.059   11.015  1.076   0.50 23.97 ? 59  GLU A OE2 1 
ATOM   428 O  OE2 B GLU A 1 59 ? 5.931   12.756  -1.171  0.50 24.52 ? 59  GLU A OE2 1 
ATOM   429 N  N   . ALA A 1 60 ? 5.852   7.560   -1.142  1.00 15.34 ? 60  ALA A N   1 
ATOM   430 C  CA  . ALA A 1 60 ? 6.348   6.493   -2.015  1.00 15.05 ? 60  ALA A CA  1 
ATOM   431 C  C   . ALA A 1 60 ? 5.327   6.180   -3.099  1.00 14.69 ? 60  ALA A C   1 
ATOM   432 O  O   . ALA A 1 60 ? 5.718   5.933   -4.235  1.00 16.00 ? 60  ALA A O   1 
ATOM   433 C  CB  . ALA A 1 60 ? 6.638   5.265   -1.173  1.00 14.80 ? 60  ALA A CB  1 
ATOM   434 N  N   . TRP A 1 61 ? 4.036   6.144   -2.764  1.00 14.13 ? 61  TRP A N   1 
ATOM   435 C  CA  . TRP A 1 61 ? 3.004   5.925   -3.777  1.00 13.82 ? 61  TRP A CA  1 
ATOM   436 C  C   . TRP A 1 61 ? 3.009   7.010   -4.834  1.00 14.67 ? 61  TRP A C   1 
ATOM   437 O  O   . TRP A 1 61 ? 2.795   6.791   -6.031  1.00 15.02 ? 61  TRP A O   1 
ATOM   438 C  CB  . TRP A 1 61 ? 1.623   5.790   -3.093  1.00 15.91 ? 61  TRP A CB  1 
ATOM   439 C  CG  . TRP A 1 61 ? 0.505   5.846   -4.097  1.00 14.37 ? 61  TRP A CG  1 
ATOM   440 C  CD1 . TRP A 1 61 ? -0.312  6.927   -4.297  1.00 16.41 ? 61  TRP A CD1 1 
ATOM   441 C  CD2 . TRP A 1 61 ? 0.098   4.844   -5.027  1.00 15.77 ? 61  TRP A CD2 1 
ATOM   442 N  NE1 . TRP A 1 61 ? -1.187  6.664   -5.330  1.00 15.52 ? 61  TRP A NE1 1 
ATOM   443 C  CE2 . TRP A 1 61 ? -0.969  5.393   -5.779  1.00 15.72 ? 61  TRP A CE2 1 
ATOM   444 C  CE3 . TRP A 1 61 ? 0.499   3.540   -5.303  1.00 15.92 ? 61  TRP A CE3 1 
ATOM   445 C  CZ2 . TRP A 1 61 ? -1.615  4.674   -6.780  1.00 16.52 ? 61  TRP A CZ2 1 
ATOM   446 C  CZ3 . TRP A 1 61 ? -0.140  2.829   -6.308  1.00 15.79 ? 61  TRP A CZ3 1 
ATOM   447 C  CH2 . TRP A 1 61 ? -1.183  3.403   -7.039  1.00 15.84 ? 61  TRP A CH2 1 
ATOM   448 N  N   . GLU A 1 62 ? 3.109   8.256   -4.363  1.00 13.86 ? 62  GLU A N   1 
ATOM   449 C  CA  . GLU A 1 62 ? 3.025   9.397   -5.284  1.00 15.95 ? 62  GLU A CA  1 
ATOM   450 C  C   . GLU A 1 62 ? 4.212   9.579   -6.211  1.00 16.13 ? 62  GLU A C   1 
ATOM   451 O  O   . GLU A 1 62 ? 4.073   10.222  -7.265  1.00 17.98 ? 62  GLU A O   1 
ATOM   452 C  CB  . GLU A 1 62 ? 2.858   10.667  -4.440  0.50 15.56 ? 62  GLU A CB  1 
ATOM   453 C  CG  A GLU A 1 62 ? 1.511   10.798  -3.756  0.50 18.60 ? 62  GLU A CG  1 
ATOM   454 C  CG  B GLU A 1 62 ? 1.444   10.747  -3.879  0.50 18.00 ? 62  GLU A CG  1 
ATOM   455 C  CD  A GLU A 1 62 ? 0.406   11.150  -4.727  0.50 20.12 ? 62  GLU A CD  1 
ATOM   456 C  CD  B GLU A 1 62 ? 1.147   12.052  -3.180  0.50 19.51 ? 62  GLU A CD  1 
ATOM   457 O  OE1 A GLU A 1 62 ? 0.617   12.060  -5.564  0.50 22.47 ? 62  GLU A OE1 1 
ATOM   458 O  OE1 B GLU A 1 62 ? 2.066   12.830  -2.866  0.50 21.52 ? 62  GLU A OE1 1 
ATOM   459 O  OE2 A GLU A 1 62 ? -0.670  10.527  -4.664  0.50 21.91 ? 62  GLU A OE2 1 
ATOM   460 O  OE2 B GLU A 1 62 ? -0.040  12.316  -2.937  0.50 20.31 ? 62  GLU A OE2 1 
ATOM   461 N  N   . THR A 1 63 ? 5.385   9.156   -5.758  1.00 15.64 ? 63  THR A N   1 
ATOM   462 C  CA  . THR A 1 63 ? 6.622   9.378   -6.504  1.00 16.02 ? 63  THR A CA  1 
ATOM   463 C  C   . THR A 1 63 ? 7.349   8.135   -6.955  1.00 16.13 ? 63  THR A C   1 
ATOM   464 O  O   . THR A 1 63 ? 8.375   8.237   -7.670  1.00 16.87 ? 63  THR A O   1 
ATOM   465 C  CB  . THR A 1 63 ? 7.623   10.117  -5.572  1.00 17.04 ? 63  THR A CB  1 
ATOM   466 O  OG1 . THR A 1 63 ? 8.000   9.276   -4.472  1.00 17.80 ? 63  THR A OG1 1 
ATOM   467 C  CG2 . THR A 1 63 ? 7.016   11.396  -5.028  1.00 19.47 ? 63  THR A CG2 1 
ATOM   468 N  N   . LYS A 1 64 ? 6.994   6.941   -6.502  1.00 15.23 ? 64  LYS A N   1 
ATOM   469 C  CA  . LYS A 1 64 ? 7.715   5.710   -6.756  1.00 16.52 ? 64  LYS A CA  1 
ATOM   470 C  C   . LYS A 1 64 ? 9.150   5.818   -6.191  1.00 15.90 ? 64  LYS A C   1 
ATOM   471 O  O   . LYS A 1 64 ? 10.059  5.098   -6.591  1.00 16.83 ? 64  LYS A O   1 
ATOM   472 C  CB  . LYS A 1 64 ? 7.743   5.314   -8.232  1.00 15.99 ? 64  LYS A CB  1 
ATOM   473 C  CG  . LYS A 1 64 ? 6.357   4.903   -8.763  1.00 14.71 ? 64  LYS A CG  1 
ATOM   474 C  CD  . LYS A 1 64 ? 6.397   4.678   -10.271 1.00 16.55 ? 64  LYS A CD  1 
ATOM   475 C  CE  . LYS A 1 64 ? 5.032   4.149   -10.726 1.00 15.80 ? 64  LYS A CE  1 
ATOM   476 N  NZ  . LYS A 1 64 ? 4.846   4.299   -12.204 1.00 18.34 ? 64  LYS A NZ  1 
ATOM   477 N  N   . SER A 1 65 ? 9.383   6.769   -5.301  1.00 15.52 ? 65  SER A N   1 
ATOM   478 C  CA  . SER A 1 65 ? 10.653  7.072   -4.684  1.00 16.83 ? 65  SER A CA  1 
ATOM   479 C  C   . SER A 1 65 ? 11.703  7.616   -5.650  1.00 18.88 ? 65  SER A C   1 
ATOM   480 O  O   . SER A 1 65 ? 12.816  7.846   -5.173  1.00 18.73 ? 65  SER A O   1 
ATOM   481 C  CB  . SER A 1 65 ? 11.229  5.879   -3.898  1.00 18.62 ? 65  SER A CB  1 
ATOM   482 O  OG  . SER A 1 65 ? 10.412  5.714   -2.714  1.00 18.08 ? 65  SER A OG  1 
ATOM   483 N  N   . TYR A 1 66 ? 11.392  7.961   -6.884  1.00 17.64 ? 66  TYR A N   1 
ATOM   484 C  CA  . TYR A 1 66 ? 12.395  8.580   -7.759  1.00 17.21 ? 66  TYR A CA  1 
ATOM   485 C  C   . TYR A 1 66 ? 11.779  9.724   -8.561  1.00 17.87 ? 66  TYR A C   1 
ATOM   486 O  O   . TYR A 1 66 ? 12.539  10.464  -9.187  1.00 19.06 ? 66  TYR A O   1 
ATOM   487 C  CB  . TYR A 1 66 ? 13.030  7.556   -8.663  1.00 16.80 ? 66  TYR A CB  1 
ATOM   488 C  CG  . TYR A 1 66 ? 12.235  7.045   -9.843  1.00 17.34 ? 66  TYR A CG  1 
ATOM   489 C  CD1 . TYR A 1 66 ? 12.566  7.422   -11.137 1.00 17.73 ? 66  TYR A CD1 1 
ATOM   490 C  CD2 . TYR A 1 66 ? 11.184  6.148   -9.658  1.00 17.74 ? 66  TYR A CD2 1 
ATOM   491 C  CE1 . TYR A 1 66 ? 11.866  6.928   -12.219 1.00 17.62 ? 66  TYR A CE1 1 
ATOM   492 C  CE2 . TYR A 1 66 ? 10.486  5.647   -10.739 1.00 18.37 ? 66  TYR A CE2 1 
ATOM   493 C  CZ  . TYR A 1 66 ? 10.820  6.049   -12.012 1.00 18.64 ? 66  TYR A CZ  1 
ATOM   494 O  OH  . TYR A 1 66 ? 10.171  5.566   -13.130 1.00 20.71 ? 66  TYR A OH  1 
ATOM   495 N  N   . GLY A 1 67 ? 10.466  9.895   -8.576  1.00 17.57 ? 67  GLY A N   1 
ATOM   496 C  CA  . GLY A 1 67 ? 9.886   11.034  -9.298  1.00 18.81 ? 67  GLY A CA  1 
ATOM   497 C  C   . GLY A 1 67 ? 9.012   10.674  -10.473 1.00 20.91 ? 67  GLY A C   1 
ATOM   498 O  O   . GLY A 1 67 ? 9.016   11.369  -11.505 1.00 22.82 ? 67  GLY A O   1 
ATOM   499 N  N   . GLU A 1 68 ? 8.247   9.594   -10.351 1.00 17.85 ? 68  GLU A N   1 
ATOM   500 C  CA  . GLU A 1 68 ? 7.238   9.290   -11.371 1.00 17.67 ? 68  GLU A CA  1 
ATOM   501 C  C   . GLU A 1 68 ? 5.991   8.832   -10.629 1.00 17.51 ? 68  GLU A C   1 
ATOM   502 O  O   . GLU A 1 68 ? 6.116   8.052   -9.700  1.00 17.47 ? 68  GLU A O   1 
ATOM   503 C  CB  . GLU A 1 68 ? 7.691   8.168   -12.292 1.00 18.95 ? 68  GLU A CB  1 
ATOM   504 N  N   . PRO A 1 69 ? 4.814   9.304   -10.997 1.00 18.36 ? 69  PRO A N   1 
ATOM   505 C  CA  . PRO A 1 69 ? 3.601   8.857   -10.337 1.00 18.25 ? 69  PRO A CA  1 
ATOM   506 C  C   . PRO A 1 69 ? 3.206   7.473   -10.808 1.00 17.99 ? 69  PRO A C   1 
ATOM   507 O  O   . PRO A 1 69 ? 3.611   6.937   -11.843 1.00 17.80 ? 69  PRO A O   1 
ATOM   508 C  CB  . PRO A 1 69 ? 2.563   9.872   -10.845 1.00 19.16 ? 69  PRO A CB  1 
ATOM   509 C  CG  . PRO A 1 69 ? 3.039   10.192  -12.220 1.00 19.72 ? 69  PRO A CG  1 
ATOM   510 C  CD  . PRO A 1 69 ? 4.554   10.243  -12.113 1.00 19.51 ? 69  PRO A CD  1 
ATOM   511 N  N   . HIS A 1 70 ? 2.322   6.841   -10.024 1.00 17.24 ? 70  HIS A N   1 
ATOM   512 C  CA  . HIS A 1 70 ? 1.653   5.644   -10.512 1.00 17.29 ? 70  HIS A CA  1 
ATOM   513 C  C   . HIS A 1 70 ? 0.560   6.068   -11.508 1.00 18.28 ? 70  HIS A C   1 
ATOM   514 O  O   . HIS A 1 70 ? -0.071  7.121   -11.389 1.00 18.73 ? 70  HIS A O   1 
ATOM   515 C  CB  . HIS A 1 70 ? 1.012   4.806   -9.405  1.00 16.61 ? 70  HIS A CB  1 
ATOM   516 C  CG  . HIS A 1 70 ? 2.050   3.962   -8.708  1.00 15.69 ? 70  HIS A CG  1 
ATOM   517 N  ND1 . HIS A 1 70 ? 2.731   4.441   -7.609  1.00 15.95 ? 70  HIS A ND1 1 
ATOM   518 C  CD2 . HIS A 1 70 ? 2.501   2.715   -8.963  1.00 16.42 ? 70  HIS A CD2 1 
ATOM   519 C  CE1 . HIS A 1 70 ? 3.581   3.513   -7.193  1.00 15.40 ? 70  HIS A CE1 1 
ATOM   520 N  NE2 . HIS A 1 70 ? 3.458   2.457   -7.976  1.00 15.99 ? 70  HIS A NE2 1 
ATOM   521 N  N   . SER A 1 71 ? 0.399   5.183   -12.485 1.00 18.31 ? 71  SER A N   1 
ATOM   522 C  CA  . SER A 1 71 ? -0.595  5.483   -13.527 1.00 19.73 ? 71  SER A CA  1 
ATOM   523 C  C   . SER A 1 71 ? -2.014  5.393   -12.978 1.00 19.64 ? 71  SER A C   1 
ATOM   524 O  O   . SER A 1 71 ? -2.264  4.895   -11.881 1.00 19.43 ? 71  SER A O   1 
ATOM   525 C  CB  . SER A 1 71 ? -0.437  4.466   -14.651 1.00 19.73 ? 71  SER A CB  1 
ATOM   526 O  OG  . SER A 1 71 ? -0.873  3.186   -14.242 1.00 20.28 ? 71  SER A OG  1 
ATOM   527 N  N   . SER A 1 72 ? -2.943  5.795   -13.837 1.00 19.09 ? 72  SER A N   1 
ATOM   528 C  CA  . SER A 1 72 ? -4.375  5.679   -13.529 1.00 20.64 ? 72  SER A CA  1 
ATOM   529 C  C   . SER A 1 72 ? -4.725  4.205   -13.425 1.00 19.83 ? 72  SER A C   1 
ATOM   530 O  O   . SER A 1 72 ? -5.497  3.781   -12.548 1.00 18.64 ? 72  SER A O   1 
ATOM   531 C  CB  . SER A 1 72 ? -5.158  6.382   -14.645 1.00 20.95 ? 72  SER A CB  1 
ATOM   532 O  OG  . SER A 1 72 ? -4.998  7.795   -14.505 1.00 23.07 ? 72  SER A OG  1 
ATOM   533 N  N   . LEU A 1 73 ? -4.155  3.372   -14.298 1.00 19.69 ? 73  LEU A N   1 
ATOM   534 C  CA  . LEU A 1 73 ? -4.334  1.935   -14.220 1.00 20.67 ? 73  LEU A CA  1 
ATOM   535 C  C   . LEU A 1 73 ? -3.898  1.440   -12.837 1.00 20.15 ? 73  LEU A C   1 
ATOM   536 O  O   . LEU A 1 73 ? -4.595  0.676   -12.170 1.00 19.82 ? 73  LEU A O   1 
ATOM   537 C  CB  . LEU A 1 73 ? -3.587  1.202   -15.327 1.00 23.54 ? 73  LEU A CB  1 
ATOM   538 C  CG  . LEU A 1 73 ? -3.537  -0.319  -15.318 1.00 25.53 ? 73  LEU A CG  1 
ATOM   539 C  CD1 . LEU A 1 73 ? -3.127  -0.846  -16.698 1.00 27.63 ? 73  LEU A CD1 1 
ATOM   540 C  CD2 . LEU A 1 73 ? -2.514  -0.859  -14.324 1.00 27.70 ? 73  LEU A CD2 1 
ATOM   541 N  N   . ALA A 1 74 ? -2.690  1.839   -12.420 1.00 18.96 ? 74  ALA A N   1 
ATOM   542 C  CA  . ALA A 1 74 ? -2.201  1.437   -11.094 1.00 16.51 ? 74  ALA A CA  1 
ATOM   543 C  C   . ALA A 1 74 ? -3.109  1.921   -9.976  1.00 16.03 ? 74  ALA A C   1 
ATOM   544 O  O   . ALA A 1 74 ? -3.288  1.183   -8.994  1.00 17.18 ? 74  ALA A O   1 
ATOM   545 C  CB  . ALA A 1 74 ? -0.777  1.948   -10.883 1.00 17.27 ? 74  ALA A CB  1 
ATOM   546 N  N   . ALA A 1 75 ? -3.702  3.092   -10.058 1.00 16.29 ? 75  ALA A N   1 
ATOM   547 C  CA  . ALA A 1 75 ? -4.596  3.630   -9.032  1.00 16.14 ? 75  ALA A CA  1 
ATOM   548 C  C   . ALA A 1 75 ? -5.888  2.831   -8.961  1.00 16.76 ? 75  ALA A C   1 
ATOM   549 O  O   . ALA A 1 75 ? -6.363  2.552   -7.843  1.00 17.42 ? 75  ALA A O   1 
ATOM   550 C  CB  . ALA A 1 75 ? -4.883  5.104   -9.292  1.00 17.53 ? 75  ALA A CB  1 
ATOM   551 N  N   . ARG A 1 76 ? -6.361  2.316   -10.093 1.00 17.99 ? 76  ARG A N   1 
ATOM   552 C  CA  . ARG A 1 76 ? -7.529  1.423   -10.089 1.00 18.37 ? 76  ARG A CA  1 
ATOM   553 C  C   . ARG A 1 76 ? -7.183  0.098   -9.436  1.00 19.58 ? 76  ARG A C   1 
ATOM   554 O  O   . ARG A 1 76 ? -7.980  -0.464  -8.669  1.00 18.94 ? 76  ARG A O   1 
ATOM   555 C  CB  . ARG A 1 76 ? -8.077  1.281   -11.510 1.00 20.63 ? 76  ARG A CB  1 
ATOM   556 C  CG  . ARG A 1 76 ? -8.656  2.631   -11.950 1.00 22.81 ? 76  ARG A CG  1 
ATOM   557 C  CD  . ARG A 1 76 ? -9.301  2.534   -13.321 1.00 24.53 ? 76  ARG A CD  1 
ATOM   558 N  NE  . ARG A 1 76 ? -8.506  1.932   -14.365 1.00 26.27 ? 76  ARG A NE  1 
ATOM   559 C  CZ  . ARG A 1 76 ? -7.811  2.531   -15.329 1.00 28.44 ? 76  ARG A CZ  1 
ATOM   560 N  NH1 . ARG A 1 76 ? -7.732  3.843   -15.453 1.00 27.39 ? 76  ARG A NH1 1 
ATOM   561 N  NH2 . ARG A 1 76 ? -7.172  1.782   -16.234 1.00 29.17 ? 76  ARG A NH2 1 
ATOM   562 N  N   . LEU A 1 77 ? -5.964  -0.391  -9.703  1.00 18.33 ? 77  LEU A N   1 
ATOM   563 C  CA  . LEU A 1 77 ? -5.538  -1.644  -9.094  1.00 19.45 ? 77  LEU A CA  1 
ATOM   564 C  C   . LEU A 1 77 ? -5.375  -1.466  -7.587  1.00 18.31 ? 77  LEU A C   1 
ATOM   565 O  O   . LEU A 1 77 ? -5.802  -2.343  -6.827  1.00 18.88 ? 77  LEU A O   1 
ATOM   566 C  CB  . LEU A 1 77 ? -4.230  -2.146  -9.696  1.00 21.18 ? 77  LEU A CB  1 
ATOM   567 C  CG  . LEU A 1 77 ? -4.210  -2.563  -11.164 1.00 23.09 ? 77  LEU A CG  1 
ATOM   568 C  CD1 . LEU A 1 77 ? -2.781  -2.997  -11.504 1.00 23.73 ? 77  LEU A CD1 1 
ATOM   569 C  CD2 . LEU A 1 77 ? -5.179  -3.704  -11.427 1.00 25.02 ? 77  LEU A CD2 1 
ATOM   570 N  N   . LEU A 1 78 ? -4.816  -0.344  -7.127  1.00 16.76 ? 78  LEU A N   1 
ATOM   571 C  CA  . LEU A 1 78 ? -4.658  -0.105  -5.691  1.00 15.74 ? 78  LEU A CA  1 
ATOM   572 C  C   . LEU A 1 78 ? -6.015  -0.122  -4.989  1.00 15.77 ? 78  LEU A C   1 
ATOM   573 O  O   . LEU A 1 78 ? -6.171  -0.749  -3.955  1.00 14.91 ? 78  LEU A O   1 
ATOM   574 C  CB  . LEU A 1 78 ? -3.955  1.237   -5.419  1.00 15.01 ? 78  LEU A CB  1 
ATOM   575 C  CG  . LEU A 1 78 ? -3.960  1.727   -3.955  1.00 15.00 ? 78  LEU A CG  1 
ATOM   576 C  CD1 . LEU A 1 78 ? -3.229  0.736   -3.032  1.00 14.96 ? 78  LEU A CD1 1 
ATOM   577 C  CD2 . LEU A 1 78 ? -3.340  3.104   -3.799  1.00 15.16 ? 78  LEU A CD2 1 
ATOM   578 N  N   . GLN A 1 79 ? -7.010  0.559   -5.592  1.00 16.02 ? 79  GLN A N   1 
ATOM   579 C  CA  . GLN A 1 79 ? -8.318  0.641   -4.937  1.00 17.40 ? 79  GLN A CA  1 
ATOM   580 C  C   . GLN A 1 79 ? -8.979  -0.692  -4.684  1.00 17.31 ? 79  GLN A C   1 
ATOM   581 O  O   . GLN A 1 79 ? -9.674  -0.852  -3.658  1.00 16.04 ? 79  GLN A O   1 
ATOM   582 C  CB  . GLN A 1 79 ? -9.299  1.556   -5.716  1.00 18.19 ? 79  GLN A CB  1 
ATOM   583 C  CG  . GLN A 1 79 ? -10.397 2.006   -4.714  1.00 17.64 ? 79  GLN A CG  1 
ATOM   584 C  CD  . GLN A 1 79 ? -11.505 2.760   -5.442  1.00 17.92 ? 79  GLN A CD  1 
ATOM   585 O  OE1 . GLN A 1 79 ? -12.417 2.129   -5.959  1.00 17.92 ? 79  GLN A OE1 1 
ATOM   586 N  NE2 . GLN A 1 79 ? -11.400 4.075   -5.472  1.00 18.21 ? 79  GLN A NE2 1 
ATOM   587 N  N   . ARG A 1 80 ? -8.762  -1.699  -5.506  1.00 17.01 ? 80  ARG A N   1 
ATOM   588 C  CA  . ARG A 1 80 ? -9.303  -3.036  -5.289  1.00 17.19 ? 80  ARG A CA  1 
ATOM   589 C  C   . ARG A 1 80 ? -8.854  -3.589  -3.938  1.00 16.61 ? 80  ARG A C   1 
ATOM   590 O  O   . ARG A 1 80 ? -9.620  -4.358  -3.377  1.00 17.54 ? 80  ARG A O   1 
ATOM   591 C  CB  . ARG A 1 80 ? -8.855  -3.966  -6.416  1.00 19.92 ? 80  ARG A CB  1 
ATOM   592 C  CG  . ARG A 1 80 ? -9.240  -5.431  -6.303  1.00 22.38 ? 80  ARG A CG  1 
ATOM   593 N  N   . TYR A 1 81 ? -7.682  -3.237  -3.422  1.00 15.18 ? 81  TYR A N   1 
ATOM   594 C  CA  . TYR A 1 81 ? -7.199  -3.832  -2.165  1.00 14.97 ? 81  TYR A CA  1 
ATOM   595 C  C   . TYR A 1 81 ? -7.610  -3.011  -0.959  1.00 15.27 ? 81  TYR A C   1 
ATOM   596 O  O   . TYR A 1 81 ? -7.191  -3.288  0.165   1.00 13.62 ? 81  TYR A O   1 
ATOM   597 C  CB  . TYR A 1 81 ? -5.660  -3.958  -2.269  1.00 15.12 ? 81  TYR A CB  1 
ATOM   598 C  CG  . TYR A 1 81 ? -5.290  -4.900  -3.395  1.00 16.29 ? 81  TYR A CG  1 
ATOM   599 C  CD1 . TYR A 1 81 ? -4.823  -4.360  -4.598  1.00 17.61 ? 81  TYR A CD1 1 
ATOM   600 C  CD2 . TYR A 1 81 ? -5.480  -6.269  -3.275  1.00 18.45 ? 81  TYR A CD2 1 
ATOM   601 C  CE1 . TYR A 1 81 ? -4.516  -5.199  -5.650  1.00 17.75 ? 81  TYR A CE1 1 
ATOM   602 C  CE2 . TYR A 1 81 ? -5.160  -7.119  -4.334  1.00 18.90 ? 81  TYR A CE2 1 
ATOM   603 C  CZ  . TYR A 1 81 ? -4.704  -6.553  -5.515  1.00 20.13 ? 81  TYR A CZ  1 
ATOM   604 O  OH  . TYR A 1 81 ? -4.408  -7.365  -6.592  1.00 22.33 ? 81  TYR A OH  1 
ATOM   605 N  N   . LEU A 1 82 ? -8.507  -2.031  -1.127  1.00 14.54 ? 82  LEU A N   1 
ATOM   606 C  CA  . LEU A 1 82 ? -8.990  -1.205  -0.029  1.00 14.87 ? 82  LEU A CA  1 
ATOM   607 C  C   . LEU A 1 82 ? -9.652  -2.047  1.051   1.00 14.99 ? 82  LEU A C   1 
ATOM   608 O  O   . LEU A 1 82 ? -10.443 -2.942  0.736   1.00 14.43 ? 82  LEU A O   1 
ATOM   609 C  CB  . LEU A 1 82 ? -10.078 -0.240  -0.553  1.00 15.00 ? 82  LEU A CB  1 
ATOM   610 C  CG  . LEU A 1 82 ? -10.692 0.700   0.494   1.00 16.43 ? 82  LEU A CG  1 
ATOM   611 C  CD1 . LEU A 1 82 ? -9.619  1.684   0.929   1.00 15.44 ? 82  LEU A CD1 1 
ATOM   612 C  CD2 . LEU A 1 82 ? -11.880 1.441   -0.132  1.00 18.64 ? 82  LEU A CD2 1 
ATOM   613 N  N   . ILE A 1 83 ? -9.369  -1.813  2.336   1.00 14.05 ? 83  ILE A N   1 
ATOM   614 C  CA  . ILE A 1 83 ? -10.128 -2.495  3.389   1.00 13.95 ? 83  ILE A CA  1 
ATOM   615 C  C   . ILE A 1 83 ? -10.716 -1.519  4.404   1.00 14.91 ? 83  ILE A C   1 
ATOM   616 O  O   . ILE A 1 83 ? -11.550 -1.936  5.223   1.00 16.97 ? 83  ILE A O   1 
ATOM   617 C  CB  . ILE A 1 83 ? -9.331  -3.587  4.129   1.00 14.39 ? 83  ILE A CB  1 
ATOM   618 C  CG1 . ILE A 1 83 ? -8.067  -2.997  4.774   1.00 14.94 ? 83  ILE A CG1 1 
ATOM   619 C  CG2 . ILE A 1 83 ? -8.951  -4.725  3.177   1.00 15.18 ? 83  ILE A CG2 1 
ATOM   620 C  CD1 . ILE A 1 83 ? -7.371  -3.921  5.775   1.00 15.13 ? 83  ILE A CD1 1 
ATOM   621 N  N   . GLY A 1 84 ? -10.321 -0.252  4.403   1.00 15.48 ? 84  GLY A N   1 
ATOM   622 C  CA  . GLY A 1 84 ? -10.883 0.706   5.372   1.00 15.78 ? 84  GLY A CA  1 
ATOM   623 C  C   . GLY A 1 84 ? -10.201 2.065   5.302   1.00 16.67 ? 84  GLY A C   1 
ATOM   624 O  O   . GLY A 1 84 ? -9.479  2.361   4.356   1.00 16.02 ? 84  GLY A O   1 
ATOM   625 N  N   . THR A 1 85 ? -10.530 2.912   6.284   1.00 16.81 ? 85  THR A N   1 
ATOM   626 C  CA  . THR A 1 85 ? -9.915  4.234   6.364   1.00 18.76 ? 85  THR A CA  1 
ATOM   627 C  C   . THR A 1 85 ? -9.047  4.328   7.615   1.00 20.40 ? 85  THR A C   1 
ATOM   628 O  O   . THR A 1 85 ? -9.117  3.493   8.522   1.00 19.83 ? 85  THR A O   1 
ATOM   629 C  CB  . THR A 1 85 ? -10.951 5.373   6.426   1.00 18.11 ? 85  THR A CB  1 
ATOM   630 O  OG1 . THR A 1 85 ? -11.751 5.180   7.598   1.00 19.49 ? 85  THR A OG1 1 
ATOM   631 C  CG2 . THR A 1 85 ? -11.837 5.340   5.186   1.00 19.79 ? 85  THR A CG2 1 
ATOM   632 N  N   . LEU A 1 86 ? -8.199  5.338   7.635   1.00 22.83 ? 86  LEU A N   1 
ATOM   633 C  CA  . LEU A 1 86 ? -7.284  5.582   8.739   1.00 24.66 ? 86  LEU A CA  1 
ATOM   634 C  C   . LEU A 1 86 ? -7.862  6.612   9.700   1.00 26.94 ? 86  LEU A C   1 
ATOM   635 O  O   . LEU A 1 86 ? -8.360  7.638   9.186   1.00 27.25 ? 86  LEU A O   1 
ATOM   636 C  CB  . LEU A 1 86 ? -5.972  6.078   8.115   1.00 24.63 ? 86  LEU A CB  1 
ATOM   637 C  CG  . LEU A 1 86 ? -4.707  6.050   8.955   1.00 26.08 ? 86  LEU A CG  1 
ATOM   638 C  CD1 . LEU A 1 86 ? -4.370  4.617   9.337   1.00 25.43 ? 86  LEU A CD1 1 
ATOM   639 C  CD2 . LEU A 1 86 ? -3.577  6.746   8.229   1.00 26.04 ? 86  LEU A CD2 1 
HETATM 640 C  CHA . HEM B 2 .  ? 5.417   0.376   -11.066 1.00 18.87 ? 204 HEM A CHA 1 
HETATM 641 C  CHB . HEM B 2 .  ? 7.286   1.813   -6.844  1.00 18.05 ? 204 HEM A CHB 1 
HETATM 642 C  CHC . HEM B 2 .  ? 3.178   0.552   -4.628  1.00 16.35 ? 204 HEM A CHC 1 
HETATM 643 C  CHD . HEM B 2 .  ? 1.254   -0.773  -8.866  1.00 17.99 ? 204 HEM A CHD 1 
HETATM 644 C  C1A . HEM B 2 .  ? 6.314   0.769   -10.103 1.00 19.15 ? 204 HEM A C1A 1 
HETATM 645 C  C2A . HEM B 2 .  ? 7.730   1.011   -10.305 1.00 19.48 ? 204 HEM A C2A 1 
HETATM 646 C  C3A . HEM B 2 .  ? 8.230   1.435   -9.136  1.00 18.11 ? 204 HEM A C3A 1 
HETATM 647 C  C4A . HEM B 2 .  ? 7.145   1.437   -8.164  1.00 17.79 ? 204 HEM A C4A 1 
HETATM 648 C  CMA . HEM B 2 .  ? 9.681   1.837   -8.790  1.00 18.18 ? 204 HEM A CMA 1 
HETATM 649 C  CAA . HEM B 2 .  ? 8.487   0.867   -11.647 1.00 20.79 ? 204 HEM A CAA 1 
HETATM 650 C  CBA . HEM B 2 .  ? 8.989   2.209   -12.277 1.00 21.23 ? 204 HEM A CBA 1 
HETATM 651 C  CGA . HEM B 2 .  ? 7.892   2.997   -12.932 1.00 22.38 ? 204 HEM A CGA 1 
HETATM 652 O  O1A . HEM B 2 .  ? 6.841   2.388   -13.257 1.00 24.08 ? 204 HEM A O1A 1 
HETATM 653 O  O2A . HEM B 2 .  ? 8.050   4.224   -13.162 1.00 23.49 ? 204 HEM A O2A 1 
HETATM 654 C  C1B . HEM B 2 .  ? 6.312   1.638   -5.874  1.00 18.09 ? 204 HEM A C1B 1 
HETATM 655 C  C2B . HEM B 2 .  ? 6.435   1.999   -4.485  1.00 16.45 ? 204 HEM A C2B 1 
HETATM 656 C  C3B . HEM B 2 .  ? 5.289   1.681   -3.877  1.00 16.50 ? 204 HEM A C3B 1 
HETATM 657 C  C4B . HEM B 2 .  ? 4.433   1.067   -4.866  1.00 16.40 ? 204 HEM A C4B 1 
HETATM 658 C  CMB . HEM B 2 .  ? 7.687   2.698   -3.896  1.00 17.49 ? 204 HEM A CMB 1 
HETATM 659 C  CAB . HEM B 2 .  ? 4.912   1.891   -2.395  1.00 17.72 ? 204 HEM A CAB 1 
HETATM 660 C  CBB . HEM B 2 .  ? 3.700   2.286   -2.002  1.00 18.94 ? 204 HEM A CBB 1 
HETATM 661 C  C1C . HEM B 2 .  ? 2.307   0.074   -5.579  1.00 17.47 ? 204 HEM A C1C 1 
HETATM 662 C  C2C . HEM B 2 .  ? 0.969   -0.409  -5.328  1.00 16.90 ? 204 HEM A C2C 1 
HETATM 663 C  C3C . HEM B 2 .  ? 0.422   -0.765  -6.501  1.00 17.56 ? 204 HEM A C3C 1 
HETATM 664 C  C4C . HEM B 2 .  ? 1.423   -0.501  -7.532  1.00 18.19 ? 204 HEM A C4C 1 
HETATM 665 C  CMC . HEM B 2 .  ? 0.351   -0.446  -3.915  1.00 17.42 ? 204 HEM A CMC 1 
HETATM 666 C  CAC . HEM B 2 .  ? -0.983  -1.290  -6.854  1.00 20.57 ? 204 HEM A CAC 1 
HETATM 667 C  CBC . HEM B 2 .  ? -1.649  -2.179  -6.144  1.00 22.38 ? 204 HEM A CBC 1 
HETATM 668 C  C1D . HEM B 2 .  ? 2.220   -0.550  -9.828  1.00 19.21 ? 204 HEM A C1D 1 
HETATM 669 C  C2D . HEM B 2 .  ? 1.999   -0.680  -11.244 1.00 19.94 ? 204 HEM A C2D 1 
HETATM 670 C  C3D . HEM B 2 .  ? 3.146   -0.355  -11.849 1.00 20.00 ? 204 HEM A C3D 1 
HETATM 671 C  C4D . HEM B 2 .  ? 4.109   -0.009  -10.835 1.00 19.10 ? 204 HEM A C4D 1 
HETATM 672 C  CMD . HEM B 2 .  ? 0.663   -1.132  -11.884 1.00 22.01 ? 204 HEM A CMD 1 
HETATM 673 C  CAD . HEM B 2 .  ? 3.451   -0.265  -13.369 1.00 20.17 ? 204 HEM A CAD 1 
HETATM 674 C  CBD . HEM B 2 .  ? 3.536   1.240   -13.756 1.00 19.18 ? 204 HEM A CBD 1 
HETATM 675 C  CGD . HEM B 2 .  ? 2.292   2.039   -13.468 1.00 19.05 ? 204 HEM A CGD 1 
HETATM 676 O  O1D . HEM B 2 .  ? 2.351   3.134   -12.872 1.00 19.78 ? 204 HEM A O1D 1 
HETATM 677 O  O2D . HEM B 2 .  ? 1.186   1.597   -13.895 1.00 20.66 ? 204 HEM A O2D 1 
HETATM 678 N  NA  . HEM B 2 .  ? 5.992   1.005   -8.775  1.00 17.04 ? 204 HEM A NA  1 
HETATM 679 N  NB  . HEM B 2 .  ? 5.064   1.069   -6.096  1.00 16.72 ? 204 HEM A NB  1 
HETATM 680 N  NC  . HEM B 2 .  ? 2.560   -0.023  -6.932  1.00 16.44 ? 204 HEM A NC  1 
HETATM 681 N  ND  . HEM B 2 .  ? 3.514   -0.113  -9.596  1.00 17.57 ? 204 HEM A ND  1 
HETATM 682 FE FE  . HEM B 2 .  ? 4.263   0.527   -7.848  1.00 17.11 ? 204 HEM A FE  1 
HETATM 683 O  O   . HOH C 3 .  ? -7.017  -7.300  0.116   1.00 17.20 ? 205 HOH A O   1 
HETATM 684 O  O   . HOH C 3 .  ? 3.903   -8.664  9.731   1.00 19.05 ? 206 HOH A O   1 
HETATM 685 O  O   . HOH C 3 .  ? 1.000   8.043   -7.856  1.00 20.10 ? 207 HOH A O   1 
HETATM 686 O  O   . HOH C 3 .  ? -6.999  -4.385  12.733  1.00 17.83 ? 208 HOH A O   1 
HETATM 687 O  O   . HOH C 3 .  ? 6.296   7.116   1.727   1.00 19.49 ? 209 HOH A O   1 
HETATM 688 O  O   . HOH C 3 .  ? 8.303   -6.139  4.315   1.00 22.76 ? 210 HOH A O   1 
HETATM 689 O  O   . HOH C 3 .  ? 1.824   2.294   10.341  1.00 19.90 ? 211 HOH A O   1 
HETATM 690 O  O   . HOH C 3 .  ? -4.600  -5.606  12.848  1.00 20.28 ? 212 HOH A O   1 
HETATM 691 O  O   . HOH C 3 .  ? -8.058  4.021   -3.570  1.00 19.13 ? 213 HOH A O   1 
HETATM 692 O  O   . HOH C 3 .  ? -9.651  6.180   -3.776  1.00 21.03 ? 214 HOH A O   1 
HETATM 693 O  O   . HOH C 3 .  ? 9.179   -1.928  -8.101  1.00 23.92 ? 215 HOH A O   1 
HETATM 694 O  O   . HOH C 3 .  ? -3.017  4.175   -17.204 1.00 24.58 ? 216 HOH A O   1 
HETATM 695 O  O   . HOH C 3 .  ? -3.103  -9.714  12.607  1.00 25.23 ? 217 HOH A O   1 
HETATM 696 O  O   . HOH C 3 .  ? -2.475  -10.217 5.272   1.00 20.65 ? 218 HOH A O   1 
HETATM 697 O  O   . HOH C 3 .  ? 11.069  -7.334  3.564   1.00 32.61 ? 219 HOH A O   1 
HETATM 698 O  O   . HOH C 3 .  ? 8.873   -5.488  6.560   1.00 20.53 ? 220 HOH A O   1 
HETATM 699 O  O   . HOH C 3 .  ? 0.271   -5.155  -11.701 1.00 25.06 ? 221 HOH A O   1 
HETATM 700 O  O   . HOH C 3 .  ? -9.272  -2.642  -9.793  1.00 24.24 ? 222 HOH A O   1 
HETATM 701 O  O   . HOH C 3 .  ? 9.240   8.356   1.359   1.00 24.96 ? 223 HOH A O   1 
HETATM 702 O  O   . HOH C 3 .  ? 9.816   7.991   -1.253  1.00 22.23 ? 224 HOH A O   1 
HETATM 703 O  O   . HOH C 3 .  ? -6.367  4.387   -5.822  1.00 25.79 ? 225 HOH A O   1 
HETATM 704 O  O   . HOH C 3 .  ? 2.085   -10.705 10.352  1.00 23.19 ? 226 HOH A O   1 
HETATM 705 O  O   . HOH C 3 .  ? -2.466  7.795   4.958   1.00 24.16 ? 227 HOH A O   1 
HETATM 706 O  O   . HOH C 3 .  ? 8.121   -3.105  5.919   1.00 27.27 ? 228 HOH A O   1 
HETATM 707 O  O   . HOH C 3 .  ? 10.442  10.158  -2.929  1.00 27.04 ? 229 HOH A O   1 
HETATM 708 O  O   . HOH C 3 .  ? -0.516  -8.987  11.798  1.00 22.12 ? 230 HOH A O   1 
HETATM 709 O  O   . HOH C 3 .  ? 6.042   5.947   6.952   1.00 27.50 ? 231 HOH A O   1 
HETATM 710 O  O   . HOH C 3 .  ? 0.987   -14.369 2.542   1.00 27.73 ? 232 HOH A O   1 
HETATM 711 O  O   . HOH C 3 .  ? 4.019   9.613   3.090   1.00 25.61 ? 233 HOH A O   1 
HETATM 712 O  O   . HOH C 3 .  ? 1.748   -1.798  16.127  1.00 28.03 ? 234 HOH A O   1 
HETATM 713 O  O   . HOH C 3 .  ? -1.966  7.363   -16.368 1.00 27.70 ? 235 HOH A O   1 
HETATM 714 O  O   . HOH C 3 .  ? 14.633  9.307   -5.014  1.00 10.42 ? 236 HOH A O   1 
HETATM 715 O  O   . HOH C 3 .  ? -9.655  -7.387  -3.420  1.00 32.56 ? 237 HOH A O   1 
HETATM 716 O  O   . HOH C 3 .  ? 0.999   0.187   -16.099 1.00 29.12 ? 238 HOH A O   1 
HETATM 717 O  O   . HOH C 3 .  ? -3.505  6.503   13.375  1.00 29.75 ? 239 HOH A O   1 
HETATM 718 O  O   . HOH C 3 .  ? 3.825   -12.607 9.205   1.00 33.61 ? 240 HOH A O   1 
HETATM 719 O  O   . HOH C 3 .  ? 3.591   -17.027 5.369   1.00 26.82 ? 241 HOH A O   1 
HETATM 720 O  O   . HOH C 3 .  ? -5.183  6.327   -2.674  1.00 31.35 ? 242 HOH A O   1 
HETATM 721 O  O   . HOH C 3 .  ? -8.221  -5.379  -9.902  1.00 32.16 ? 243 HOH A O   1 
HETATM 722 O  O   . HOH C 3 .  ? 5.915   -2.187  11.419  1.00 28.46 ? 244 HOH A O   1 
HETATM 723 O  O   . HOH C 3 .  ? 14.946  -6.836  -9.966  1.00 32.82 ? 245 HOH A O   1 
HETATM 724 O  O   . HOH C 3 .  ? -8.700  -2.539  -12.460 1.00 33.06 ? 246 HOH A O   1 
HETATM 725 O  O   . HOH C 3 .  ? -0.633  1.988   -17.896 1.00 30.25 ? 247 HOH A O   1 
HETATM 726 O  O   . HOH C 3 .  ? -14.449 4.645   7.625   1.00 28.41 ? 248 HOH A O   1 
HETATM 727 O  O   . HOH C 3 .  ? 7.991   -5.507  -3.402  1.00 30.14 ? 249 HOH A O   1 
HETATM 728 O  O   . HOH C 3 .  ? 0.929   -2.494  -15.758 1.00 34.25 ? 250 HOH A O   1 
HETATM 729 O  O   . HOH C 3 .  ? 3.421   4.591   9.381   1.00 27.13 ? 251 HOH A O   1 
HETATM 730 O  O   . HOH C 3 .  ? -5.155  -10.296 -6.168  1.00 37.84 ? 252 HOH A O   1 
HETATM 731 O  O   . HOH C 3 .  ? -2.185  -7.069  -11.341 1.00 32.13 ? 253 HOH A O   1 
HETATM 732 O  O   . HOH C 3 .  ? 8.347   -4.458  -5.801  1.00 35.71 ? 254 HOH A O   1 
HETATM 733 O  O   . HOH C 3 .  ? 3.518   3.468   12.126  1.00 51.34 ? 255 HOH A O   1 
HETATM 734 O  O   . HOH C 3 .  ? 3.085   7.069   -14.618 1.00 37.86 ? 256 HOH A O   1 
HETATM 735 O  O   . HOH C 3 .  ? 3.519   7.131   10.328  1.00 35.96 ? 257 HOH A O   1 
HETATM 736 O  O   . HOH C 3 .  ? -17.902 -2.567  8.503   1.00 36.25 ? 258 HOH A O   1 
HETATM 737 O  O   . HOH C 3 .  ? 8.761   -6.152  -8.578  1.00 39.79 ? 259 HOH A O   1 
HETATM 738 O  O   . HOH C 3 .  ? -6.396  4.948   -17.921 1.00 32.15 ? 260 HOH A O   1 
HETATM 739 O  O   . HOH C 3 .  ? -11.528 7.435   9.101   1.00 33.14 ? 261 HOH A O   1 
HETATM 740 O  O   . HOH C 3 .  ? -16.453 1.895   10.580  1.00 34.56 ? 262 HOH A O   1 
HETATM 741 O  O   . HOH C 3 .  ? -0.537  -4.236  -14.213 1.00 41.62 ? 263 HOH A O   1 
HETATM 742 O  O   . HOH C 3 .  ? 14.686  -3.138  -0.476  1.00 36.22 ? 264 HOH A O   1 
HETATM 743 O  O   . HOH C 3 .  ? 6.286   13.133  -10.444 1.00 33.80 ? 265 HOH A O   1 
HETATM 744 O  O   . HOH C 3 .  ? -5.478  6.911   -6.077  1.00 41.05 ? 266 HOH A O   1 
HETATM 745 O  O   . HOH C 3 .  ? -7.082  9.154   -2.840  1.00 33.37 ? 267 HOH A O   1 
HETATM 746 O  O   . HOH C 3 .  ? 2.952   -8.016  13.716  1.00 30.59 ? 268 HOH A O   1 
HETATM 747 O  O   . HOH C 3 .  ? -0.561  9.300   -12.973 1.00 36.61 ? 269 HOH A O   1 
HETATM 748 O  O   . HOH C 3 .  ? -2.006  7.495   -9.062  1.00 40.79 ? 270 HOH A O   1 
HETATM 749 O  O   . HOH C 3 .  ? -5.963  9.948   8.199   1.00 47.65 ? 271 HOH A O   1 
HETATM 750 O  O   . HOH C 3 .  ? 12.110  -4.921  2.514   1.00 33.36 ? 272 HOH A O   1 
HETATM 751 O  O   . HOH C 3 .  ? 4.027   -3.402  -15.965 1.00 46.58 ? 273 HOH A O   1 
HETATM 752 O  O   . HOH C 3 .  ? -15.710 6.369   5.977   1.00 44.65 ? 274 HOH A O   1 
HETATM 753 O  O   . HOH C 3 .  ? 7.393   -12.984 4.571   1.00 39.39 ? 275 HOH A O   1 
HETATM 754 O  O   . HOH C 3 .  ? -8.786  9.070   6.544   1.00 44.44 ? 276 HOH A O   1 
HETATM 755 O  O   . HOH C 3 .  ? 6.706   0.049   -14.705 1.00 36.71 ? 277 HOH A O   1 
HETATM 756 O  O   . HOH C 3 .  ? -2.782  9.963   6.732   1.00 42.41 ? 278 HOH A O   1 
HETATM 757 O  O   . HOH C 3 .  ? 12.620  -4.911  -0.158  1.00 34.81 ? 279 HOH A O   1 
HETATM 758 O  O   . HOH C 3 .  ? 2.682   -16.808 2.792   1.00 44.70 ? 280 HOH A O   1 
HETATM 759 O  O   . HOH C 3 .  ? -4.062  -6.599  -9.193  1.00 36.95 ? 281 HOH A O   1 
HETATM 760 O  O   . HOH C 3 .  ? 7.323   -13.016 7.480   1.00 50.83 ? 282 HOH A O   1 
HETATM 761 O  O   . HOH C 3 .  ? -9.283  -1.032  -14.668 1.00 36.35 ? 283 HOH A O   1 
HETATM 762 O  O   . HOH C 3 .  ? -4.962  0.830   17.540  1.00 37.26 ? 284 HOH A O   1 
HETATM 763 O  O   . HOH C 3 .  ? 1.874   -7.686  -12.613 1.00 43.90 ? 285 HOH A O   1 
HETATM 764 O  O   . HOH C 3 .  ? 5.773   8.042   4.098   1.00 38.28 ? 286 HOH A O   1 
HETATM 765 O  O   . HOH C 3 .  ? -2.946  12.309  1.477   1.00 38.64 ? 287 HOH A O   1 
HETATM 766 O  O   . HOH C 3 .  ? 10.124  12.864  -3.106  1.00 32.50 ? 288 HOH A O   1 
HETATM 767 O  O   . HOH C 3 .  ? 5.621   8.179   8.452   1.00 44.91 ? 289 HOH A O   1 
HETATM 768 O  O   . HOH C 3 .  ? 3.647   4.697   -15.874 1.00 49.82 ? 290 HOH A O   1 
HETATM 769 O  O   . HOH C 3 .  ? 3.611   9.778   6.821   1.00 34.57 ? 291 HOH A O   1 
HETATM 770 O  O   . HOH C 3 .  ? -6.258  -1.238  -13.430 1.00 36.05 ? 292 HOH A O   1 
HETATM 771 O  O   . HOH C 3 .  ? 9.277   -8.092  7.423   1.00 41.13 ? 293 HOH A O   1 
HETATM 772 O  O   . HOH C 3 .  ? 6.683   -7.841  -7.093  1.00 54.07 ? 294 HOH A O   1 
HETATM 773 O  O   . HOH C 3 .  ? -1.357  11.404  3.764   1.00 46.26 ? 295 HOH A O   1 
HETATM 774 O  O   . HOH C 3 .  ? 8.334   -5.545  -14.318 1.00 41.65 ? 296 HOH A O   1 
HETATM 775 O  O   . HOH C 3 .  ? 14.059  -3.185  -3.706  1.00 44.48 ? 297 HOH A O   1 
HETATM 776 O  O   . HOH C 3 .  ? -1.675  6.941   15.567  1.00 44.42 ? 298 HOH A O   1 
HETATM 777 O  O   . HOH C 3 .  ? -5.008  2.788   -18.652 1.00 39.11 ? 299 HOH A O   1 
HETATM 778 O  O   . HOH C 3 .  ? 8.816   -9.630  9.650   1.00 44.17 ? 300 HOH A O   1 
HETATM 779 O  O   . HOH C 3 .  ? -17.541 5.083   4.770   1.00 35.84 ? 301 HOH A O   1 
HETATM 780 O  O   . HOH C 3 .  ? 7.327   4.639   -16.364 1.00 45.12 ? 302 HOH A O   1 
HETATM 781 O  O   . HOH C 3 .  ? -7.358  5.536   -11.395 1.00 47.27 ? 303 HOH A O   1 
HETATM 782 O  O   . HOH C 3 .  ? -10.220 9.596   0.539   1.00 38.92 ? 304 HOH A O   1 
HETATM 783 O  O   . HOH C 3 .  ? -3.473  8.601   11.646  1.00 46.77 ? 305 HOH A O   1 
HETATM 784 O  O   . HOH C 3 .  ? -7.247  10.220  -12.470 1.00 38.40 ? 306 HOH A O   1 
HETATM 785 O  O   . HOH C 3 .  ? -5.828  12.644  0.694   1.00 53.40 ? 307 HOH A O   1 
HETATM 786 O  O   . HOH C 3 .  ? 6.015   2.357   11.920  1.00 46.52 ? 308 HOH A O   1 
HETATM 787 O  O   . HOH C 3 .  ? 9.331   -4.649  8.905   1.00 35.60 ? 309 HOH A O   1 
HETATM 788 O  O   . HOH C 3 .  ? 5.631   -18.638 6.302   1.00 40.67 ? 310 HOH A O   1 
HETATM 789 O  O   . HOH C 3 .  ? -5.429  -3.539  -14.952 1.00 48.49 ? 311 HOH A O   1 
HETATM 790 O  O   . HOH C 3 .  ? -6.497  7.976   -11.260 1.00 41.45 ? 312 HOH A O   1 
HETATM 791 O  O   . HOH C 3 .  ? 2.655   -12.181 -0.304  1.00 46.91 ? 313 HOH A O   1 
HETATM 792 O  O   . HOH C 3 .  ? -3.124  3.675   18.485  1.00 39.62 ? 314 HOH A O   1 
HETATM 793 O  O   . HOH C 3 .  ? 8.698   -2.227  9.636   1.00 45.81 ? 315 HOH A O   1 
HETATM 794 O  O   . HOH C 3 .  ? 6.253   -0.035  13.135  1.00 42.68 ? 316 HOH A O   1 
HETATM 795 O  O   . HOH C 3 .  ? 4.036   14.107  -11.626 1.00 46.80 ? 317 HOH A O   1 
HETATM 796 O  O   . HOH C 3 .  ? 4.858   12.654  -8.229  1.00 40.47 ? 318 HOH A O   1 
HETATM 797 O  O   . HOH C 3 .  ? 5.955   -10.119 11.057  1.00 44.47 ? 319 HOH A O   1 
HETATM 798 O  O   . HOH C 3 .  ? 3.272   13.338  -14.244 1.00 36.70 ? 320 HOH A O   1 
HETATM 799 O  O   . HOH C 3 .  ? -3.749  8.693   -5.734  1.00 42.83 ? 321 HOH A O   1 
HETATM 800 O  O   . HOH C 3 .  ? 7.898   -3.675  12.878  1.00 43.80 ? 322 HOH A O   1 
HETATM 801 O  O   . HOH C 3 .  ? 6.301   -9.100  -10.292 1.00 47.99 ? 323 HOH A O   1 
HETATM 802 O  O   . HOH C 3 .  ? -1.638  9.833   9.212   1.00 51.45 ? 324 HOH A O   1 
HETATM 803 O  O   . HOH C 3 .  ? 1.856   13.437  -9.953  1.00 40.64 ? 325 HOH A O   1 
HETATM 804 O  O   . HOH C 3 .  ? 5.327   14.607  -6.392  1.00 50.34 ? 326 HOH A O   1 
HETATM 805 O  O   . HOH C 3 .  ? -7.583  -6.177  -12.365 1.00 48.12 ? 327 HOH A O   1 
HETATM 806 O  O   . HOH C 3 .  ? 3.508   12.826  -0.129  1.00 40.25 ? 328 HOH A O   1 
HETATM 807 O  O   . HOH C 3 .  ? -3.415  9.578   -12.971 1.00 52.16 ? 329 HOH A O   1 
HETATM 808 O  O   . HOH C 3 .  ? 5.742   8.010   -15.268 1.00 38.23 ? 330 HOH A O   1 
HETATM 809 O  O   . HOH C 3 .  ? 2.159   9.311   9.371   1.00 40.80 ? 331 HOH A O   1 
HETATM 810 O  O   . HOH C 3 .  ? -21.304 4.386   5.770   1.00 49.25 ? 332 HOH A O   1 
HETATM 811 O  O   . HOH C 3 .  ? 9.791   -0.895  6.559   1.00 37.25 ? 333 HOH A O   1 
HETATM 812 O  O   . HOH C 3 .  ? -3.169  -4.931  -14.979 1.00 44.89 ? 334 HOH A O   1 
HETATM 813 O  O   . HOH C 3 .  ? 9.319   -8.252  -6.331  1.00 51.26 ? 335 HOH A O   1 
HETATM 814 O  O   . HOH C 3 .  ? 4.799   -11.342 -11.032 1.00 52.85 ? 336 HOH A O   1 
HETATM 815 O  O   . HOH C 3 .  ? -6.125  -5.025  -8.313  1.00 38.10 ? 337 HOH A O   1 
HETATM 816 O  O   . HOH C 3 .  ? 5.493   -7.689  14.597  1.00 43.89 ? 338 HOH A O   1 
HETATM 817 O  O   . HOH C 3 .  ? 0.633   10.882  -7.992  1.00 46.34 ? 339 HOH A O   1 
HETATM 818 O  O   . HOH C 3 .  ? -6.239  8.561   -8.660  1.00 44.06 ? 340 HOH A O   1 
HETATM 819 O  O   . HOH C 3 .  ? -1.842  10.004  -6.904  1.00 46.84 ? 341 HOH A O   1 
HETATM 820 O  O   . HOH C 3 .  ? -12.406 1.266   14.596  1.00 48.74 ? 342 HOH A O   1 
HETATM 821 O  O   . HOH C 3 .  ? -6.409  -2.640  -17.790 1.00 54.83 ? 343 HOH A O   1 
HETATM 822 O  O   . HOH C 3 .  ? 11.092  -9.852  5.558   1.00 45.13 ? 344 HOH A O   1 
HETATM 823 O  O   . HOH C 3 .  ? 2.622   12.688  2.433   1.00 47.97 ? 345 HOH A O   1 
HETATM 824 O  O   . HOH C 3 .  ? 12.080  -9.630  2.480   1.00 54.91 ? 346 HOH A O   1 
HETATM 825 O  O   . HOH C 3 .  ? 8.644   -9.185  -3.746  1.00 38.76 ? 347 HOH A O   1 
HETATM 826 O  O   . HOH C 3 .  ? 2.913   6.442   13.284  1.00 53.98 ? 348 HOH A O   1 
HETATM 827 O  O   . HOH C 3 .  ? -2.018  -8.049  14.730  1.00 36.97 ? 349 HOH A O   1 
HETATM 828 O  O   . HOH C 3 .  ? 4.739   13.673  -3.459  1.00 45.28 ? 350 HOH A O   1 
HETATM 829 O  O   . HOH C 3 .  ? 12.452  -8.998  -2.806  1.00 44.89 ? 351 HOH A O   1 
HETATM 830 O  O   . HOH C 3 .  ? -5.643  12.019  4.176   1.00 44.50 ? 352 HOH A O   1 
HETATM 831 O  O   . HOH C 3 .  ? 0.910   8.615   -15.407 1.00 48.89 ? 353 HOH A O   1 
HETATM 832 O  O   . HOH C 3 .  ? 10.657  -12.342 3.945   1.00 51.92 ? 354 HOH A O   1 
HETATM 833 O  O   . HOH C 3 .  ? -0.330  -3.380  -18.247 1.00 51.98 ? 355 HOH A O   1 
HETATM 834 O  O   . HOH C 3 .  ? -9.612  -9.677  -4.805  1.00 42.93 ? 356 HOH A O   1 
HETATM 835 O  O   . HOH C 3 .  ? -5.632  11.437  -3.576  1.00 57.28 ? 357 HOH A O   1 
HETATM 836 O  O   . HOH C 3 .  ? -10.377 8.555   4.270   1.00 49.57 ? 358 HOH A O   1 
HETATM 837 O  O   . HOH C 3 .  ? 7.944   -10.937 -1.677  1.00 49.41 ? 359 HOH A O   1 
HETATM 838 O  O   . HOH C 3 .  ? -4.885  12.206  10.381  1.00 54.60 ? 360 HOH A O   1 
HETATM 839 O  O   . HOH C 3 .  ? -16.006 6.238   9.349   1.00 52.57 ? 361 HOH A O   1 
HETATM 840 O  O   . HOH C 3 .  ? 9.945   -11.691 -0.023  1.00 49.54 ? 362 HOH A O   1 
HETATM 841 O  O   . HOH C 3 .  ? 3.530   0.145   -17.473 1.00 57.36 ? 363 HOH A O   1 
HETATM 842 O  O   . HOH C 3 .  ? 5.041   -15.208 8.932   1.00 49.97 ? 364 HOH A O   1 
HETATM 843 O  O   . HOH C 3 .  ? 6.671   -7.322  -4.352  1.00 47.68 ? 365 HOH A O   1 
HETATM 844 O  O   . HOH C 3 .  ? -14.398 8.634   5.280   1.00 52.59 ? 366 HOH A O   1 
HETATM 845 O  O   . HOH C 3 .  ? 6.845   -11.350 -4.103  1.00 54.53 ? 367 HOH A O   1 
HETATM 846 O  O   . HOH C 3 .  ? 7.738   -11.467 -7.326  1.00 52.89 ? 368 HOH A O   1 
HETATM 847 O  O   . HOH C 3 .  ? -2.755  -9.677  -6.823  1.00 56.48 ? 369 HOH A O   1 
HETATM 848 O  O   . HOH C 3 .  ? 2.928   2.636   14.907  1.00 49.82 ? 370 HOH A O   1 
# 
